data_4M63
#
_entry.id   4M63
#
_cell.length_a   287.759
_cell.length_b   66.084
_cell.length_c   103.160
_cell.angle_alpha   90.000
_cell.angle_beta   94.010
_cell.angle_gamma   90.000
#
_symmetry.space_group_name_H-M   'C 1 2 1'
#
loop_
_entity.id
_entity.type
_entity.pdbx_description
1 polymer 'T3SS2 effector VopL nucleation of actin polymerization'
2 polymer Actin-5C
3 non-polymer "ADENOSINE-5'-TRIPHOSPHATE"
4 non-polymer 'CALCIUM ION'
#
loop_
_entity_poly.entity_id
_entity_poly.type
_entity_poly.pdbx_seq_one_letter_code
_entity_poly.pdbx_strand_id
1 'polypeptide(L)'
;GHMRLLSEDLFKQSPKLSEQELDELANNLADYLFQAADIDWHQVISEKTRGLTTEEMAKSEHRYVQAFCREILKYPDCYK
SADVASPESPKSGGGSVIDVALKRLQTGRERLFTTTDEKGNRELKKGDAILESAINAARMAISTEEKNTILSNNVKSATF
DVFCELPCMDGFAEQNGKTAFYALRAGFYSAFKNTDTAKQDITKFMKDNLQAGFSGYSYQGLTNRVAQLEAQLAALSAKL
S
;
A,B
2 'polypeptide(L)'
;GMCDEEVAALVVDNGSGMCKAGFAGDDAPRAVFPSIVGRPRHQGVMVGMGQKDSYVGDEAQSKRGILTLKYPIEHGIVTN
WDDMEKIWHHTFYNELRVAPEEHPVLLTEAPLNPKANREKMTQIMFETFNTPAMYVAIQAVLSLYASGRTTGIVLDSGDG
VSHTVPIYEGYALPHAILRLDLAGRDLTDYLMKILTERGYSFTTTAEREIVRDIKEKLCYVALDFEQEMATAASSSSLEK
SYELPDGQVITIGNERFRCPEALFQPSFLGMEACGIHETTYNSIMKCAAAIRKDLYANTVLSGGTTMYPGIADRMQKEIT
ALAPSTMKIKIIAPPERKYSVWIGGSILASLSTFQQMWISKQEYDESGPSIVHRKCF
;
C,D,E
#
loop_
_chem_comp.id
_chem_comp.type
_chem_comp.name
_chem_comp.formula
ATP non-polymer ADENOSINE-5'-TRIPHOSPHATE 'C10 H16 N5 O13 P3'
CA non-polymer 'CALCIUM ION' 'Ca 2'
#
# COMPACT_ATOMS: atom_id res chain seq x y z
N ARG A 4 19.76 -8.52 -49.14
CA ARG A 4 19.07 -9.70 -48.62
C ARG A 4 19.89 -10.37 -47.53
N LEU A 5 20.89 -9.67 -47.03
CA LEU A 5 21.69 -10.15 -45.90
C LEU A 5 20.88 -10.00 -44.63
N LEU A 6 20.01 -8.99 -44.61
CA LEU A 6 19.31 -8.60 -43.41
C LEU A 6 18.01 -9.37 -43.21
N SER A 7 17.81 -10.41 -44.01
CA SER A 7 16.67 -11.30 -43.82
C SER A 7 16.75 -11.93 -42.44
N GLU A 8 15.79 -11.63 -41.58
CA GLU A 8 15.82 -12.07 -40.19
C GLU A 8 15.79 -13.59 -40.10
N ASP A 9 15.25 -14.24 -41.13
CA ASP A 9 15.24 -15.70 -41.23
C ASP A 9 16.17 -16.14 -42.35
N LEU A 10 17.39 -15.61 -42.34
CA LEU A 10 18.38 -15.94 -43.37
C LEU A 10 18.84 -17.38 -43.25
N PHE A 11 19.08 -17.83 -42.03
CA PHE A 11 19.63 -19.16 -41.78
C PHE A 11 18.64 -20.26 -42.13
N LYS A 12 17.36 -19.90 -42.24
CA LYS A 12 16.32 -20.86 -42.61
C LYS A 12 16.19 -21.00 -44.12
N GLN A 13 16.45 -19.91 -44.84
CA GLN A 13 16.22 -19.87 -46.29
C GLN A 13 17.49 -20.15 -47.09
N SER A 14 18.66 -19.91 -46.48
CA SER A 14 19.92 -20.10 -47.17
C SER A 14 20.21 -21.56 -47.55
N PRO A 15 19.80 -22.52 -46.70
CA PRO A 15 20.06 -23.91 -47.08
C PRO A 15 19.21 -24.37 -48.27
N LYS A 16 18.20 -23.59 -48.63
CA LYS A 16 17.33 -23.92 -49.76
C LYS A 16 17.84 -23.32 -51.07
N LEU A 17 19.07 -22.83 -51.05
CA LEU A 17 19.66 -22.17 -52.20
C LEU A 17 20.73 -23.05 -52.85
N SER A 18 20.95 -22.86 -54.15
CA SER A 18 21.96 -23.62 -54.87
C SER A 18 23.34 -23.04 -54.62
N GLU A 19 24.37 -23.84 -54.87
CA GLU A 19 25.76 -23.44 -54.63
C GLU A 19 26.14 -22.17 -55.39
N GLN A 20 25.30 -21.76 -56.35
CA GLN A 20 25.49 -20.52 -57.08
C GLN A 20 25.40 -19.31 -56.15
N GLU A 21 24.17 -19.01 -55.72
CA GLU A 21 23.92 -17.79 -54.95
C GLU A 21 24.44 -17.85 -53.52
N LEU A 22 24.78 -19.05 -53.06
CA LEU A 22 25.37 -19.22 -51.73
C LEU A 22 26.67 -18.44 -51.63
N ASP A 23 27.55 -18.66 -52.60
CA ASP A 23 28.86 -18.02 -52.60
C ASP A 23 28.74 -16.52 -52.78
N GLU A 24 27.81 -16.11 -53.65
CA GLU A 24 27.56 -14.70 -53.88
C GLU A 24 27.04 -14.04 -52.61
N LEU A 25 26.16 -14.76 -51.91
CA LEU A 25 25.63 -14.28 -50.63
C LEU A 25 26.75 -14.16 -49.61
N ALA A 26 27.59 -15.18 -49.54
CA ALA A 26 28.71 -15.20 -48.60
C ALA A 26 29.68 -14.05 -48.88
N ASN A 27 29.87 -13.74 -50.16
CA ASN A 27 30.72 -12.62 -50.55
C ASN A 27 30.12 -11.29 -50.11
N ASN A 28 28.81 -11.16 -50.29
CA ASN A 28 28.10 -9.95 -49.88
C ASN A 28 28.19 -9.76 -48.37
N LEU A 29 27.91 -10.81 -47.63
CA LEU A 29 27.97 -10.77 -46.17
C LEU A 29 29.38 -10.43 -45.70
N ALA A 30 30.37 -11.18 -46.20
CA ALA A 30 31.75 -10.95 -45.84
C ALA A 30 32.17 -9.50 -46.08
N ASP A 31 31.84 -8.98 -47.26
CA ASP A 31 32.15 -7.60 -47.60
C ASP A 31 31.43 -6.63 -46.68
N TYR A 32 30.21 -6.98 -46.28
CA TYR A 32 29.42 -6.13 -45.41
C TYR A 32 30.06 -6.01 -44.02
N LEU A 33 30.55 -7.11 -43.50
CA LEU A 33 31.14 -7.14 -42.16
C LEU A 33 32.34 -6.21 -42.04
N PHE A 34 33.18 -6.19 -43.07
CA PHE A 34 34.38 -5.37 -43.06
C PHE A 34 34.07 -3.90 -43.34
N GLN A 35 33.11 -3.66 -44.22
CA GLN A 35 32.71 -2.30 -44.56
C GLN A 35 31.98 -1.64 -43.40
N ALA A 36 31.26 -2.46 -42.63
CA ALA A 36 30.44 -1.94 -41.53
C ALA A 36 31.15 -2.04 -40.18
N ALA A 37 32.33 -2.65 -40.17
CA ALA A 37 33.10 -2.81 -38.94
C ALA A 37 33.40 -1.46 -38.30
N ASP A 38 33.12 -1.34 -37.01
CA ASP A 38 33.41 -0.13 -36.26
C ASP A 38 34.37 -0.47 -35.12
N ILE A 39 34.48 0.43 -34.14
CA ILE A 39 35.45 0.28 -33.06
C ILE A 39 34.77 0.24 -31.70
N ASP A 40 35.37 -0.49 -30.77
CA ASP A 40 34.88 -0.56 -29.40
C ASP A 40 35.24 0.74 -28.67
N TRP A 41 34.32 1.70 -28.71
CA TRP A 41 34.57 3.03 -28.15
C TRP A 41 34.83 3.00 -26.64
N HIS A 42 34.32 1.96 -25.97
CA HIS A 42 34.49 1.85 -24.53
C HIS A 42 35.96 1.76 -24.14
N GLN A 43 36.68 0.81 -24.73
CA GLN A 43 38.08 0.61 -24.39
C GLN A 43 38.96 1.74 -24.93
N VAL A 44 38.62 2.25 -26.10
CA VAL A 44 39.40 3.31 -26.72
C VAL A 44 39.33 4.59 -25.90
N ILE A 45 38.12 5.03 -25.57
CA ILE A 45 37.93 6.25 -24.79
C ILE A 45 38.46 6.07 -23.37
N SER A 46 38.25 4.88 -22.81
CA SER A 46 38.73 4.59 -21.47
C SER A 46 40.24 4.65 -21.40
N GLU A 47 40.89 4.26 -22.50
CA GLU A 47 42.35 4.23 -22.56
C GLU A 47 42.92 5.59 -22.92
N LYS A 48 42.24 6.30 -23.83
CA LYS A 48 42.71 7.61 -24.29
C LYS A 48 42.43 8.72 -23.28
N THR A 49 41.75 8.37 -22.19
CA THR A 49 41.47 9.33 -21.12
C THR A 49 42.00 8.83 -19.78
N ARG A 50 42.58 7.63 -19.78
CA ARG A 50 43.05 7.00 -18.56
C ARG A 50 44.09 7.85 -17.84
N GLY A 51 43.69 8.42 -16.71
CA GLY A 51 44.57 9.21 -15.87
C GLY A 51 44.37 10.70 -16.04
N LEU A 52 43.19 11.10 -16.49
CA LEU A 52 42.86 12.51 -16.71
C LEU A 52 41.69 12.94 -15.86
N THR A 53 41.74 14.18 -15.37
CA THR A 53 40.63 14.76 -14.63
C THR A 53 39.59 15.26 -15.63
N THR A 54 38.45 15.72 -15.13
CA THR A 54 37.39 16.22 -15.99
C THR A 54 37.84 17.48 -16.74
N GLU A 55 38.83 18.18 -16.19
CA GLU A 55 39.37 19.37 -16.83
C GLU A 55 40.41 18.99 -17.89
N GLU A 56 41.14 17.90 -17.65
CA GLU A 56 42.17 17.45 -18.56
C GLU A 56 41.58 16.73 -19.78
N MET A 57 40.33 16.31 -19.66
CA MET A 57 39.67 15.57 -20.74
C MET A 57 39.17 16.49 -21.84
N ALA A 58 39.19 17.80 -21.58
CA ALA A 58 38.73 18.79 -22.56
C ALA A 58 39.90 19.61 -23.11
N LYS A 59 41.12 19.20 -22.78
CA LYS A 59 42.32 19.88 -23.27
C LYS A 59 43.25 18.89 -23.97
N SER A 60 42.74 17.70 -24.27
CA SER A 60 43.53 16.66 -24.93
C SER A 60 43.73 17.00 -26.40
N GLU A 61 44.63 16.26 -27.05
CA GLU A 61 44.93 16.50 -28.45
C GLU A 61 43.87 15.90 -29.36
N HIS A 62 43.43 14.69 -29.03
CA HIS A 62 42.35 14.04 -29.78
C HIS A 62 41.07 14.83 -29.61
N ARG A 63 40.29 14.96 -30.68
CA ARG A 63 39.06 15.73 -30.65
C ARG A 63 37.83 14.85 -30.46
N TYR A 64 37.87 13.64 -31.01
CA TYR A 64 36.74 12.72 -30.90
C TYR A 64 36.49 12.36 -29.44
N VAL A 65 37.54 12.40 -28.63
CA VAL A 65 37.43 12.14 -27.20
C VAL A 65 36.79 13.32 -26.48
N GLN A 66 37.20 14.54 -26.86
CA GLN A 66 36.66 15.75 -26.25
C GLN A 66 35.18 15.91 -26.56
N ALA A 67 34.80 15.51 -27.77
CA ALA A 67 33.40 15.57 -28.19
C ALA A 67 32.59 14.50 -27.47
N PHE A 68 33.21 13.37 -27.20
CA PHE A 68 32.57 12.28 -26.48
C PHE A 68 32.33 12.66 -25.04
N CYS A 69 33.36 13.20 -24.39
CA CYS A 69 33.28 13.58 -22.99
C CYS A 69 32.30 14.73 -22.75
N ARG A 70 32.19 15.61 -23.74
CA ARG A 70 31.29 16.76 -23.63
C ARG A 70 29.85 16.32 -23.38
N GLU A 71 29.51 15.12 -23.85
CA GLU A 71 28.16 14.59 -23.69
C GLU A 71 27.97 13.88 -22.36
N ILE A 72 29.05 13.39 -21.79
CA ILE A 72 29.00 12.65 -20.54
C ILE A 72 28.99 13.58 -19.33
N LEU A 73 29.78 14.65 -19.41
CA LEU A 73 29.93 15.56 -18.28
C LEU A 73 28.72 16.46 -18.07
N LYS A 74 27.77 16.41 -19.00
CA LYS A 74 26.51 17.15 -18.86
C LYS A 74 25.68 16.60 -17.71
N TYR A 75 25.89 15.31 -17.40
CA TYR A 75 25.07 14.60 -16.42
C TYR A 75 25.90 14.27 -15.17
N PRO A 76 25.89 15.16 -14.17
CA PRO A 76 26.77 15.00 -12.99
C PRO A 76 26.63 13.67 -12.26
N ASP A 77 25.44 13.08 -12.26
CA ASP A 77 25.18 11.87 -11.49
C ASP A 77 25.88 10.64 -12.06
N CYS A 78 26.38 10.75 -13.29
CA CYS A 78 27.02 9.61 -13.94
C CYS A 78 28.51 9.52 -13.63
N TYR A 79 29.07 10.54 -13.00
CA TYR A 79 30.51 10.51 -12.68
C TYR A 79 30.90 11.16 -11.34
N LYS A 80 30.13 12.13 -10.86
CA LYS A 80 30.50 12.83 -9.64
C LYS A 80 30.44 11.89 -8.43
N SER A 81 31.36 12.10 -7.48
CA SER A 81 31.38 11.31 -6.27
C SER A 81 30.27 11.77 -5.33
N ALA A 82 29.62 10.81 -4.68
CA ALA A 82 28.49 11.12 -3.80
C ALA A 82 28.98 11.62 -2.44
N ASP A 83 28.20 12.53 -1.85
CA ASP A 83 28.49 13.02 -0.50
C ASP A 83 28.39 11.86 0.48
N VAL A 84 27.24 11.18 0.46
CA VAL A 84 26.97 10.04 1.31
C VAL A 84 27.00 8.78 0.46
N ALA A 85 27.43 7.67 1.05
CA ALA A 85 27.47 6.39 0.37
C ALA A 85 26.83 5.30 1.22
N SER A 86 26.22 4.33 0.55
CA SER A 86 25.64 3.18 1.23
C SER A 86 26.76 2.43 1.96
N PRO A 87 26.39 1.59 2.93
CA PRO A 87 27.42 0.80 3.63
C PRO A 87 28.21 -0.14 2.70
N GLU A 88 27.78 -0.26 1.46
CA GLU A 88 28.48 -1.07 0.47
C GLU A 88 28.87 -0.23 -0.75
N SER A 89 30.07 0.35 -0.71
CA SER A 89 30.62 1.08 -1.85
C SER A 89 32.14 0.96 -1.87
N PRO A 90 32.65 -0.25 -2.11
CA PRO A 90 34.10 -0.50 -2.08
C PRO A 90 34.89 0.18 -3.20
N LYS A 91 34.21 0.91 -4.07
CA LYS A 91 34.86 1.57 -5.20
C LYS A 91 35.95 2.51 -4.73
N SER A 96 39.63 5.79 -11.54
CA SER A 96 39.53 6.59 -12.76
C SER A 96 38.27 7.44 -12.74
N VAL A 97 38.07 8.22 -13.81
CA VAL A 97 36.94 9.13 -13.92
C VAL A 97 35.94 8.65 -14.96
N ILE A 98 36.44 8.05 -16.02
CA ILE A 98 35.59 7.53 -17.09
C ILE A 98 35.16 6.10 -16.78
N ASP A 99 36.06 5.33 -16.17
CA ASP A 99 35.79 3.94 -15.85
C ASP A 99 34.53 3.81 -15.00
N VAL A 100 34.27 4.83 -14.18
CA VAL A 100 33.06 4.84 -13.36
C VAL A 100 31.89 5.37 -14.19
N ALA A 101 32.18 6.33 -15.06
CA ALA A 101 31.15 6.94 -15.90
C ALA A 101 30.53 5.89 -16.81
N LEU A 102 31.37 5.08 -17.43
CA LEU A 102 30.90 4.05 -18.34
C LEU A 102 30.19 2.95 -17.58
N LYS A 103 30.63 2.68 -16.36
CA LYS A 103 30.01 1.63 -15.54
C LYS A 103 28.63 2.08 -15.05
N ARG A 104 28.53 3.33 -14.60
CA ARG A 104 27.27 3.85 -14.10
C ARG A 104 26.25 3.98 -15.24
N LEU A 105 26.72 4.43 -16.39
CA LEU A 105 25.84 4.59 -17.55
C LEU A 105 25.36 3.24 -18.07
N GLN A 106 26.08 2.18 -17.69
CA GLN A 106 25.69 0.82 -18.05
C GLN A 106 24.87 0.18 -16.92
N THR A 107 25.22 0.51 -15.68
CA THR A 107 24.48 0.01 -14.53
C THR A 107 23.07 0.59 -14.54
N GLY A 108 22.95 1.84 -14.97
CA GLY A 108 21.67 2.53 -15.04
C GLY A 108 21.31 2.90 -16.46
N ARG A 109 21.40 1.92 -17.36
CA ARG A 109 21.13 2.15 -18.77
C ARG A 109 19.68 2.59 -19.03
N GLU A 110 18.77 2.19 -18.15
CA GLU A 110 17.35 2.54 -18.28
C GLU A 110 16.91 3.54 -17.20
N ARG A 111 17.84 3.96 -16.36
CA ARG A 111 17.56 4.98 -15.34
C ARG A 111 17.84 6.37 -15.89
N LEU A 112 17.07 7.35 -15.43
CA LEU A 112 17.17 8.72 -15.93
C LEU A 112 18.22 9.53 -15.17
N PHE A 113 19.15 10.11 -15.92
CA PHE A 113 20.10 11.07 -15.39
C PHE A 113 19.62 12.48 -15.70
N THR A 114 20.06 13.45 -14.92
CA THR A 114 19.59 14.82 -15.05
C THR A 114 20.72 15.73 -15.52
N THR A 115 20.37 16.69 -16.38
CA THR A 115 21.32 17.69 -16.85
C THR A 115 20.64 19.06 -16.89
N THR A 116 21.39 20.08 -16.49
CA THR A 116 20.89 21.46 -16.50
C THR A 116 21.66 22.26 -17.54
N ASP A 117 20.94 22.74 -18.55
CA ASP A 117 21.54 23.46 -19.66
C ASP A 117 22.27 24.72 -19.18
N GLU A 118 23.03 25.34 -20.08
CA GLU A 118 23.75 26.57 -19.75
C GLU A 118 22.78 27.61 -19.20
N LYS A 119 21.60 27.67 -19.80
CA LYS A 119 20.49 28.43 -19.25
C LYS A 119 19.67 27.48 -18.37
N GLY A 120 18.96 28.03 -17.39
CA GLY A 120 18.38 27.25 -16.31
C GLY A 120 17.50 26.03 -16.62
N ASN A 121 17.38 25.66 -17.90
CA ASN A 121 16.49 24.57 -18.30
C ASN A 121 17.03 23.17 -17.92
N ARG A 122 16.11 22.25 -17.64
CA ARG A 122 16.45 20.89 -17.22
C ARG A 122 16.08 19.84 -18.27
N GLU A 123 16.76 18.70 -18.23
CA GLU A 123 16.46 17.58 -19.12
C GLU A 123 16.83 16.25 -18.50
N LEU A 124 16.00 15.24 -18.72
CA LEU A 124 16.26 13.88 -18.26
C LEU A 124 16.57 12.99 -19.46
N LYS A 125 17.53 12.08 -19.29
CA LYS A 125 17.92 11.17 -20.36
C LYS A 125 18.41 9.85 -19.80
N LYS A 126 17.97 8.75 -20.41
CA LYS A 126 18.37 7.41 -19.97
C LYS A 126 19.84 7.16 -20.25
N GLY A 127 20.43 6.21 -19.53
CA GLY A 127 21.84 5.90 -19.66
C GLY A 127 22.27 5.56 -21.08
N ASP A 128 21.47 4.77 -21.77
CA ASP A 128 21.81 4.34 -23.13
C ASP A 128 21.83 5.51 -24.10
N ALA A 129 20.81 6.35 -24.06
CA ALA A 129 20.72 7.51 -24.93
C ALA A 129 21.93 8.42 -24.75
N ILE A 130 22.29 8.66 -23.50
CA ILE A 130 23.50 9.42 -23.17
C ILE A 130 24.72 8.74 -23.78
N LEU A 131 24.88 7.46 -23.47
CA LEU A 131 26.04 6.69 -23.90
C LEU A 131 26.09 6.60 -25.42
N GLU A 132 24.92 6.63 -26.06
CA GLU A 132 24.84 6.57 -27.51
C GLU A 132 25.12 7.95 -28.12
N SER A 133 24.67 9.00 -27.43
CA SER A 133 24.86 10.35 -27.89
C SER A 133 26.33 10.75 -27.85
N ALA A 134 27.06 10.16 -26.90
CA ALA A 134 28.50 10.42 -26.77
C ALA A 134 29.27 9.72 -27.89
N ILE A 135 28.90 8.47 -28.15
CA ILE A 135 29.53 7.70 -29.21
C ILE A 135 29.30 8.36 -30.57
N ASN A 136 28.09 8.86 -30.79
CA ASN A 136 27.76 9.52 -32.04
C ASN A 136 28.59 10.78 -32.23
N ALA A 137 28.74 11.55 -31.16
CA ALA A 137 29.52 12.77 -31.19
C ALA A 137 30.99 12.47 -31.49
N ALA A 138 31.43 11.28 -31.10
CA ALA A 138 32.81 10.85 -31.34
C ALA A 138 33.00 10.47 -32.80
N ARG A 139 32.01 9.82 -33.38
CA ARG A 139 32.08 9.39 -34.79
C ARG A 139 32.08 10.60 -35.73
N MET A 140 31.46 11.69 -35.31
CA MET A 140 31.36 12.89 -36.13
C MET A 140 32.59 13.77 -35.99
N ALA A 141 33.40 13.51 -34.96
CA ALA A 141 34.55 14.36 -34.65
C ALA A 141 35.88 13.64 -34.84
N ILE A 142 35.83 12.39 -35.27
CA ILE A 142 37.04 11.59 -35.46
C ILE A 142 37.54 11.70 -36.90
N SER A 143 38.86 11.59 -37.08
CA SER A 143 39.46 11.60 -38.40
C SER A 143 39.37 10.22 -39.03
N THR A 144 39.23 10.17 -40.35
CA THR A 144 39.04 8.92 -41.07
C THR A 144 40.25 7.99 -40.95
N GLU A 145 41.45 8.55 -41.07
CA GLU A 145 42.67 7.75 -40.97
C GLU A 145 42.90 7.31 -39.53
N GLU A 146 42.50 8.15 -38.59
CA GLU A 146 42.66 7.86 -37.17
C GLU A 146 41.79 6.66 -36.79
N LYS A 147 40.64 6.55 -37.45
CA LYS A 147 39.73 5.42 -37.26
C LYS A 147 40.36 4.15 -37.84
N ASN A 148 40.87 4.25 -39.06
CA ASN A 148 41.43 3.11 -39.78
C ASN A 148 42.57 2.43 -39.03
N THR A 149 43.45 3.23 -38.42
CA THR A 149 44.60 2.69 -37.71
C THR A 149 44.17 1.84 -36.52
N ILE A 150 43.27 2.39 -35.69
CA ILE A 150 42.80 1.70 -34.50
C ILE A 150 41.98 0.46 -34.87
N LEU A 151 41.27 0.54 -35.99
CA LEU A 151 40.46 -0.58 -36.47
C LEU A 151 41.31 -1.81 -36.74
N SER A 152 42.41 -1.60 -37.48
CA SER A 152 43.26 -2.70 -37.94
C SER A 152 43.89 -3.50 -36.79
N ASN A 153 43.91 -2.91 -35.60
CA ASN A 153 44.52 -3.58 -34.44
C ASN A 153 43.75 -4.80 -33.99
N ASN A 154 42.43 -4.80 -34.21
CA ASN A 154 41.60 -5.94 -33.84
C ASN A 154 40.29 -5.97 -34.63
N VAL A 155 40.41 -6.18 -35.93
CA VAL A 155 39.25 -6.30 -36.81
C VAL A 155 38.54 -7.63 -36.59
N LYS A 156 39.18 -8.53 -35.85
CA LYS A 156 38.62 -9.84 -35.55
C LYS A 156 37.32 -9.73 -34.75
N SER A 157 37.32 -8.86 -33.75
CA SER A 157 36.15 -8.69 -32.90
C SER A 157 35.16 -7.71 -33.53
N ALA A 158 35.68 -6.74 -34.28
CA ALA A 158 34.84 -5.73 -34.91
C ALA A 158 33.91 -6.37 -35.94
N THR A 159 34.46 -7.26 -36.76
CA THR A 159 33.68 -7.95 -37.77
C THR A 159 32.67 -8.90 -37.13
N PHE A 160 33.02 -9.43 -35.96
CA PHE A 160 32.13 -10.31 -35.24
C PHE A 160 31.00 -9.51 -34.58
N ASP A 161 31.32 -8.31 -34.11
CA ASP A 161 30.31 -7.43 -33.53
C ASP A 161 29.24 -7.11 -34.57
N VAL A 162 29.67 -6.72 -35.77
CA VAL A 162 28.75 -6.41 -36.86
C VAL A 162 27.87 -7.62 -37.15
N PHE A 163 28.46 -8.80 -37.18
CA PHE A 163 27.74 -10.03 -37.50
C PHE A 163 26.65 -10.31 -36.47
N CYS A 164 26.96 -10.11 -35.20
CA CYS A 164 26.00 -10.34 -34.14
C CYS A 164 24.90 -9.28 -34.15
N GLU A 165 25.21 -8.12 -34.69
CA GLU A 165 24.25 -7.01 -34.74
C GLU A 165 23.27 -7.16 -35.91
N LEU A 166 23.48 -8.17 -36.74
CA LEU A 166 22.59 -8.41 -37.87
C LEU A 166 21.26 -9.00 -37.41
N PRO A 167 20.19 -8.80 -38.19
CA PRO A 167 18.88 -9.36 -37.84
C PRO A 167 18.90 -10.88 -37.70
N CYS A 168 19.73 -11.55 -38.50
CA CYS A 168 19.80 -13.01 -38.47
C CYS A 168 20.44 -13.52 -37.18
N MET A 169 21.06 -12.60 -36.43
CA MET A 169 21.72 -12.95 -35.16
C MET A 169 21.05 -12.29 -33.96
N ASP A 170 19.87 -11.70 -34.16
CA ASP A 170 19.14 -11.09 -33.05
C ASP A 170 18.72 -12.14 -32.04
N GLY A 171 19.27 -12.03 -30.84
CA GLY A 171 18.99 -12.98 -29.78
C GLY A 171 19.38 -14.39 -30.14
N PHE A 172 20.59 -14.55 -30.69
CA PHE A 172 21.09 -15.88 -31.03
C PHE A 172 21.43 -16.65 -29.77
N ALA A 173 22.17 -16.01 -28.86
CA ALA A 173 22.54 -16.62 -27.60
C ALA A 173 21.30 -16.83 -26.75
N GLU A 174 20.33 -15.94 -26.90
CA GLU A 174 19.10 -15.99 -26.14
C GLU A 174 18.30 -17.24 -26.50
N GLN A 175 18.41 -17.68 -27.75
CA GLN A 175 17.66 -18.82 -28.26
C GLN A 175 18.45 -20.13 -28.19
N ASN A 176 19.77 -20.03 -28.22
CA ASN A 176 20.63 -21.20 -28.33
C ASN A 176 21.58 -21.39 -27.14
N GLY A 177 21.72 -20.35 -26.33
CA GLY A 177 22.54 -20.42 -25.13
C GLY A 177 23.93 -19.84 -25.33
N LYS A 178 24.56 -19.44 -24.23
CA LYS A 178 25.88 -18.82 -24.27
C LYS A 178 26.94 -19.85 -24.66
N THR A 179 26.69 -21.11 -24.33
CA THR A 179 27.63 -22.18 -24.61
C THR A 179 27.80 -22.38 -26.11
N ALA A 180 26.73 -22.13 -26.86
CA ALA A 180 26.75 -22.26 -28.32
C ALA A 180 27.22 -20.96 -28.96
N PHE A 181 26.87 -19.83 -28.35
CA PHE A 181 27.28 -18.53 -28.84
C PHE A 181 28.79 -18.41 -28.87
N TYR A 182 29.45 -18.82 -27.79
CA TYR A 182 30.90 -18.74 -27.69
C TYR A 182 31.56 -19.74 -28.65
N ALA A 183 30.89 -20.87 -28.87
CA ALA A 183 31.39 -21.85 -29.83
C ALA A 183 31.42 -21.25 -31.23
N LEU A 184 30.38 -20.50 -31.56
CA LEU A 184 30.32 -19.81 -32.85
C LEU A 184 31.41 -18.75 -32.94
N ARG A 185 31.56 -17.97 -31.88
CA ARG A 185 32.57 -16.91 -31.86
C ARG A 185 33.97 -17.48 -31.98
N ALA A 186 34.18 -18.67 -31.42
CA ALA A 186 35.47 -19.32 -31.46
C ALA A 186 35.86 -19.67 -32.89
N GLY A 187 34.90 -20.19 -33.65
CA GLY A 187 35.13 -20.54 -35.04
C GLY A 187 35.34 -19.29 -35.89
N PHE A 188 34.52 -18.26 -35.62
CA PHE A 188 34.61 -16.99 -36.33
C PHE A 188 35.99 -16.38 -36.14
N TYR A 189 36.48 -16.39 -34.92
CA TYR A 189 37.81 -15.85 -34.61
C TYR A 189 38.90 -16.75 -35.19
N SER A 190 38.65 -18.06 -35.18
CA SER A 190 39.62 -19.04 -35.66
C SER A 190 39.92 -18.85 -37.15
N ALA A 191 39.02 -18.19 -37.86
CA ALA A 191 39.19 -17.95 -39.29
C ALA A 191 40.24 -16.88 -39.56
N PHE A 192 40.50 -16.04 -38.58
CA PHE A 192 41.47 -14.96 -38.71
C PHE A 192 42.87 -15.41 -38.30
N LYS A 193 43.15 -16.70 -38.45
CA LYS A 193 44.46 -17.26 -38.12
C LYS A 193 45.54 -16.65 -38.99
N ASN A 194 45.16 -16.26 -40.21
CA ASN A 194 46.08 -15.63 -41.15
C ASN A 194 45.59 -14.25 -41.57
N THR A 195 46.44 -13.25 -41.44
CA THR A 195 46.07 -11.86 -41.71
C THR A 195 45.79 -11.63 -43.19
N ASP A 196 46.62 -12.20 -44.04
CA ASP A 196 46.53 -11.97 -45.48
C ASP A 196 45.26 -12.58 -46.06
N THR A 197 44.92 -13.79 -45.62
CA THR A 197 43.75 -14.50 -46.13
C THR A 197 42.60 -14.45 -45.12
N ALA A 198 42.57 -13.40 -44.31
CA ALA A 198 41.53 -13.25 -43.29
C ALA A 198 40.16 -13.06 -43.94
N LYS A 199 40.07 -12.08 -44.82
CA LYS A 199 38.82 -11.78 -45.52
C LYS A 199 38.29 -12.99 -46.29
N GLN A 200 39.20 -13.89 -46.66
CA GLN A 200 38.85 -15.06 -47.45
C GLN A 200 38.42 -16.23 -46.57
N ASP A 201 39.18 -16.48 -45.50
CA ASP A 201 38.89 -17.59 -44.59
C ASP A 201 37.53 -17.42 -43.92
N ILE A 202 37.15 -16.18 -43.67
CA ILE A 202 35.87 -15.90 -43.03
C ILE A 202 34.72 -16.05 -44.03
N THR A 203 34.97 -15.69 -45.28
CA THR A 203 33.98 -15.83 -46.34
C THR A 203 33.67 -17.32 -46.54
N LYS A 204 34.67 -18.15 -46.35
CA LYS A 204 34.51 -19.60 -46.43
C LYS A 204 33.73 -20.09 -45.22
N PHE A 205 34.07 -19.53 -44.05
CA PHE A 205 33.40 -19.88 -42.81
C PHE A 205 31.91 -19.56 -42.89
N MET A 206 31.59 -18.41 -43.47
CA MET A 206 30.21 -17.99 -43.64
C MET A 206 29.46 -18.91 -44.61
N LYS A 207 30.07 -19.20 -45.75
CA LYS A 207 29.42 -20.01 -46.77
C LYS A 207 29.09 -21.42 -46.28
N ASP A 208 30.06 -22.07 -45.62
CA ASP A 208 29.86 -23.43 -45.13
C ASP A 208 28.71 -23.50 -44.13
N ASN A 209 28.64 -22.51 -43.24
CA ASN A 209 27.59 -22.47 -42.24
C ASN A 209 26.26 -22.01 -42.82
N LEU A 210 26.31 -21.08 -43.77
CA LEU A 210 25.10 -20.60 -44.43
C LEU A 210 24.42 -21.74 -45.19
N GLN A 211 25.22 -22.71 -45.64
CA GLN A 211 24.70 -23.88 -46.33
C GLN A 211 23.95 -24.77 -45.34
N ALA A 212 24.52 -24.94 -44.16
CA ALA A 212 23.89 -25.73 -43.11
C ALA A 212 22.92 -24.88 -42.29
N GLY A 213 22.88 -23.59 -42.59
CA GLY A 213 22.01 -22.67 -41.86
C GLY A 213 22.42 -22.57 -40.41
N PHE A 214 23.71 -22.72 -40.15
CA PHE A 214 24.24 -22.71 -38.79
C PHE A 214 23.58 -23.76 -37.90
N SER A 215 23.19 -24.87 -38.53
CA SER A 215 22.57 -25.98 -37.81
C SER A 215 23.59 -26.69 -36.90
N GLY A 216 24.86 -26.34 -37.07
CA GLY A 216 25.92 -26.89 -36.23
C GLY A 216 26.11 -26.10 -34.94
N TYR A 217 25.28 -25.07 -34.76
CA TYR A 217 25.37 -24.23 -33.57
C TYR A 217 24.01 -24.03 -32.88
N SER A 218 22.94 -24.42 -33.57
CA SER A 218 21.59 -24.25 -33.04
C SER A 218 21.07 -25.55 -32.43
N TYR A 219 20.15 -25.44 -31.47
CA TYR A 219 19.61 -26.62 -30.79
C TYR A 219 18.87 -27.54 -31.76
N GLN A 220 17.95 -26.97 -32.54
CA GLN A 220 17.18 -27.77 -33.49
C GLN A 220 18.09 -28.38 -34.55
N GLY A 221 19.04 -27.59 -35.03
CA GLY A 221 19.99 -28.06 -36.04
C GLY A 221 20.77 -29.25 -35.55
N LEU A 222 21.11 -29.25 -34.27
CA LEU A 222 21.84 -30.36 -33.67
C LEU A 222 20.91 -31.54 -33.42
N THR A 223 19.69 -31.25 -32.99
CA THR A 223 18.71 -32.31 -32.71
C THR A 223 18.44 -33.12 -33.97
N ASN A 224 18.24 -32.42 -35.09
CA ASN A 224 18.04 -33.08 -36.37
C ASN A 224 19.27 -33.87 -36.77
N ARG A 225 20.42 -33.21 -36.73
CA ARG A 225 21.70 -33.83 -37.11
C ARG A 225 21.91 -35.16 -36.39
N VAL A 226 21.56 -35.22 -35.12
CA VAL A 226 21.62 -36.46 -34.36
C VAL A 226 20.67 -37.48 -34.99
N ALA A 227 19.42 -37.05 -35.18
CA ALA A 227 18.38 -37.93 -35.72
C ALA A 227 18.75 -38.50 -37.09
N GLN A 228 19.53 -37.73 -37.86
CA GLN A 228 19.98 -38.18 -39.17
C GLN A 228 21.16 -39.14 -39.03
N LEU A 229 22.10 -38.80 -38.17
CA LEU A 229 23.27 -39.64 -37.93
C LEU A 229 22.89 -40.95 -37.24
N GLU A 230 21.71 -40.97 -36.61
CA GLU A 230 21.22 -42.19 -35.98
C GLU A 230 20.85 -43.23 -37.04
N ALA A 231 20.60 -42.77 -38.27
CA ALA A 231 20.27 -43.66 -39.37
C ALA A 231 21.54 -44.17 -40.04
N ARG B 4 20.50 -34.60 -1.67
CA ARG B 4 21.16 -34.91 -2.93
C ARG B 4 20.39 -34.32 -4.09
N LEU B 5 19.07 -34.23 -3.95
CA LEU B 5 18.20 -33.67 -4.98
C LEU B 5 18.55 -32.21 -5.23
N LEU B 6 18.95 -31.51 -4.17
CA LEU B 6 19.28 -30.10 -4.27
C LEU B 6 20.78 -29.90 -4.49
N SER B 7 21.36 -30.77 -5.30
CA SER B 7 22.75 -30.61 -5.73
C SER B 7 22.78 -29.94 -7.09
N GLU B 8 23.44 -28.78 -7.16
CA GLU B 8 23.48 -27.99 -8.38
C GLU B 8 24.10 -28.73 -9.56
N ASP B 9 24.91 -29.75 -9.25
CA ASP B 9 25.55 -30.56 -10.28
C ASP B 9 24.94 -31.96 -10.34
N LEU B 10 23.63 -32.04 -10.14
CA LEU B 10 22.93 -33.32 -10.15
C LEU B 10 23.09 -34.01 -11.50
N PHE B 11 22.97 -33.25 -12.57
CA PHE B 11 23.07 -33.80 -13.92
C PHE B 11 24.46 -34.33 -14.21
N LYS B 12 25.46 -33.84 -13.48
CA LYS B 12 26.85 -34.24 -13.71
C LYS B 12 27.15 -35.62 -13.13
N GLN B 13 26.68 -35.86 -11.91
CA GLN B 13 26.98 -37.12 -11.21
C GLN B 13 25.87 -38.17 -11.37
N SER B 14 24.70 -37.75 -11.84
CA SER B 14 23.57 -38.67 -12.00
C SER B 14 23.85 -39.84 -12.95
N PRO B 15 24.64 -39.61 -14.02
CA PRO B 15 24.88 -40.76 -14.91
C PRO B 15 25.83 -41.79 -14.28
N LYS B 16 26.57 -41.39 -13.26
CA LYS B 16 27.56 -42.27 -12.64
C LYS B 16 26.90 -43.39 -11.83
N LEU B 17 25.87 -43.05 -11.07
CA LEU B 17 25.25 -43.98 -10.14
C LEU B 17 24.59 -45.16 -10.85
N SER B 18 24.34 -46.23 -10.10
CA SER B 18 23.87 -47.48 -10.65
C SER B 18 22.39 -47.46 -11.03
N GLU B 19 21.97 -48.49 -11.76
CA GLU B 19 20.58 -48.66 -12.16
C GLU B 19 19.67 -48.73 -10.93
N GLN B 20 20.23 -49.22 -9.83
CA GLN B 20 19.48 -49.39 -8.59
C GLN B 20 19.26 -48.07 -7.87
N GLU B 21 20.32 -47.27 -7.78
CA GLU B 21 20.26 -45.98 -7.09
C GLU B 21 19.47 -44.96 -7.92
N LEU B 22 19.43 -45.16 -9.23
CA LEU B 22 18.65 -44.30 -10.11
C LEU B 22 17.16 -44.48 -9.85
N ASP B 23 16.76 -45.71 -9.54
CA ASP B 23 15.36 -46.02 -9.28
C ASP B 23 14.85 -45.30 -8.04
N GLU B 24 15.73 -45.03 -7.09
CA GLU B 24 15.36 -44.33 -5.86
C GLU B 24 15.49 -42.82 -6.03
N LEU B 25 16.51 -42.39 -6.77
CA LEU B 25 16.71 -40.97 -7.02
C LEU B 25 15.56 -40.43 -7.87
N ALA B 26 15.10 -41.24 -8.82
CA ALA B 26 14.01 -40.84 -9.70
C ALA B 26 12.70 -40.74 -8.94
N ASN B 27 12.51 -41.64 -7.97
CA ASN B 27 11.30 -41.63 -7.14
C ASN B 27 11.31 -40.48 -6.14
N ASN B 28 12.47 -40.26 -5.51
CA ASN B 28 12.62 -39.14 -4.58
C ASN B 28 12.37 -37.81 -5.26
N LEU B 29 12.97 -37.65 -6.44
CA LEU B 29 12.79 -36.44 -7.23
C LEU B 29 11.34 -36.30 -7.67
N ALA B 30 10.70 -37.42 -7.98
CA ALA B 30 9.31 -37.43 -8.43
C ALA B 30 8.37 -36.99 -7.31
N ASP B 31 8.49 -37.63 -6.15
CA ASP B 31 7.63 -37.30 -5.01
C ASP B 31 7.82 -35.85 -4.57
N TYR B 32 9.03 -35.33 -4.73
CA TYR B 32 9.34 -33.96 -4.35
C TYR B 32 8.54 -32.98 -5.20
N LEU B 33 8.40 -33.28 -6.49
CA LEU B 33 7.68 -32.41 -7.40
C LEU B 33 6.20 -32.32 -7.03
N PHE B 34 5.59 -33.47 -6.73
CA PHE B 34 4.17 -33.51 -6.42
C PHE B 34 3.87 -32.86 -5.07
N GLN B 35 4.73 -33.08 -4.09
CA GLN B 35 4.52 -32.50 -2.76
C GLN B 35 4.71 -30.99 -2.76
N ALA B 36 5.76 -30.53 -3.44
CA ALA B 36 6.07 -29.10 -3.48
C ALA B 36 5.19 -28.36 -4.48
N ALA B 37 4.49 -29.11 -5.33
CA ALA B 37 3.59 -28.49 -6.31
C ALA B 37 2.53 -27.68 -5.59
N ASP B 38 2.09 -26.59 -6.22
CA ASP B 38 1.14 -25.67 -5.61
C ASP B 38 -0.25 -25.83 -6.24
N ILE B 39 -1.27 -25.64 -5.43
CA ILE B 39 -2.65 -25.68 -5.89
C ILE B 39 -3.49 -24.70 -5.08
N ASP B 40 -4.58 -24.21 -5.67
CA ASP B 40 -5.47 -23.29 -4.97
C ASP B 40 -6.17 -24.01 -3.82
N TRP B 41 -5.67 -23.79 -2.61
CA TRP B 41 -6.20 -24.46 -1.43
C TRP B 41 -7.60 -23.97 -1.08
N HIS B 42 -7.86 -22.69 -1.30
CA HIS B 42 -9.16 -22.11 -1.00
C HIS B 42 -10.24 -22.77 -1.85
N GLN B 43 -9.85 -23.22 -3.04
CA GLN B 43 -10.78 -23.88 -3.95
C GLN B 43 -11.08 -25.31 -3.51
N VAL B 44 -10.03 -26.08 -3.21
CA VAL B 44 -10.20 -27.50 -2.91
C VAL B 44 -10.87 -27.72 -1.56
N ILE B 45 -10.47 -26.94 -0.55
CA ILE B 45 -11.05 -27.06 0.78
C ILE B 45 -12.51 -26.63 0.73
N SER B 46 -12.82 -25.67 -0.14
CA SER B 46 -14.18 -25.19 -0.28
C SER B 46 -15.05 -26.21 -1.00
N GLU B 47 -14.46 -26.91 -1.96
CA GLU B 47 -15.20 -27.90 -2.72
C GLU B 47 -15.38 -29.18 -1.91
N LYS B 48 -14.41 -29.47 -1.04
CA LYS B 48 -14.39 -30.72 -0.28
C LYS B 48 -15.11 -30.63 1.08
N THR B 49 -15.67 -29.47 1.39
CA THR B 49 -16.43 -29.32 2.64
C THR B 49 -17.69 -28.46 2.47
N ARG B 50 -18.07 -28.20 1.23
CA ARG B 50 -19.30 -27.46 0.97
C ARG B 50 -20.51 -28.26 1.45
N GLY B 51 -21.37 -27.61 2.22
CA GLY B 51 -22.58 -28.24 2.71
C GLY B 51 -22.35 -29.06 3.98
N LEU B 52 -21.10 -29.12 4.43
CA LEU B 52 -20.77 -29.83 5.67
C LEU B 52 -20.87 -28.90 6.87
N THR B 53 -21.10 -29.50 8.04
CA THR B 53 -21.13 -28.76 9.30
C THR B 53 -19.75 -28.80 9.92
N THR B 54 -19.48 -27.87 10.85
CA THR B 54 -18.17 -27.75 11.46
C THR B 54 -17.77 -29.03 12.21
N GLU B 55 -18.77 -29.79 12.65
CA GLU B 55 -18.50 -31.06 13.33
C GLU B 55 -18.02 -32.10 12.32
N GLU B 56 -18.65 -32.10 11.14
CA GLU B 56 -18.29 -33.03 10.08
C GLU B 56 -16.92 -32.69 9.48
N MET B 57 -16.55 -31.42 9.55
CA MET B 57 -15.26 -30.98 9.04
C MET B 57 -14.12 -31.47 9.92
N ALA B 58 -14.38 -31.53 11.23
CA ALA B 58 -13.38 -31.98 12.19
C ALA B 58 -13.17 -33.48 12.13
N LYS B 59 -14.02 -34.18 11.36
CA LYS B 59 -13.88 -35.61 11.17
C LYS B 59 -14.13 -35.98 9.72
N SER B 60 -13.56 -35.20 8.81
CA SER B 60 -13.68 -35.46 7.38
C SER B 60 -12.85 -36.69 7.01
N GLU B 61 -13.24 -37.36 5.93
CA GLU B 61 -12.53 -38.55 5.47
C GLU B 61 -11.12 -38.19 5.03
N HIS B 62 -10.96 -36.97 4.52
CA HIS B 62 -9.66 -36.51 4.04
C HIS B 62 -8.87 -35.88 5.18
N ARG B 63 -7.72 -36.46 5.49
CA ARG B 63 -6.89 -35.99 6.59
C ARG B 63 -6.42 -34.55 6.39
N TYR B 64 -6.18 -34.17 5.14
CA TYR B 64 -5.69 -32.82 4.84
C TYR B 64 -6.80 -31.79 5.00
N VAL B 65 -8.05 -32.24 4.88
CA VAL B 65 -9.20 -31.36 5.08
C VAL B 65 -9.41 -31.12 6.57
N GLN B 66 -9.14 -32.13 7.39
CA GLN B 66 -9.23 -31.98 8.84
C GLN B 66 -8.16 -31.02 9.34
N ALA B 67 -6.93 -31.24 8.90
CA ALA B 67 -5.80 -30.42 9.32
C ALA B 67 -6.04 -28.95 9.00
N PHE B 68 -6.55 -28.69 7.80
CA PHE B 68 -6.86 -27.32 7.38
C PHE B 68 -7.91 -26.73 8.30
N CYS B 69 -9.02 -27.42 8.44
CA CYS B 69 -10.16 -26.92 9.21
C CYS B 69 -9.85 -26.78 10.69
N ARG B 70 -9.08 -27.72 11.24
CA ARG B 70 -8.72 -27.68 12.65
C ARG B 70 -8.00 -26.38 13.00
N GLU B 71 -7.27 -25.82 12.03
CA GLU B 71 -6.52 -24.60 12.25
C GLU B 71 -7.41 -23.37 12.09
N ILE B 72 -8.52 -23.54 11.39
CA ILE B 72 -9.48 -22.45 11.15
C ILE B 72 -10.45 -22.33 12.32
N LEU B 73 -10.90 -23.47 12.83
CA LEU B 73 -11.91 -23.50 13.87
C LEU B 73 -11.42 -22.96 15.20
N LYS B 74 -10.11 -22.83 15.35
CA LYS B 74 -9.52 -22.30 16.57
C LYS B 74 -9.92 -20.84 16.81
N TYR B 75 -10.39 -20.16 15.77
CA TYR B 75 -10.67 -18.74 15.83
C TYR B 75 -12.13 -18.43 15.48
N PRO B 76 -13.03 -18.54 16.47
CA PRO B 76 -14.48 -18.36 16.30
C PRO B 76 -14.88 -17.14 15.48
N ASP B 77 -14.14 -16.04 15.62
CA ASP B 77 -14.52 -14.80 14.97
C ASP B 77 -14.49 -14.86 13.45
N CYS B 78 -13.77 -15.84 12.90
CA CYS B 78 -13.61 -15.89 11.45
C CYS B 78 -14.77 -16.59 10.75
N TYR B 79 -15.53 -17.41 11.48
CA TYR B 79 -16.63 -18.16 10.87
C TYR B 79 -17.99 -18.00 11.56
N LYS B 80 -18.01 -17.87 12.88
CA LYS B 80 -19.27 -17.80 13.61
C LYS B 80 -20.14 -16.62 13.18
N SER B 81 -21.44 -16.87 13.03
CA SER B 81 -22.39 -15.84 12.62
C SER B 81 -22.80 -14.99 13.81
N ALA B 82 -22.92 -13.68 13.59
CA ALA B 82 -23.15 -12.74 14.67
C ALA B 82 -24.62 -12.70 15.13
N ASP B 83 -24.81 -12.50 16.43
CA ASP B 83 -26.14 -12.37 17.01
C ASP B 83 -26.78 -11.07 16.55
N VAL B 84 -25.93 -10.05 16.42
CA VAL B 84 -26.35 -8.74 15.93
C VAL B 84 -25.49 -8.39 14.73
N ALA B 85 -26.09 -7.71 13.75
CA ALA B 85 -25.38 -7.35 12.53
C ALA B 85 -25.42 -5.83 12.31
N SER B 86 -24.33 -5.30 11.78
CA SER B 86 -24.32 -3.92 11.31
C SER B 86 -25.40 -3.82 10.24
N PRO B 87 -26.18 -2.72 10.25
CA PRO B 87 -27.36 -2.64 9.38
C PRO B 87 -27.09 -2.94 7.91
N GLU B 88 -27.54 -4.12 7.46
CA GLU B 88 -27.43 -4.54 6.07
C GLU B 88 -25.98 -4.56 5.61
N SER B 96 -21.55 -21.72 2.49
CA SER B 96 -20.86 -22.62 3.42
C SER B 96 -20.14 -21.83 4.49
N VAL B 97 -19.79 -22.49 5.59
CA VAL B 97 -19.13 -21.81 6.70
C VAL B 97 -17.70 -21.43 6.37
N ILE B 98 -16.98 -22.31 5.67
CA ILE B 98 -15.62 -22.01 5.24
C ILE B 98 -15.60 -20.90 4.20
N ASP B 99 -16.71 -20.74 3.48
CA ASP B 99 -16.82 -19.66 2.51
C ASP B 99 -16.80 -18.34 3.26
N VAL B 100 -17.41 -18.34 4.44
CA VAL B 100 -17.38 -17.18 5.33
C VAL B 100 -15.98 -17.04 5.92
N ALA B 101 -15.42 -18.16 6.36
CA ALA B 101 -14.11 -18.17 6.99
C ALA B 101 -13.03 -17.62 6.07
N LEU B 102 -12.92 -18.19 4.87
CA LEU B 102 -11.91 -17.78 3.91
C LEU B 102 -12.01 -16.30 3.57
N LYS B 103 -13.24 -15.79 3.47
CA LYS B 103 -13.44 -14.38 3.15
C LYS B 103 -13.11 -13.48 4.33
N ARG B 104 -13.44 -13.92 5.54
CA ARG B 104 -13.16 -13.13 6.74
C ARG B 104 -11.66 -13.06 6.98
N LEU B 105 -10.96 -14.14 6.66
CA LEU B 105 -9.51 -14.20 6.84
C LEU B 105 -8.80 -13.39 5.76
N GLN B 106 -9.47 -13.17 4.63
CA GLN B 106 -8.93 -12.35 3.56
C GLN B 106 -9.30 -10.88 3.77
N THR B 107 -10.51 -10.64 4.25
CA THR B 107 -10.95 -9.29 4.57
C THR B 107 -10.13 -8.75 5.73
N GLY B 108 -10.15 -9.48 6.84
CA GLY B 108 -9.36 -9.13 8.01
C GLY B 108 -7.92 -9.56 7.85
N ARG B 109 -7.30 -9.16 6.74
CA ARG B 109 -5.92 -9.52 6.43
C ARG B 109 -4.98 -9.14 7.56
N GLU B 110 -5.16 -7.93 8.09
CA GLU B 110 -4.32 -7.42 9.17
C GLU B 110 -5.01 -7.54 10.52
N ARG B 111 -6.28 -7.95 10.51
CA ARG B 111 -7.07 -8.06 11.72
C ARG B 111 -6.57 -9.19 12.61
N LEU B 112 -6.71 -9.02 13.92
CA LEU B 112 -6.31 -10.05 14.88
C LEU B 112 -7.51 -10.86 15.35
N PHE B 113 -7.33 -12.17 15.43
CA PHE B 113 -8.35 -13.08 15.91
C PHE B 113 -7.87 -13.74 17.19
N THR B 114 -8.80 -14.01 18.11
CA THR B 114 -8.45 -14.65 19.37
C THR B 114 -8.78 -16.14 19.32
N THR B 115 -7.90 -16.94 19.89
CA THR B 115 -8.17 -18.36 20.13
C THR B 115 -7.82 -18.68 21.58
N THR B 116 -8.62 -19.53 22.20
CA THR B 116 -8.36 -19.95 23.58
C THR B 116 -7.97 -21.42 23.62
N ASP B 117 -6.80 -21.69 24.17
CA ASP B 117 -6.25 -23.04 24.25
C ASP B 117 -7.14 -23.94 25.11
N GLU B 118 -6.85 -25.24 25.12
CA GLU B 118 -7.58 -26.19 25.95
C GLU B 118 -7.53 -25.72 27.40
N LYS B 119 -6.32 -25.48 27.89
CA LYS B 119 -6.13 -24.78 29.16
C LYS B 119 -6.36 -23.29 28.88
N GLY B 120 -6.66 -22.53 29.93
CA GLY B 120 -7.12 -21.15 29.78
C GLY B 120 -6.38 -20.21 28.82
N ASN B 121 -5.17 -20.59 28.41
CA ASN B 121 -4.31 -19.73 27.61
C ASN B 121 -4.97 -19.18 26.34
N ARG B 122 -4.79 -17.87 26.11
CA ARG B 122 -5.26 -17.23 24.88
C ARG B 122 -4.13 -17.12 23.86
N GLU B 123 -4.47 -16.63 22.67
CA GLU B 123 -3.47 -16.27 21.67
C GLU B 123 -4.12 -15.43 20.57
N LEU B 124 -3.36 -14.47 20.05
CA LEU B 124 -3.82 -13.63 18.94
C LEU B 124 -3.02 -13.91 17.67
N LYS B 125 -3.74 -14.16 16.58
CA LYS B 125 -3.11 -14.39 15.29
C LYS B 125 -3.68 -13.46 14.23
N LYS B 126 -2.83 -13.06 13.30
CA LYS B 126 -3.25 -12.23 12.18
C LYS B 126 -4.07 -13.07 11.21
N GLY B 127 -4.82 -12.42 10.33
CA GLY B 127 -5.65 -13.11 9.36
C GLY B 127 -4.90 -14.14 8.54
N ASP B 128 -3.89 -13.70 7.81
CA ASP B 128 -3.16 -14.59 6.90
C ASP B 128 -2.31 -15.62 7.65
N ALA B 129 -1.90 -15.29 8.87
CA ALA B 129 -1.12 -16.23 9.67
C ALA B 129 -1.94 -17.48 9.97
N ILE B 130 -3.26 -17.32 9.96
CA ILE B 130 -4.17 -18.44 10.18
C ILE B 130 -4.34 -19.22 8.88
N LEU B 131 -4.49 -18.50 7.78
CA LEU B 131 -4.56 -19.13 6.46
C LEU B 131 -3.28 -19.90 6.18
N GLU B 132 -2.14 -19.24 6.39
CA GLU B 132 -0.84 -19.87 6.17
C GLU B 132 -0.68 -21.10 7.06
N SER B 133 -1.15 -21.00 8.29
CA SER B 133 -1.04 -22.10 9.24
C SER B 133 -1.96 -23.25 8.83
N ALA B 134 -3.11 -22.91 8.28
CA ALA B 134 -4.08 -23.91 7.83
C ALA B 134 -3.57 -24.60 6.58
N ILE B 135 -2.98 -23.83 5.68
CA ILE B 135 -2.41 -24.36 4.45
C ILE B 135 -1.24 -25.29 4.77
N ASN B 136 -0.34 -24.83 5.63
CA ASN B 136 0.80 -25.65 6.06
C ASN B 136 0.32 -26.96 6.69
N ALA B 137 -0.73 -26.88 7.48
CA ALA B 137 -1.30 -28.05 8.14
C ALA B 137 -1.79 -29.04 7.08
N ALA B 138 -2.52 -28.52 6.10
CA ALA B 138 -3.01 -29.34 5.00
C ALA B 138 -1.83 -29.86 4.19
N ARG B 139 -0.93 -28.95 3.82
CA ARG B 139 0.23 -29.27 2.98
C ARG B 139 1.05 -30.44 3.53
N MET B 140 0.96 -30.68 4.84
CA MET B 140 1.68 -31.77 5.48
C MET B 140 0.75 -32.91 5.85
N ALA B 141 -0.16 -33.26 4.95
CA ALA B 141 -1.18 -34.28 5.24
C ALA B 141 -1.49 -35.18 4.05
N ILE B 142 -1.37 -34.64 2.84
CA ILE B 142 -1.74 -35.41 1.64
C ILE B 142 -0.70 -36.48 1.34
N SER B 143 -1.16 -37.59 0.77
CA SER B 143 -0.30 -38.72 0.45
C SER B 143 0.11 -38.73 -1.03
N THR B 144 0.31 -37.54 -1.59
CA THR B 144 0.76 -37.38 -2.97
C THR B 144 -0.25 -37.86 -4.01
N GLU B 145 -0.85 -39.02 -3.80
CA GLU B 145 -1.87 -39.54 -4.71
C GLU B 145 -3.09 -38.63 -4.71
N GLU B 146 -3.58 -38.29 -3.52
CA GLU B 146 -4.67 -37.34 -3.38
C GLU B 146 -4.26 -35.99 -3.95
N LYS B 147 -2.98 -35.64 -3.79
CA LYS B 147 -2.44 -34.39 -4.31
C LYS B 147 -2.51 -34.39 -5.83
N ASN B 148 -2.14 -35.51 -6.43
CA ASN B 148 -2.17 -35.66 -7.88
C ASN B 148 -3.59 -35.59 -8.42
N THR B 149 -4.54 -36.09 -7.65
CA THR B 149 -5.94 -36.12 -8.06
C THR B 149 -6.53 -34.72 -8.13
N ILE B 150 -6.25 -33.92 -7.10
CA ILE B 150 -6.78 -32.55 -7.04
C ILE B 150 -6.03 -31.62 -7.98
N LEU B 151 -4.79 -32.00 -8.32
CA LEU B 151 -3.91 -31.18 -9.15
C LEU B 151 -3.89 -31.69 -10.60
N SER B 152 -4.69 -32.73 -10.87
CA SER B 152 -4.67 -33.42 -12.15
C SER B 152 -4.69 -32.51 -13.38
N ASN B 153 -5.31 -31.34 -13.24
CA ASN B 153 -5.44 -30.42 -14.36
C ASN B 153 -4.15 -29.65 -14.63
N ASN B 154 -3.57 -29.08 -13.58
CA ASN B 154 -2.34 -28.30 -13.68
C ASN B 154 -1.13 -29.08 -13.19
N VAL B 155 -1.18 -30.40 -13.29
CA VAL B 155 -0.13 -31.26 -12.74
C VAL B 155 1.20 -31.09 -13.50
N LYS B 156 1.13 -30.98 -14.82
CA LYS B 156 2.33 -30.88 -15.63
C LYS B 156 2.94 -29.48 -15.53
N SER B 157 2.07 -28.48 -15.36
CA SER B 157 2.54 -27.11 -15.20
C SER B 157 3.11 -26.88 -13.81
N ALA B 158 2.39 -27.35 -12.79
CA ALA B 158 2.77 -27.13 -11.40
C ALA B 158 4.06 -27.88 -11.03
N THR B 159 4.13 -29.16 -11.37
CA THR B 159 5.31 -29.96 -11.06
C THR B 159 6.53 -29.44 -11.80
N PHE B 160 6.31 -28.90 -13.00
CA PHE B 160 7.41 -28.35 -13.78
C PHE B 160 7.96 -27.10 -13.11
N ASP B 161 7.07 -26.24 -12.65
CA ASP B 161 7.47 -25.02 -11.95
C ASP B 161 8.39 -25.37 -10.78
N VAL B 162 8.04 -26.41 -10.04
CA VAL B 162 8.87 -26.90 -8.95
C VAL B 162 10.21 -27.37 -9.47
N PHE B 163 10.18 -28.13 -10.57
CA PHE B 163 11.39 -28.75 -11.13
C PHE B 163 12.40 -27.71 -11.60
N CYS B 164 11.90 -26.58 -12.10
CA CYS B 164 12.78 -25.52 -12.60
C CYS B 164 13.55 -24.85 -11.47
N GLU B 165 12.96 -24.83 -10.28
CA GLU B 165 13.55 -24.12 -9.14
C GLU B 165 14.68 -24.91 -8.48
N LEU B 166 14.81 -26.19 -8.82
CA LEU B 166 15.88 -27.01 -8.28
C LEU B 166 17.23 -26.41 -8.66
N PRO B 167 18.27 -26.61 -7.82
CA PRO B 167 19.60 -26.09 -8.12
C PRO B 167 20.15 -26.57 -9.45
N CYS B 168 19.81 -27.79 -9.84
CA CYS B 168 20.32 -28.38 -11.07
C CYS B 168 19.75 -27.74 -12.32
N MET B 169 18.67 -26.97 -12.16
CA MET B 169 17.99 -26.33 -13.28
C MET B 169 18.20 -24.82 -13.32
N ASP B 170 18.84 -24.27 -12.29
CA ASP B 170 19.07 -22.83 -12.24
C ASP B 170 19.99 -22.37 -13.36
N GLY B 171 19.46 -21.51 -14.22
CA GLY B 171 20.21 -20.99 -15.34
C GLY B 171 20.40 -22.03 -16.43
N PHE B 172 19.30 -22.71 -16.77
CA PHE B 172 19.34 -23.74 -17.81
C PHE B 172 19.09 -23.11 -19.18
N ALA B 173 18.14 -22.18 -19.23
CA ALA B 173 17.76 -21.55 -20.49
C ALA B 173 18.83 -20.59 -21.00
N GLU B 174 19.58 -19.98 -20.09
CA GLU B 174 20.65 -19.08 -20.47
C GLU B 174 21.89 -19.89 -20.85
N GLN B 175 22.00 -21.08 -20.29
CA GLN B 175 23.14 -21.96 -20.54
C GLN B 175 22.95 -22.78 -21.82
N ASN B 176 21.70 -23.15 -22.11
CA ASN B 176 21.39 -24.01 -23.24
C ASN B 176 20.46 -23.38 -24.27
N GLY B 177 20.01 -22.15 -23.99
CA GLY B 177 19.11 -21.44 -24.90
C GLY B 177 17.65 -21.71 -24.56
N LYS B 178 16.77 -20.82 -25.02
CA LYS B 178 15.34 -20.96 -24.77
C LYS B 178 14.73 -22.09 -25.59
N THR B 179 15.26 -22.32 -26.79
CA THR B 179 14.75 -23.36 -27.67
C THR B 179 14.89 -24.73 -27.01
N ALA B 180 16.00 -24.93 -26.31
CA ALA B 180 16.26 -26.19 -25.62
C ALA B 180 15.39 -26.29 -24.36
N PHE B 181 15.20 -25.16 -23.70
CA PHE B 181 14.43 -25.11 -22.46
C PHE B 181 12.97 -25.49 -22.72
N TYR B 182 12.40 -24.93 -23.78
CA TYR B 182 11.02 -25.21 -24.15
C TYR B 182 10.88 -26.63 -24.69
N ALA B 183 11.99 -27.18 -25.19
CA ALA B 183 12.01 -28.55 -25.68
C ALA B 183 12.00 -29.51 -24.50
N LEU B 184 12.63 -29.11 -23.41
CA LEU B 184 12.63 -29.90 -22.18
C LEU B 184 11.25 -29.86 -21.55
N ARG B 185 10.58 -28.71 -21.64
CA ARG B 185 9.23 -28.56 -21.13
C ARG B 185 8.27 -29.48 -21.87
N ALA B 186 8.40 -29.54 -23.18
CA ALA B 186 7.54 -30.36 -24.02
C ALA B 186 7.67 -31.83 -23.63
N GLY B 187 8.89 -32.29 -23.44
CA GLY B 187 9.14 -33.66 -23.03
C GLY B 187 8.67 -33.92 -21.61
N PHE B 188 8.73 -32.88 -20.79
CA PHE B 188 8.24 -32.97 -19.41
C PHE B 188 6.73 -33.14 -19.41
N TYR B 189 6.04 -32.33 -20.20
CA TYR B 189 4.59 -32.40 -20.29
C TYR B 189 4.15 -33.68 -21.01
N SER B 190 4.88 -34.04 -22.06
CA SER B 190 4.52 -35.19 -22.89
C SER B 190 4.56 -36.50 -22.11
N ALA B 191 5.34 -36.53 -21.03
CA ALA B 191 5.51 -37.74 -20.23
C ALA B 191 4.19 -38.16 -19.59
N PHE B 192 3.33 -37.20 -19.29
CA PHE B 192 2.06 -37.49 -18.62
C PHE B 192 1.00 -38.00 -19.59
N LYS B 193 0.92 -39.32 -19.73
CA LYS B 193 -0.10 -39.95 -20.55
C LYS B 193 -1.45 -39.92 -19.84
N ASN B 194 -1.57 -40.71 -18.78
CA ASN B 194 -2.77 -40.75 -17.95
C ASN B 194 -2.52 -40.14 -16.57
N THR B 195 -3.60 -39.88 -15.85
CA THR B 195 -3.51 -39.28 -14.52
C THR B 195 -3.38 -40.35 -13.44
N ASP B 196 -3.64 -41.61 -13.81
CA ASP B 196 -3.55 -42.73 -12.88
C ASP B 196 -2.12 -43.24 -12.76
N THR B 197 -1.28 -42.83 -13.71
CA THR B 197 0.12 -43.26 -13.76
C THR B 197 1.07 -42.07 -13.84
N ALA B 198 0.61 -40.92 -13.35
CA ALA B 198 1.37 -39.68 -13.45
C ALA B 198 2.72 -39.78 -12.77
N LYS B 199 2.76 -40.41 -11.60
CA LYS B 199 4.00 -40.53 -10.83
C LYS B 199 4.98 -41.46 -11.53
N GLN B 200 4.50 -42.61 -11.96
CA GLN B 200 5.34 -43.58 -12.68
C GLN B 200 5.85 -42.98 -13.98
N ASP B 201 4.99 -42.22 -14.65
CA ASP B 201 5.33 -41.58 -15.91
C ASP B 201 6.50 -40.61 -15.76
N ILE B 202 6.33 -39.61 -14.90
CA ILE B 202 7.34 -38.58 -14.71
C ILE B 202 8.60 -39.20 -14.09
N THR B 203 8.43 -40.28 -13.33
CA THR B 203 9.55 -40.98 -12.74
C THR B 203 10.43 -41.59 -13.83
N LYS B 204 9.79 -42.22 -14.81
CA LYS B 204 10.52 -42.81 -15.93
C LYS B 204 11.24 -41.73 -16.73
N PHE B 205 10.55 -40.63 -16.98
CA PHE B 205 11.13 -39.50 -17.70
C PHE B 205 12.37 -38.99 -16.97
N MET B 206 12.27 -38.88 -15.65
CA MET B 206 13.39 -38.41 -14.85
C MET B 206 14.51 -39.45 -14.79
N LYS B 207 14.15 -40.73 -14.83
CA LYS B 207 15.14 -41.79 -14.82
C LYS B 207 15.92 -41.81 -16.12
N ASP B 208 15.20 -41.79 -17.24
CA ASP B 208 15.83 -41.83 -18.56
C ASP B 208 16.78 -40.65 -18.76
N ASN B 209 16.34 -39.47 -18.31
CA ASN B 209 17.13 -38.26 -18.49
C ASN B 209 18.28 -38.12 -17.51
N LEU B 210 18.06 -38.56 -16.26
CA LEU B 210 19.12 -38.53 -15.26
C LEU B 210 20.22 -39.51 -15.62
N GLN B 211 19.83 -40.62 -16.24
CA GLN B 211 20.79 -41.62 -16.71
C GLN B 211 21.65 -41.00 -17.80
N ALA B 212 21.04 -40.15 -18.62
CA ALA B 212 21.73 -39.50 -19.72
C ALA B 212 22.30 -38.14 -19.31
N GLY B 213 21.97 -37.70 -18.10
CA GLY B 213 22.44 -36.43 -17.60
C GLY B 213 21.90 -35.25 -18.38
N PHE B 214 20.72 -35.44 -18.98
CA PHE B 214 20.05 -34.39 -19.75
C PHE B 214 20.93 -33.87 -20.89
N SER B 215 21.77 -34.75 -21.44
CA SER B 215 22.63 -34.40 -22.56
C SER B 215 21.81 -34.17 -23.82
N GLY B 216 20.59 -34.71 -23.83
CA GLY B 216 19.72 -34.59 -24.98
C GLY B 216 19.04 -33.24 -25.11
N TYR B 217 19.40 -32.31 -24.21
CA TYR B 217 18.84 -30.97 -24.24
C TYR B 217 19.92 -29.90 -24.08
N SER B 218 21.17 -30.33 -23.87
CA SER B 218 22.29 -29.41 -23.75
C SER B 218 23.10 -29.38 -25.03
N TYR B 219 23.66 -28.21 -25.36
CA TYR B 219 24.50 -28.07 -26.55
C TYR B 219 25.71 -28.98 -26.47
N GLN B 220 26.35 -29.01 -25.31
CA GLN B 220 27.52 -29.85 -25.09
C GLN B 220 27.19 -31.31 -25.34
N GLY B 221 26.05 -31.75 -24.81
CA GLY B 221 25.63 -33.14 -24.93
C GLY B 221 25.33 -33.54 -26.36
N LEU B 222 24.67 -32.65 -27.10
CA LEU B 222 24.30 -32.92 -28.49
C LEU B 222 25.53 -32.93 -29.39
N THR B 223 26.46 -32.01 -29.17
CA THR B 223 27.69 -31.96 -29.94
C THR B 223 28.53 -33.21 -29.68
N ASN B 224 28.50 -33.70 -28.44
CA ASN B 224 29.21 -34.93 -28.10
C ASN B 224 28.52 -36.14 -28.73
N ARG B 225 27.20 -36.04 -28.91
CA ARG B 225 26.43 -37.15 -29.47
C ARG B 225 26.70 -37.30 -30.96
N VAL B 226 26.74 -36.18 -31.68
CA VAL B 226 27.02 -36.21 -33.12
C VAL B 226 28.48 -36.60 -33.35
N ALA B 227 29.35 -36.18 -32.43
CA ALA B 227 30.77 -36.54 -32.50
C ALA B 227 30.93 -38.02 -32.19
N GLN B 228 30.03 -38.54 -31.36
CA GLN B 228 30.05 -39.96 -30.98
C GLN B 228 29.35 -40.81 -32.05
N LEU B 229 28.38 -40.22 -32.73
CA LEU B 229 27.61 -40.94 -33.74
C LEU B 229 28.37 -41.11 -35.05
N GLU B 230 28.96 -40.02 -35.55
CA GLU B 230 29.65 -40.03 -36.83
C GLU B 230 30.69 -41.14 -36.93
N ALA B 231 31.28 -41.51 -35.81
CA ALA B 231 32.31 -42.55 -35.80
C ALA B 231 31.71 -43.95 -35.85
N GLN B 232 31.00 -44.24 -36.94
CA GLN B 232 30.43 -45.57 -37.15
C GLN B 232 30.01 -45.75 -38.60
N ALA C 8 -8.19 25.73 -35.59
CA ALA C 8 -8.53 24.93 -34.42
C ALA C 8 -7.27 24.48 -33.70
N ALA C 9 -7.46 23.80 -32.56
CA ALA C 9 -6.35 23.33 -31.75
C ALA C 9 -5.90 21.93 -32.18
N LEU C 10 -4.68 21.57 -31.79
CA LEU C 10 -4.15 20.24 -32.07
C LEU C 10 -4.12 19.41 -30.79
N VAL C 11 -4.48 18.13 -30.91
CA VAL C 11 -4.52 17.22 -29.78
C VAL C 11 -3.62 16.02 -30.04
N VAL C 12 -2.54 15.92 -29.29
CA VAL C 12 -1.54 14.87 -29.47
C VAL C 12 -1.41 14.01 -28.22
N ASP C 13 -1.84 12.76 -28.31
CA ASP C 13 -1.70 11.80 -27.23
C ASP C 13 -0.54 10.84 -27.50
N ASN C 14 0.58 11.08 -26.81
CA ASN C 14 1.77 10.26 -26.99
C ASN C 14 1.80 9.08 -26.02
N GLY C 15 1.74 7.87 -26.58
CA GLY C 15 1.83 6.65 -25.81
C GLY C 15 3.19 6.01 -25.93
N SER C 16 3.43 4.92 -25.21
CA SER C 16 4.73 4.27 -25.20
C SER C 16 4.95 3.41 -26.44
N GLY C 17 3.89 3.13 -27.18
CA GLY C 17 3.97 2.31 -28.38
C GLY C 17 3.13 2.83 -29.53
N MET C 18 2.24 3.77 -29.23
CA MET C 18 1.37 4.36 -30.24
C MET C 18 1.14 5.84 -29.96
N CYS C 19 1.27 6.66 -30.98
CA CYS C 19 1.00 8.09 -30.89
C CYS C 19 -0.26 8.42 -31.68
N LYS C 20 -1.18 9.12 -31.03
CA LYS C 20 -2.43 9.54 -31.68
C LYS C 20 -2.39 11.05 -31.83
N ALA C 21 -2.94 11.55 -32.93
CA ALA C 21 -2.90 12.98 -33.21
C ALA C 21 -4.07 13.40 -34.10
N GLY C 22 -4.47 14.66 -33.97
CA GLY C 22 -5.58 15.19 -34.73
C GLY C 22 -5.95 16.60 -34.31
N PHE C 23 -7.17 17.02 -34.64
CA PHE C 23 -7.66 18.35 -34.32
C PHE C 23 -8.74 18.30 -33.25
N ALA C 24 -8.73 19.29 -32.37
CA ALA C 24 -9.74 19.37 -31.31
C ALA C 24 -11.10 19.68 -31.92
N GLY C 25 -12.02 18.72 -31.77
CA GLY C 25 -13.34 18.83 -32.35
C GLY C 25 -13.75 17.54 -33.02
N ASP C 26 -12.80 16.92 -33.71
CA ASP C 26 -13.03 15.63 -34.35
C ASP C 26 -13.27 14.56 -33.30
N ASP C 27 -14.05 13.55 -33.66
CA ASP C 27 -14.37 12.46 -32.73
C ASP C 27 -13.37 11.32 -32.80
N ALA C 28 -12.28 11.54 -33.55
CA ALA C 28 -11.23 10.53 -33.67
C ALA C 28 -9.95 11.15 -34.22
N PRO C 29 -8.79 10.62 -33.83
CA PRO C 29 -7.51 11.14 -34.33
C PRO C 29 -7.29 10.85 -35.80
N ARG C 30 -6.85 11.85 -36.55
CA ARG C 30 -6.62 11.69 -37.98
C ARG C 30 -5.38 10.86 -38.27
N ALA C 31 -4.48 10.77 -37.28
CA ALA C 31 -3.22 10.06 -37.46
C ALA C 31 -2.85 9.25 -36.22
N VAL C 32 -2.79 7.93 -36.40
CA VAL C 32 -2.24 7.03 -35.40
C VAL C 32 -1.02 6.33 -36.01
N PHE C 33 0.06 6.22 -35.23
CA PHE C 33 1.26 5.57 -35.71
C PHE C 33 2.19 5.19 -34.55
N PRO C 34 3.07 4.20 -34.78
CA PRO C 34 3.98 3.74 -33.72
C PRO C 34 4.94 4.82 -33.23
N SER C 35 5.09 4.94 -31.91
CA SER C 35 6.03 5.88 -31.33
C SER C 35 7.44 5.29 -31.34
N ILE C 36 8.02 5.20 -32.54
CA ILE C 36 9.35 4.65 -32.71
C ILE C 36 10.22 5.54 -33.60
N VAL C 37 11.52 5.45 -33.39
CA VAL C 37 12.50 6.15 -34.22
C VAL C 37 13.56 5.15 -34.65
N GLY C 38 13.71 4.97 -35.96
CA GLY C 38 14.65 4.03 -36.50
C GLY C 38 15.90 4.72 -37.04
N ARG C 39 17.06 4.11 -36.80
CA ARG C 39 18.31 4.58 -37.36
C ARG C 39 19.12 3.40 -37.90
N PRO C 40 19.92 3.63 -38.95
CA PRO C 40 20.71 2.56 -39.59
C PRO C 40 21.52 1.74 -38.59
N ARG C 41 21.48 0.43 -38.73
CA ARG C 41 22.18 -0.48 -37.83
C ARG C 41 23.67 -0.15 -37.73
N HIS C 42 24.25 0.32 -38.84
CA HIS C 42 25.68 0.59 -38.89
C HIS C 42 25.99 1.94 -39.53
N GLN C 43 27.25 2.36 -39.39
CA GLN C 43 27.66 3.72 -39.70
C GLN C 43 27.45 4.10 -41.17
N GLY C 44 28.09 3.37 -42.06
CA GLY C 44 28.00 3.68 -43.48
C GLY C 44 28.18 2.46 -44.38
N VAL C 45 27.11 2.09 -45.07
CA VAL C 45 27.15 1.00 -46.03
C VAL C 45 26.22 1.31 -47.20
N LYS C 52 17.86 8.12 -45.03
CA LYS C 52 18.26 9.30 -44.28
C LYS C 52 18.79 8.88 -42.92
N ASP C 53 19.34 9.83 -42.17
CA ASP C 53 19.95 9.55 -40.88
C ASP C 53 18.98 8.91 -39.89
N SER C 54 17.69 9.18 -40.04
CA SER C 54 16.69 8.65 -39.13
C SER C 54 15.29 8.61 -39.73
N TYR C 55 14.47 7.67 -39.27
CA TYR C 55 13.10 7.53 -39.70
C TYR C 55 12.17 7.53 -38.49
N VAL C 56 10.88 7.81 -38.73
CA VAL C 56 9.89 7.89 -37.65
C VAL C 56 8.57 7.24 -38.06
N GLY C 57 7.96 6.55 -37.11
CA GLY C 57 6.62 6.00 -37.31
C GLY C 57 6.59 4.77 -38.18
N ASP C 58 5.58 4.71 -39.05
CA ASP C 58 5.37 3.58 -39.94
C ASP C 58 6.59 3.30 -40.79
N GLU C 59 7.24 4.37 -41.25
CA GLU C 59 8.38 4.24 -42.16
C GLU C 59 9.54 3.53 -41.48
N ALA C 60 9.77 3.84 -40.21
CA ALA C 60 10.82 3.18 -39.44
C ALA C 60 10.53 1.69 -39.32
N GLN C 61 9.25 1.33 -39.27
CA GLN C 61 8.84 -0.06 -39.13
C GLN C 61 8.97 -0.81 -40.45
N SER C 62 8.70 -0.13 -41.55
CA SER C 62 8.85 -0.73 -42.88
C SER C 62 10.30 -1.14 -43.10
N LYS C 63 11.21 -0.25 -42.75
CA LYS C 63 12.64 -0.49 -42.90
C LYS C 63 13.22 -1.07 -41.62
N ARG C 64 12.58 -2.13 -41.10
CA ARG C 64 13.00 -2.73 -39.85
C ARG C 64 14.34 -3.44 -39.97
N GLY C 65 14.61 -4.00 -41.15
CA GLY C 65 15.85 -4.71 -41.39
C GLY C 65 17.04 -3.76 -41.40
N ILE C 66 16.88 -2.61 -42.03
CA ILE C 66 17.96 -1.65 -42.18
C ILE C 66 18.20 -0.89 -40.89
N LEU C 67 17.16 -0.78 -40.06
CA LEU C 67 17.18 0.14 -38.91
C LEU C 67 17.16 -0.58 -37.56
N THR C 68 17.79 0.06 -36.57
CA THR C 68 17.58 -0.30 -35.17
C THR C 68 16.52 0.63 -34.60
N LEU C 69 15.45 0.06 -34.07
CA LEU C 69 14.34 0.85 -33.56
C LEU C 69 14.51 1.16 -32.09
N LYS C 70 14.12 2.37 -31.70
CA LYS C 70 14.18 2.81 -30.31
C LYS C 70 12.89 3.52 -29.90
N TYR C 71 12.42 3.22 -28.69
CA TYR C 71 11.21 3.83 -28.16
C TYR C 71 11.56 5.01 -27.24
N PRO C 72 11.20 6.24 -27.65
CA PRO C 72 11.50 7.38 -26.78
C PRO C 72 10.60 7.44 -25.54
N ILE C 73 9.39 6.89 -25.62
CA ILE C 73 8.51 6.78 -24.47
C ILE C 73 8.49 5.34 -23.95
N GLU C 74 9.05 5.15 -22.76
CA GLU C 74 9.12 3.83 -22.15
C GLU C 74 8.38 3.85 -20.82
N HIS C 75 7.38 2.97 -20.70
CA HIS C 75 6.50 2.93 -19.53
C HIS C 75 5.80 4.28 -19.32
N GLY C 76 5.52 4.96 -20.42
CA GLY C 76 4.77 6.21 -20.39
C GLY C 76 5.63 7.44 -20.15
N ILE C 77 6.90 7.21 -19.82
CA ILE C 77 7.84 8.31 -19.54
C ILE C 77 8.81 8.51 -20.69
N VAL C 78 9.11 9.76 -21.01
CA VAL C 78 10.08 10.08 -22.05
C VAL C 78 11.49 9.87 -21.52
N THR C 79 12.31 9.16 -22.28
CA THR C 79 13.67 8.82 -21.88
C THR C 79 14.71 9.38 -22.86
N ASN C 80 14.23 9.91 -23.98
CA ASN C 80 15.10 10.52 -24.99
C ASN C 80 14.34 11.64 -25.69
N TRP C 81 14.77 12.88 -25.43
CA TRP C 81 14.03 14.03 -25.92
C TRP C 81 14.38 14.41 -27.36
N ASP C 82 15.55 13.98 -27.82
CA ASP C 82 15.89 14.13 -29.24
C ASP C 82 14.86 13.37 -30.07
N ASP C 83 14.70 12.08 -29.75
CA ASP C 83 13.76 11.23 -30.47
C ASP C 83 12.32 11.68 -30.25
N MET C 84 12.05 12.28 -29.09
CA MET C 84 10.71 12.77 -28.80
C MET C 84 10.38 13.97 -29.67
N GLU C 85 11.33 14.90 -29.79
CA GLU C 85 11.18 16.03 -30.70
C GLU C 85 10.90 15.55 -32.12
N LYS C 86 11.64 14.52 -32.53
CA LYS C 86 11.51 13.98 -33.88
C LYS C 86 10.10 13.45 -34.13
N ILE C 87 9.55 12.75 -33.15
CA ILE C 87 8.19 12.23 -33.27
C ILE C 87 7.19 13.37 -33.45
N TRP C 88 7.34 14.41 -32.64
CA TRP C 88 6.46 15.57 -32.74
C TRP C 88 6.66 16.30 -34.06
N HIS C 89 7.92 16.49 -34.44
CA HIS C 89 8.23 17.11 -35.73
C HIS C 89 7.58 16.30 -36.85
N HIS C 90 7.73 14.98 -36.77
CA HIS C 90 7.10 14.07 -37.73
C HIS C 90 5.58 14.18 -37.66
N THR C 91 5.04 14.25 -36.45
CA THR C 91 3.60 14.32 -36.25
C THR C 91 3.00 15.56 -36.91
N PHE C 92 3.71 16.69 -36.82
CA PHE C 92 3.21 17.96 -37.34
C PHE C 92 3.42 18.08 -38.84
N TYR C 93 4.67 18.03 -39.28
CA TYR C 93 5.03 18.37 -40.65
C TYR C 93 4.70 17.27 -41.67
N ASN C 94 4.57 16.04 -41.20
CA ASN C 94 4.36 14.89 -42.09
C ASN C 94 3.01 14.20 -41.93
N GLU C 95 2.64 13.88 -40.71
CA GLU C 95 1.43 13.10 -40.46
C GLU C 95 0.16 13.94 -40.55
N LEU C 96 0.24 15.18 -40.07
CA LEU C 96 -0.92 16.09 -40.08
C LEU C 96 -0.79 17.16 -41.15
N ARG C 97 0.44 17.45 -41.55
CA ARG C 97 0.71 18.48 -42.56
C ARG C 97 0.18 19.84 -42.11
N VAL C 98 0.68 20.31 -40.96
CA VAL C 98 0.24 21.58 -40.39
C VAL C 98 1.41 22.37 -39.82
N ALA C 99 1.22 23.68 -39.69
CA ALA C 99 2.21 24.55 -39.08
C ALA C 99 1.91 24.69 -37.59
N PRO C 100 2.79 24.17 -36.72
CA PRO C 100 2.47 24.19 -35.28
C PRO C 100 2.42 25.59 -34.67
N GLU C 101 2.92 26.59 -35.40
CA GLU C 101 2.90 27.96 -34.91
C GLU C 101 1.59 28.67 -35.25
N GLU C 102 0.57 27.90 -35.60
CA GLU C 102 -0.75 28.45 -35.94
C GLU C 102 -1.86 27.70 -35.21
N HIS C 103 -1.48 26.81 -34.30
CA HIS C 103 -2.45 25.99 -33.58
C HIS C 103 -1.99 25.74 -32.13
N PRO C 104 -2.88 26.00 -31.16
CA PRO C 104 -2.55 25.60 -29.78
C PRO C 104 -2.44 24.08 -29.68
N VAL C 105 -1.56 23.60 -28.80
CA VAL C 105 -1.27 22.17 -28.71
C VAL C 105 -1.59 21.58 -27.34
N LEU C 106 -2.67 20.82 -27.26
CA LEU C 106 -2.96 20.04 -26.07
C LEU C 106 -2.21 18.71 -26.15
N LEU C 107 -1.25 18.53 -25.25
CA LEU C 107 -0.50 17.28 -25.16
C LEU C 107 -1.06 16.45 -24.03
N THR C 108 -0.51 15.25 -23.85
CA THR C 108 -0.92 14.39 -22.74
C THR C 108 0.30 13.72 -22.13
N GLU C 109 0.23 13.47 -20.82
CA GLU C 109 1.34 12.89 -20.08
C GLU C 109 0.84 11.80 -19.13
N ALA C 110 1.75 10.91 -18.74
CA ALA C 110 1.42 9.87 -17.79
C ALA C 110 1.27 10.47 -16.40
N PRO C 111 0.54 9.76 -15.51
CA PRO C 111 0.51 10.21 -14.11
C PRO C 111 1.89 10.07 -13.46
N LEU C 112 2.18 10.91 -12.48
CA LEU C 112 3.46 10.89 -11.78
C LEU C 112 4.61 11.10 -12.76
N ASN C 113 4.37 11.95 -13.76
CA ASN C 113 5.39 12.31 -14.73
C ASN C 113 6.48 13.14 -14.05
N PRO C 114 7.76 12.74 -14.21
CA PRO C 114 8.84 13.55 -13.64
C PRO C 114 8.74 15.02 -14.02
N LYS C 115 9.10 15.90 -13.09
CA LYS C 115 8.85 17.33 -13.25
C LYS C 115 9.65 17.97 -14.38
N ALA C 116 10.86 17.48 -14.62
CA ALA C 116 11.70 18.02 -15.68
C ALA C 116 11.10 17.70 -17.05
N ASN C 117 10.52 16.51 -17.20
CA ASN C 117 9.90 16.10 -18.45
C ASN C 117 8.72 17.00 -18.82
N ARG C 118 8.07 17.57 -17.81
CA ARG C 118 6.96 18.48 -18.03
C ARG C 118 7.48 19.83 -18.51
N GLU C 119 8.64 20.20 -17.99
CA GLU C 119 9.29 21.46 -18.37
C GLU C 119 9.87 21.36 -19.77
N LYS C 120 10.56 20.26 -20.05
CA LYS C 120 11.20 20.08 -21.35
C LYS C 120 10.15 20.00 -22.45
N MET C 121 9.02 19.37 -22.14
CA MET C 121 7.90 19.28 -23.08
C MET C 121 7.39 20.67 -23.40
N THR C 122 7.32 21.52 -22.38
CA THR C 122 6.87 22.90 -22.53
C THR C 122 7.89 23.71 -23.32
N GLN C 123 9.17 23.51 -22.98
CA GLN C 123 10.26 24.21 -23.63
C GLN C 123 10.25 23.97 -25.14
N ILE C 124 10.13 22.70 -25.52
CA ILE C 124 10.15 22.31 -26.92
C ILE C 124 9.01 22.95 -27.71
N MET C 125 7.82 22.99 -27.13
CA MET C 125 6.65 23.49 -27.83
C MET C 125 6.71 24.99 -28.09
N PHE C 126 7.50 25.71 -27.30
CA PHE C 126 7.60 27.17 -27.42
C PHE C 126 8.88 27.63 -28.08
N GLU C 127 9.94 26.85 -27.95
CA GLU C 127 11.25 27.24 -28.49
C GLU C 127 11.52 26.60 -29.85
N THR C 128 11.15 25.33 -30.00
CA THR C 128 11.41 24.61 -31.24
C THR C 128 10.28 24.83 -32.26
N PHE C 129 9.05 24.57 -31.83
CA PHE C 129 7.90 24.67 -32.72
C PHE C 129 7.16 26.01 -32.57
N ASN C 130 7.61 26.81 -31.60
CA ASN C 130 7.01 28.11 -31.29
C ASN C 130 5.49 28.15 -31.44
N THR C 131 4.81 27.29 -30.68
CA THR C 131 3.36 27.22 -30.71
C THR C 131 2.73 28.45 -30.05
N PRO C 132 1.53 28.86 -30.50
CA PRO C 132 0.84 29.99 -29.87
C PRO C 132 0.57 29.72 -28.40
N ALA C 133 0.22 28.48 -28.08
CA ALA C 133 -0.02 28.08 -26.70
C ALA C 133 -0.02 26.56 -26.61
N MET C 134 -0.05 26.04 -25.38
CA MET C 134 -0.08 24.59 -25.18
C MET C 134 -0.53 24.24 -23.77
N TYR C 135 -1.04 23.01 -23.62
CA TYR C 135 -1.52 22.52 -22.34
C TYR C 135 -1.17 21.05 -22.18
N VAL C 136 -0.93 20.63 -20.95
CA VAL C 136 -0.59 19.24 -20.64
C VAL C 136 -1.60 18.69 -19.64
N ALA C 137 -2.22 17.57 -20.00
CA ALA C 137 -3.23 16.93 -19.15
C ALA C 137 -2.85 15.48 -18.88
N ILE C 138 -3.22 14.99 -17.71
CA ILE C 138 -3.00 13.59 -17.37
C ILE C 138 -3.92 12.73 -18.24
N GLN C 139 -3.34 11.68 -18.84
CA GLN C 139 -4.06 10.84 -19.79
C GLN C 139 -5.32 10.23 -19.20
N ALA C 140 -5.21 9.71 -17.99
CA ALA C 140 -6.36 9.10 -17.31
C ALA C 140 -7.48 10.11 -17.09
N VAL C 141 -7.10 11.35 -16.78
CA VAL C 141 -8.07 12.41 -16.53
C VAL C 141 -8.83 12.75 -17.80
N LEU C 142 -8.15 12.64 -18.93
CA LEU C 142 -8.80 12.88 -20.22
C LEU C 142 -9.80 11.75 -20.50
N SER C 143 -9.39 10.51 -20.22
CA SER C 143 -10.28 9.36 -20.37
C SER C 143 -11.55 9.56 -19.55
N LEU C 144 -11.42 10.22 -18.40
CA LEU C 144 -12.54 10.50 -17.53
C LEU C 144 -13.50 11.50 -18.18
N TYR C 145 -12.95 12.59 -18.71
CA TYR C 145 -13.75 13.62 -19.37
C TYR C 145 -14.51 13.02 -20.56
N ALA C 146 -13.88 12.08 -21.25
CA ALA C 146 -14.49 11.45 -22.42
C ALA C 146 -15.75 10.70 -22.01
N SER C 147 -15.82 10.27 -20.75
CA SER C 147 -16.98 9.56 -20.24
C SER C 147 -18.04 10.53 -19.72
N GLY C 148 -17.84 11.83 -19.99
CA GLY C 148 -18.76 12.85 -19.54
C GLY C 148 -18.82 12.95 -18.04
N ARG C 149 -17.64 13.01 -17.41
CA ARG C 149 -17.56 13.07 -15.95
C ARG C 149 -16.37 13.93 -15.50
N THR C 150 -16.29 14.15 -14.19
CA THR C 150 -15.19 14.89 -13.60
C THR C 150 -14.79 14.29 -12.25
N THR C 151 -15.32 13.10 -11.95
CA THR C 151 -15.06 12.42 -10.69
C THR C 151 -15.04 10.91 -10.91
N GLY C 152 -14.13 10.22 -10.22
CA GLY C 152 -14.06 8.77 -10.28
C GLY C 152 -12.63 8.24 -10.35
N ILE C 153 -12.51 6.96 -10.66
CA ILE C 153 -11.20 6.31 -10.83
C ILE C 153 -11.08 5.74 -12.23
N VAL C 154 -9.87 5.80 -12.79
CA VAL C 154 -9.61 5.36 -14.16
C VAL C 154 -8.46 4.36 -14.21
N LEU C 155 -8.69 3.26 -14.93
CA LEU C 155 -7.66 2.26 -15.18
C LEU C 155 -7.20 2.38 -16.63
N ASP C 156 -6.02 2.94 -16.83
CA ASP C 156 -5.48 3.17 -18.17
C ASP C 156 -4.32 2.20 -18.46
N SER C 157 -4.62 1.12 -19.17
CA SER C 157 -3.64 0.11 -19.51
C SER C 157 -3.39 0.07 -21.02
N GLY C 158 -2.19 0.46 -21.43
CA GLY C 158 -1.85 0.55 -22.84
C GLY C 158 -0.88 -0.52 -23.29
N ASP C 159 0.26 -0.09 -23.83
CA ASP C 159 1.24 -1.01 -24.41
C ASP C 159 2.43 -1.23 -23.49
N GLY C 160 2.82 -0.18 -22.76
CA GLY C 160 4.02 -0.21 -21.95
C GLY C 160 3.79 -0.16 -20.45
N VAL C 161 2.65 0.38 -20.03
CA VAL C 161 2.37 0.54 -18.60
C VAL C 161 0.87 0.66 -18.31
N SER C 162 0.48 0.17 -17.13
CA SER C 162 -0.90 0.29 -16.65
C SER C 162 -0.92 1.16 -15.40
N HIS C 163 -1.88 2.09 -15.36
CA HIS C 163 -2.01 3.01 -14.22
C HIS C 163 -3.43 2.95 -13.63
N THR C 164 -3.56 3.44 -12.40
CA THR C 164 -4.85 3.52 -11.73
C THR C 164 -4.94 4.84 -10.98
N VAL C 165 -5.68 5.79 -11.54
CA VAL C 165 -5.75 7.15 -10.99
C VAL C 165 -7.16 7.51 -10.54
N PRO C 166 -7.32 7.86 -9.24
CA PRO C 166 -8.58 8.45 -8.77
C PRO C 166 -8.65 9.94 -9.06
N ILE C 167 -9.86 10.47 -9.27
CA ILE C 167 -10.02 11.85 -9.70
C ILE C 167 -11.21 12.51 -9.01
N TYR C 168 -11.04 13.78 -8.65
CA TYR C 168 -12.08 14.57 -7.99
C TYR C 168 -12.12 15.98 -8.56
N GLU C 169 -13.28 16.36 -9.13
CA GLU C 169 -13.46 17.66 -9.76
C GLU C 169 -12.50 17.84 -10.95
N GLY C 170 -12.10 16.73 -11.56
CA GLY C 170 -11.21 16.76 -12.70
C GLY C 170 -9.74 16.86 -12.30
N TYR C 171 -9.49 16.98 -11.00
CA TYR C 171 -8.13 17.01 -10.47
C TYR C 171 -7.73 15.60 -10.04
N ALA C 172 -6.57 15.15 -10.49
CA ALA C 172 -6.06 13.85 -10.10
C ALA C 172 -5.70 13.86 -8.62
N LEU C 173 -5.46 12.67 -8.06
CA LEU C 173 -5.07 12.53 -6.66
C LEU C 173 -3.67 11.93 -6.56
N PRO C 174 -2.63 12.77 -6.72
CA PRO C 174 -1.22 12.34 -6.77
C PRO C 174 -0.84 11.27 -5.76
N HIS C 175 -1.25 11.45 -4.50
CA HIS C 175 -0.91 10.51 -3.45
C HIS C 175 -1.60 9.17 -3.67
N ALA C 176 -2.76 9.20 -4.31
CA ALA C 176 -3.59 8.01 -4.47
C ALA C 176 -3.20 7.17 -5.68
N ILE C 177 -2.45 7.76 -6.60
CA ILE C 177 -2.10 7.09 -7.85
C ILE C 177 -1.03 6.02 -7.65
N LEU C 178 -1.23 4.88 -8.30
CA LEU C 178 -0.27 3.79 -8.30
C LEU C 178 -0.14 3.25 -9.73
N ARG C 179 1.02 2.69 -10.05
CA ARG C 179 1.27 2.17 -11.40
C ARG C 179 1.68 0.70 -11.38
N LEU C 180 1.74 0.11 -12.57
CA LEU C 180 2.10 -1.29 -12.72
C LEU C 180 2.79 -1.50 -14.07
N ASP C 181 4.05 -1.94 -14.03
CA ASP C 181 4.81 -2.19 -15.26
C ASP C 181 4.33 -3.48 -15.92
N LEU C 182 3.10 -3.46 -16.40
CA LEU C 182 2.50 -4.61 -17.07
C LEU C 182 1.41 -4.12 -18.02
N ALA C 183 1.57 -4.43 -19.30
CA ALA C 183 0.66 -3.91 -20.31
C ALA C 183 0.68 -4.76 -21.59
N GLY C 184 0.16 -4.19 -22.68
CA GLY C 184 -0.02 -4.91 -23.93
C GLY C 184 1.23 -5.54 -24.51
N ARG C 185 2.38 -4.91 -24.31
CA ARG C 185 3.64 -5.44 -24.85
C ARG C 185 4.00 -6.74 -24.15
N ASP C 186 3.91 -6.74 -22.82
CA ASP C 186 4.24 -7.92 -22.02
C ASP C 186 3.34 -9.10 -22.37
N LEU C 187 2.07 -8.80 -22.66
CA LEU C 187 1.12 -9.84 -23.03
C LEU C 187 1.48 -10.49 -24.35
N THR C 188 1.86 -9.68 -25.33
CA THR C 188 2.28 -10.18 -26.63
C THR C 188 3.46 -11.14 -26.45
N ASP C 189 4.43 -10.71 -25.64
CA ASP C 189 5.60 -11.53 -25.37
C ASP C 189 5.22 -12.83 -24.66
N TYR C 190 4.34 -12.75 -23.67
CA TYR C 190 3.93 -13.94 -22.94
C TYR C 190 3.13 -14.88 -23.83
N LEU C 191 2.34 -14.31 -24.74
CA LEU C 191 1.56 -15.11 -25.67
C LEU C 191 2.49 -15.92 -26.56
N MET C 192 3.60 -15.31 -26.96
CA MET C 192 4.62 -16.01 -27.75
C MET C 192 5.14 -17.21 -26.97
N LYS C 193 5.43 -17.00 -25.69
CA LYS C 193 5.95 -18.05 -24.83
C LYS C 193 4.99 -19.23 -24.75
N ILE C 194 3.76 -18.97 -24.33
CA ILE C 194 2.78 -20.04 -24.14
C ILE C 194 2.37 -20.70 -25.46
N LEU C 195 2.69 -20.05 -26.58
CA LEU C 195 2.45 -20.65 -27.89
C LEU C 195 3.57 -21.63 -28.24
N THR C 196 4.77 -21.37 -27.75
CA THR C 196 5.87 -22.31 -27.91
C THR C 196 5.61 -23.52 -27.01
N GLU C 197 4.96 -23.27 -25.87
CA GLU C 197 4.58 -24.35 -24.97
C GLU C 197 3.59 -25.29 -25.64
N ARG C 198 2.87 -24.76 -26.64
CA ARG C 198 1.91 -25.56 -27.38
C ARG C 198 2.59 -26.33 -28.50
N GLY C 199 3.59 -25.70 -29.13
CA GLY C 199 4.37 -26.36 -30.15
C GLY C 199 4.57 -25.52 -31.40
N TYR C 200 5.06 -24.29 -31.22
CA TYR C 200 5.37 -23.42 -32.34
C TYR C 200 6.61 -22.59 -32.03
N SER C 201 7.01 -21.74 -32.97
CA SER C 201 8.23 -20.96 -32.81
C SER C 201 8.09 -19.54 -33.37
N PHE C 202 7.45 -18.67 -32.58
CA PHE C 202 7.39 -17.25 -32.90
C PHE C 202 8.48 -16.53 -32.11
N THR C 203 9.37 -15.86 -32.83
CA THR C 203 10.49 -15.17 -32.18
C THR C 203 10.93 -13.93 -32.96
N THR C 204 10.90 -14.00 -34.28
CA THR C 204 11.29 -12.87 -35.12
C THR C 204 10.28 -11.73 -34.99
N THR C 205 10.71 -10.52 -35.30
CA THR C 205 9.87 -9.34 -35.15
C THR C 205 8.66 -9.38 -36.10
N ALA C 206 8.83 -10.03 -37.24
CA ALA C 206 7.74 -10.18 -38.20
C ALA C 206 6.73 -11.21 -37.71
N GLU C 207 7.19 -12.09 -36.82
CA GLU C 207 6.32 -13.08 -36.20
C GLU C 207 5.66 -12.50 -34.95
N ARG C 208 6.33 -11.54 -34.34
CA ARG C 208 5.81 -10.87 -33.14
C ARG C 208 4.53 -10.09 -33.47
N GLU C 209 4.53 -9.42 -34.61
CA GLU C 209 3.38 -8.60 -35.01
C GLU C 209 2.18 -9.47 -35.39
N ILE C 210 2.43 -10.76 -35.63
CA ILE C 210 1.36 -11.70 -35.93
C ILE C 210 0.74 -12.20 -34.63
N VAL C 211 1.58 -12.55 -33.68
CA VAL C 211 1.12 -12.94 -32.35
C VAL C 211 0.34 -11.77 -31.74
N ARG C 212 0.79 -10.55 -32.05
CA ARG C 212 0.09 -9.35 -31.62
C ARG C 212 -1.31 -9.30 -32.20
N ASP C 213 -1.46 -9.71 -33.46
CA ASP C 213 -2.76 -9.69 -34.12
C ASP C 213 -3.63 -10.84 -33.62
N ILE C 214 -3.01 -11.99 -33.37
CA ILE C 214 -3.70 -13.12 -32.74
C ILE C 214 -4.28 -12.66 -31.41
N LYS C 215 -3.50 -11.85 -30.70
CA LYS C 215 -3.89 -11.34 -29.40
C LYS C 215 -5.10 -10.41 -29.51
N GLU C 216 -5.04 -9.47 -30.44
CA GLU C 216 -6.09 -8.44 -30.55
C GLU C 216 -7.38 -8.96 -31.20
N LYS C 217 -7.39 -10.24 -31.59
CA LYS C 217 -8.52 -10.80 -32.32
C LYS C 217 -9.14 -12.04 -31.66
N LEU C 218 -8.33 -12.83 -30.97
CA LEU C 218 -8.79 -14.12 -30.43
C LEU C 218 -8.77 -14.21 -28.91
N CYS C 219 -7.96 -13.38 -28.26
CA CYS C 219 -7.86 -13.43 -26.80
C CYS C 219 -9.10 -12.86 -26.12
N TYR C 220 -9.38 -13.36 -24.93
CA TYR C 220 -10.48 -12.85 -24.10
C TYR C 220 -10.17 -13.18 -22.64
N VAL C 221 -10.99 -12.66 -21.73
CA VAL C 221 -10.80 -12.91 -20.31
C VAL C 221 -11.90 -13.83 -19.80
N ALA C 222 -11.50 -14.96 -19.22
CA ALA C 222 -12.44 -15.92 -18.66
C ALA C 222 -12.87 -15.47 -17.27
N LEU C 223 -14.16 -15.60 -16.97
CA LEU C 223 -14.69 -15.18 -15.69
C LEU C 223 -14.19 -16.09 -14.57
N ASP C 224 -13.85 -17.32 -14.93
CA ASP C 224 -13.21 -18.26 -14.01
C ASP C 224 -12.12 -19.00 -14.75
N PHE C 225 -10.87 -18.73 -14.39
CA PHE C 225 -9.72 -19.26 -15.12
C PHE C 225 -9.61 -20.78 -14.98
N GLU C 226 -9.72 -21.27 -13.76
CA GLU C 226 -9.60 -22.70 -13.49
C GLU C 226 -10.65 -23.50 -14.25
N GLN C 227 -11.88 -22.98 -14.28
CA GLN C 227 -12.97 -23.65 -14.97
C GLN C 227 -12.73 -23.67 -16.46
N GLU C 228 -12.18 -22.58 -16.99
CA GLU C 228 -11.91 -22.47 -18.42
C GLU C 228 -10.81 -23.45 -18.83
N MET C 229 -9.80 -23.59 -17.98
CA MET C 229 -8.68 -24.50 -18.25
C MET C 229 -9.15 -25.95 -18.27
N ALA C 230 -9.98 -26.31 -17.30
CA ALA C 230 -10.52 -27.67 -17.23
C ALA C 230 -11.33 -27.99 -18.47
N THR C 231 -12.07 -26.99 -18.96
CA THR C 231 -12.85 -27.14 -20.19
C THR C 231 -11.91 -27.30 -21.38
N ALA C 232 -10.81 -26.56 -21.36
CA ALA C 232 -9.85 -26.57 -22.46
C ALA C 232 -9.13 -27.92 -22.55
N ALA C 233 -8.83 -28.51 -21.39
CA ALA C 233 -8.14 -29.79 -21.35
C ALA C 233 -9.09 -30.93 -21.68
N SER C 234 -10.32 -30.85 -21.19
CA SER C 234 -11.30 -31.91 -21.36
C SER C 234 -12.03 -31.80 -22.70
N SER C 235 -12.38 -30.58 -23.09
CA SER C 235 -13.12 -30.35 -24.33
C SER C 235 -12.25 -29.68 -25.39
N SER C 236 -12.87 -29.33 -26.51
CA SER C 236 -12.19 -28.64 -27.60
C SER C 236 -13.10 -27.56 -28.17
N SER C 237 -13.96 -27.01 -27.30
CA SER C 237 -14.94 -26.02 -27.71
C SER C 237 -14.32 -24.61 -27.75
N LEU C 238 -13.17 -24.46 -27.11
CA LEU C 238 -12.51 -23.16 -26.99
C LEU C 238 -11.42 -22.98 -28.04
N GLU C 239 -11.06 -24.06 -28.72
CA GLU C 239 -10.07 -23.99 -29.79
C GLU C 239 -10.56 -23.10 -30.92
N LYS C 240 -9.63 -22.42 -31.58
CA LYS C 240 -9.97 -21.56 -32.71
C LYS C 240 -8.79 -21.49 -33.68
N SER C 241 -9.10 -21.55 -34.97
CA SER C 241 -8.07 -21.60 -36.01
C SER C 241 -7.73 -20.21 -36.52
N TYR C 242 -6.45 -19.98 -36.81
CA TYR C 242 -5.97 -18.70 -37.30
C TYR C 242 -5.01 -18.90 -38.48
N GLU C 243 -5.20 -18.12 -39.54
CA GLU C 243 -4.39 -18.27 -40.74
C GLU C 243 -3.10 -17.46 -40.65
N LEU C 244 -1.98 -18.17 -40.51
CA LEU C 244 -0.67 -17.54 -40.52
C LEU C 244 -0.44 -16.94 -41.92
N PRO C 245 0.25 -15.79 -42.01
CA PRO C 245 0.43 -15.08 -43.28
C PRO C 245 0.80 -15.95 -44.49
N ASP C 246 1.63 -16.98 -44.30
CA ASP C 246 2.07 -17.80 -45.42
C ASP C 246 1.00 -18.82 -45.84
N GLY C 247 -0.10 -18.88 -45.10
CA GLY C 247 -1.19 -19.78 -45.40
C GLY C 247 -1.34 -20.88 -44.37
N GLN C 248 -0.26 -21.17 -43.64
CA GLN C 248 -0.28 -22.19 -42.60
C GLN C 248 -1.33 -21.86 -41.55
N VAL C 249 -1.97 -22.89 -41.00
CA VAL C 249 -3.01 -22.72 -40.00
C VAL C 249 -2.53 -23.20 -38.64
N ILE C 250 -2.96 -22.50 -37.59
CA ILE C 250 -2.66 -22.89 -36.22
C ILE C 250 -3.95 -22.86 -35.40
N THR C 251 -4.11 -23.85 -34.53
CA THR C 251 -5.34 -24.01 -33.76
C THR C 251 -5.12 -23.71 -32.27
N ILE C 252 -4.79 -22.47 -31.98
CA ILE C 252 -4.60 -22.02 -30.61
C ILE C 252 -5.84 -22.31 -29.76
N GLY C 253 -5.60 -22.74 -28.52
CA GLY C 253 -6.68 -23.18 -27.64
C GLY C 253 -6.78 -22.38 -26.36
N ASN C 254 -6.22 -22.92 -25.29
CA ASN C 254 -6.30 -22.28 -23.98
C ASN C 254 -5.50 -20.99 -23.90
N GLU C 255 -4.61 -20.78 -24.87
CA GLU C 255 -3.77 -19.59 -24.90
C GLU C 255 -4.60 -18.32 -25.05
N ARG C 256 -5.84 -18.46 -25.51
CA ARG C 256 -6.72 -17.31 -25.70
C ARG C 256 -6.97 -16.56 -24.40
N PHE C 257 -7.22 -17.31 -23.33
CA PHE C 257 -7.53 -16.71 -22.04
C PHE C 257 -6.36 -16.77 -21.06
N ARG C 258 -5.39 -17.64 -21.34
CA ARG C 258 -4.20 -17.74 -20.51
C ARG C 258 -3.36 -16.48 -20.60
N CYS C 259 -3.31 -15.89 -21.78
CA CYS C 259 -2.49 -14.70 -22.00
C CYS C 259 -3.03 -13.48 -21.25
N PRO C 260 -4.31 -13.12 -21.47
CA PRO C 260 -4.84 -11.99 -20.69
C PRO C 260 -4.99 -12.29 -19.21
N GLU C 261 -4.77 -13.53 -18.79
CA GLU C 261 -4.85 -13.88 -17.38
C GLU C 261 -3.68 -13.26 -16.61
N ALA C 262 -2.57 -13.04 -17.31
CA ALA C 262 -1.37 -12.47 -16.71
C ALA C 262 -1.67 -11.10 -16.11
N LEU C 263 -2.68 -10.43 -16.65
CA LEU C 263 -3.13 -9.15 -16.12
C LEU C 263 -3.53 -9.32 -14.65
N PHE C 264 -4.42 -10.27 -14.39
CA PHE C 264 -4.95 -10.47 -13.05
C PHE C 264 -3.99 -11.25 -12.17
N GLN C 265 -3.10 -12.02 -12.80
CA GLN C 265 -2.08 -12.77 -12.08
C GLN C 265 -0.71 -12.47 -12.68
N PRO C 266 -0.12 -11.32 -12.31
CA PRO C 266 1.21 -10.94 -12.78
C PRO C 266 2.28 -12.00 -12.51
N SER C 267 1.99 -12.91 -11.59
CA SER C 267 2.90 -13.99 -11.27
C SER C 267 3.14 -14.91 -12.48
N PHE C 268 2.24 -14.86 -13.45
CA PHE C 268 2.40 -15.62 -14.69
C PHE C 268 3.62 -15.15 -15.47
N LEU C 269 4.01 -13.90 -15.25
CA LEU C 269 5.16 -13.31 -15.94
C LEU C 269 6.39 -13.24 -15.02
N GLY C 270 6.20 -13.62 -13.76
CA GLY C 270 7.29 -13.62 -12.79
C GLY C 270 7.43 -12.28 -12.09
N MET C 271 6.30 -11.69 -11.74
CA MET C 271 6.28 -10.39 -11.06
C MET C 271 5.59 -10.51 -9.70
N GLU C 272 6.13 -9.81 -8.71
CA GLU C 272 5.64 -9.89 -7.34
C GLU C 272 4.40 -9.03 -7.14
N ALA C 273 4.27 -8.00 -7.96
CA ALA C 273 3.16 -7.05 -7.84
C ALA C 273 1.81 -7.74 -8.02
N CYS C 274 0.77 -7.11 -7.51
CA CYS C 274 -0.58 -7.66 -7.58
C CYS C 274 -1.22 -7.34 -8.93
N GLY C 275 -2.35 -7.99 -9.20
CA GLY C 275 -3.08 -7.77 -10.43
C GLY C 275 -3.70 -6.38 -10.47
N ILE C 276 -4.61 -6.16 -11.42
CA ILE C 276 -5.21 -4.86 -11.61
C ILE C 276 -6.42 -4.71 -10.70
N HIS C 277 -7.13 -5.81 -10.48
CA HIS C 277 -8.28 -5.81 -9.60
C HIS C 277 -7.85 -5.40 -8.18
N GLU C 278 -6.67 -5.83 -7.78
CA GLU C 278 -6.13 -5.47 -6.47
C GLU C 278 -5.60 -4.04 -6.50
N THR C 279 -4.90 -3.70 -7.59
CA THR C 279 -4.33 -2.37 -7.75
C THR C 279 -5.42 -1.30 -7.68
N THR C 280 -6.59 -1.62 -8.22
CA THR C 280 -7.71 -0.68 -8.22
C THR C 280 -8.24 -0.51 -6.80
N TYR C 281 -8.44 -1.64 -6.12
CA TYR C 281 -8.91 -1.64 -4.73
C TYR C 281 -7.92 -0.89 -3.84
N ASN C 282 -6.64 -1.20 -4.02
CA ASN C 282 -5.58 -0.55 -3.24
C ASN C 282 -5.55 0.95 -3.48
N SER C 283 -5.73 1.35 -4.73
CA SER C 283 -5.71 2.76 -5.09
C SER C 283 -6.87 3.53 -4.46
N ILE C 284 -8.07 2.96 -4.53
CA ILE C 284 -9.27 3.62 -4.03
C ILE C 284 -9.22 3.85 -2.52
N MET C 285 -8.88 2.80 -1.77
CA MET C 285 -8.93 2.86 -0.31
C MET C 285 -8.08 3.98 0.29
N LYS C 286 -6.93 4.25 -0.32
CA LYS C 286 -6.04 5.28 0.20
C LYS C 286 -6.44 6.69 -0.25
N CYS C 287 -7.71 6.85 -0.62
CA CYS C 287 -8.28 8.17 -0.89
C CYS C 287 -9.15 8.59 0.29
N ALA C 288 -9.87 9.71 0.13
CA ALA C 288 -10.81 10.16 1.13
C ALA C 288 -12.02 9.23 1.17
N ALA C 289 -12.41 8.83 2.37
CA ALA C 289 -13.54 7.91 2.55
C ALA C 289 -14.83 8.52 2.02
N ALA C 290 -14.89 9.85 1.98
CA ALA C 290 -16.11 10.54 1.62
C ALA C 290 -16.53 10.31 0.16
N ILE C 291 -15.57 9.93 -0.68
CA ILE C 291 -15.82 9.79 -2.12
C ILE C 291 -15.58 8.38 -2.66
N ARG C 292 -15.14 7.47 -1.80
CA ARG C 292 -14.82 6.11 -2.24
C ARG C 292 -16.00 5.41 -2.90
N LYS C 293 -17.21 5.72 -2.46
CA LYS C 293 -18.41 5.11 -3.04
C LYS C 293 -18.75 5.75 -4.37
N ASP C 294 -18.23 6.94 -4.62
CA ASP C 294 -18.37 7.59 -5.91
C ASP C 294 -17.35 7.00 -6.88
N LEU C 295 -16.17 6.65 -6.35
CA LEU C 295 -15.12 6.05 -7.16
C LEU C 295 -15.54 4.65 -7.60
N TYR C 296 -16.08 3.87 -6.65
CA TYR C 296 -16.63 2.56 -6.96
C TYR C 296 -17.73 2.69 -8.01
N ALA C 297 -18.52 3.77 -7.89
CA ALA C 297 -19.62 4.01 -8.80
C ALA C 297 -19.13 4.65 -10.11
N ASN C 298 -17.83 4.87 -10.22
CA ASN C 298 -17.24 5.46 -11.42
C ASN C 298 -15.85 4.89 -11.72
N THR C 299 -15.81 3.59 -12.01
CA THR C 299 -14.55 2.92 -12.35
C THR C 299 -14.44 2.72 -13.86
N VAL C 300 -13.74 3.63 -14.53
CA VAL C 300 -13.64 3.62 -15.99
C VAL C 300 -12.47 2.79 -16.47
N LEU C 301 -12.69 2.04 -17.56
CA LEU C 301 -11.62 1.32 -18.23
C LEU C 301 -11.09 2.13 -19.41
N SER C 302 -9.77 2.10 -19.59
CA SER C 302 -9.13 2.87 -20.66
C SER C 302 -7.88 2.15 -21.16
N GLY C 303 -7.55 2.38 -22.42
CA GLY C 303 -6.35 1.81 -23.01
C GLY C 303 -6.61 0.54 -23.79
N GLY C 304 -5.75 0.28 -24.77
CA GLY C 304 -5.91 -0.84 -25.68
C GLY C 304 -5.90 -2.20 -25.00
N THR C 305 -5.13 -2.33 -23.93
CA THR C 305 -5.05 -3.60 -23.20
C THR C 305 -6.35 -3.94 -22.48
N THR C 306 -7.23 -2.96 -22.32
CA THR C 306 -8.53 -3.20 -21.67
C THR C 306 -9.63 -3.50 -22.69
N MET C 307 -9.25 -3.83 -23.92
CA MET C 307 -10.22 -4.08 -24.98
C MET C 307 -10.64 -5.55 -25.09
N TYR C 308 -10.00 -6.41 -24.31
CA TYR C 308 -10.37 -7.82 -24.30
C TYR C 308 -11.83 -7.99 -23.93
N PRO C 309 -12.58 -8.80 -24.71
CA PRO C 309 -13.98 -9.00 -24.33
C PRO C 309 -14.11 -9.76 -23.02
N GLY C 310 -15.12 -9.41 -22.22
CA GLY C 310 -15.37 -10.10 -20.97
C GLY C 310 -14.41 -9.73 -19.86
N ILE C 311 -13.72 -8.60 -20.00
CA ILE C 311 -12.76 -8.16 -19.00
C ILE C 311 -13.43 -7.27 -17.95
N ALA C 312 -14.41 -6.50 -18.37
CA ALA C 312 -15.14 -5.62 -17.47
C ALA C 312 -15.99 -6.43 -16.51
N ASP C 313 -16.46 -7.58 -16.98
CA ASP C 313 -17.25 -8.48 -16.14
C ASP C 313 -16.39 -9.06 -15.03
N ARG C 314 -15.13 -9.36 -15.35
CA ARG C 314 -14.24 -9.96 -14.35
C ARG C 314 -13.77 -8.92 -13.35
N MET C 315 -13.69 -7.66 -13.76
CA MET C 315 -13.40 -6.57 -12.84
C MET C 315 -14.56 -6.46 -11.84
N GLN C 316 -15.78 -6.37 -12.38
CA GLN C 316 -17.00 -6.32 -11.58
C GLN C 316 -17.04 -7.51 -10.64
N LYS C 317 -16.71 -8.69 -11.17
CA LYS C 317 -16.72 -9.93 -10.40
C LYS C 317 -15.65 -9.93 -9.33
N GLU C 318 -14.42 -9.59 -9.73
CA GLU C 318 -13.27 -9.77 -8.85
C GLU C 318 -13.20 -8.78 -7.69
N ILE C 319 -13.73 -7.58 -7.88
CA ILE C 319 -13.72 -6.59 -6.79
C ILE C 319 -14.68 -6.99 -5.67
N THR C 320 -15.83 -7.52 -6.04
CA THR C 320 -16.86 -7.88 -5.05
C THR C 320 -16.30 -8.82 -3.99
N ALA C 321 -15.29 -9.59 -4.35
CA ALA C 321 -14.60 -10.45 -3.40
C ALA C 321 -13.74 -9.61 -2.47
N LEU C 322 -13.04 -8.63 -3.04
CA LEU C 322 -12.17 -7.74 -2.29
C LEU C 322 -12.80 -6.35 -2.16
N ALA C 323 -14.01 -6.30 -1.62
CA ALA C 323 -14.76 -5.06 -1.49
C ALA C 323 -15.81 -5.23 -0.40
N PRO C 324 -16.39 -4.12 0.08
CA PRO C 324 -17.46 -4.27 1.07
C PRO C 324 -18.65 -5.03 0.51
N SER C 325 -19.16 -5.98 1.29
CA SER C 325 -20.23 -6.87 0.82
C SER C 325 -21.52 -6.13 0.50
N THR C 326 -21.57 -4.84 0.83
CA THR C 326 -22.76 -4.02 0.56
C THR C 326 -23.15 -4.06 -0.91
N ILE C 329 -21.49 -0.40 -7.45
CA ILE C 329 -20.22 -0.50 -8.16
C ILE C 329 -20.45 -0.72 -9.66
N LYS C 330 -20.64 0.36 -10.40
CA LYS C 330 -20.78 0.29 -11.85
C LYS C 330 -19.42 0.53 -12.51
N ILE C 331 -19.00 -0.42 -13.34
CA ILE C 331 -17.74 -0.32 -14.07
C ILE C 331 -18.03 0.10 -15.51
N ILE C 332 -17.48 1.24 -15.90
CA ILE C 332 -17.75 1.85 -17.19
C ILE C 332 -16.66 1.49 -18.19
N ALA C 333 -17.03 0.71 -19.20
CA ALA C 333 -16.10 0.27 -20.23
C ALA C 333 -16.60 0.73 -21.61
N PRO C 334 -16.39 2.01 -21.94
CA PRO C 334 -16.88 2.51 -23.22
C PRO C 334 -16.24 1.79 -24.40
N PRO C 335 -16.98 1.61 -25.50
CA PRO C 335 -16.45 0.87 -26.67
C PRO C 335 -15.33 1.62 -27.38
N GLU C 336 -15.12 2.88 -27.03
CA GLU C 336 -14.10 3.71 -27.67
C GLU C 336 -12.94 3.99 -26.72
N ARG C 337 -12.70 3.06 -25.81
CA ARG C 337 -11.68 3.25 -24.77
C ARG C 337 -10.26 2.94 -25.25
N LYS C 338 -10.10 2.79 -26.56
CA LYS C 338 -8.78 2.61 -27.15
C LYS C 338 -8.18 3.98 -27.44
N TYR C 339 -9.06 4.96 -27.67
CA TYR C 339 -8.65 6.33 -27.96
C TYR C 339 -9.36 7.32 -27.04
N SER C 340 -9.87 6.84 -25.91
CA SER C 340 -10.62 7.69 -24.99
C SER C 340 -9.74 8.78 -24.38
N VAL C 341 -8.44 8.53 -24.30
CA VAL C 341 -7.50 9.53 -23.84
C VAL C 341 -7.45 10.69 -24.83
N TRP C 342 -7.42 10.36 -26.12
CA TRP C 342 -7.37 11.37 -27.15
C TRP C 342 -8.72 12.09 -27.27
N ILE C 343 -9.80 11.32 -27.22
CA ILE C 343 -11.14 11.89 -27.36
C ILE C 343 -11.40 12.88 -26.23
N GLY C 344 -10.93 12.56 -25.04
CA GLY C 344 -11.02 13.46 -23.90
C GLY C 344 -10.31 14.76 -24.19
N GLY C 345 -9.16 14.66 -24.86
CA GLY C 345 -8.39 15.82 -25.23
C GLY C 345 -9.09 16.65 -26.29
N SER C 346 -9.83 15.98 -27.17
CA SER C 346 -10.56 16.67 -28.23
C SER C 346 -11.67 17.53 -27.63
N ILE C 347 -12.39 16.95 -26.67
CA ILE C 347 -13.46 17.67 -25.98
C ILE C 347 -12.86 18.86 -25.23
N LEU C 348 -11.85 18.58 -24.40
CA LEU C 348 -11.22 19.61 -23.56
C LEU C 348 -10.65 20.76 -24.39
N ALA C 349 -9.91 20.43 -25.44
CA ALA C 349 -9.24 21.44 -26.25
C ALA C 349 -10.20 22.25 -27.12
N SER C 350 -11.47 21.84 -27.13
CA SER C 350 -12.48 22.52 -27.93
C SER C 350 -13.47 23.29 -27.07
N LEU C 351 -13.48 23.03 -25.76
CA LEU C 351 -14.37 23.72 -24.85
C LEU C 351 -14.08 25.22 -24.83
N SER C 352 -15.14 26.02 -24.78
CA SER C 352 -15.02 27.47 -24.76
C SER C 352 -14.65 27.97 -23.37
N THR C 353 -14.93 27.16 -22.35
CA THR C 353 -14.63 27.52 -20.97
C THR C 353 -13.22 27.07 -20.56
N PHE C 354 -12.38 26.83 -21.56
CA PHE C 354 -11.03 26.31 -21.33
C PHE C 354 -9.98 27.20 -21.99
N GLN C 355 -10.41 28.07 -22.90
CA GLN C 355 -9.50 28.89 -23.69
C GLN C 355 -8.56 29.75 -22.85
N GLN C 356 -8.92 29.96 -21.58
CA GLN C 356 -8.10 30.74 -20.67
C GLN C 356 -7.05 29.88 -19.98
N MET C 357 -7.28 28.57 -19.97
CA MET C 357 -6.39 27.64 -19.28
C MET C 357 -5.08 27.41 -20.03
N TRP C 358 -5.05 27.82 -21.30
CA TRP C 358 -3.85 27.63 -22.12
C TRP C 358 -2.69 28.45 -21.60
N ILE C 359 -1.48 28.01 -21.94
CA ILE C 359 -0.26 28.75 -21.62
C ILE C 359 0.18 29.53 -22.85
N SER C 360 -0.02 30.85 -22.82
CA SER C 360 0.33 31.68 -23.97
C SER C 360 1.84 31.81 -24.11
N LYS C 361 2.27 32.40 -25.22
CA LYS C 361 3.69 32.65 -25.47
C LYS C 361 4.28 33.52 -24.37
N GLN C 362 3.62 34.63 -24.07
CA GLN C 362 4.08 35.58 -23.07
C GLN C 362 4.27 34.90 -21.72
N GLU C 363 3.29 34.08 -21.33
CA GLU C 363 3.36 33.36 -20.06
C GLU C 363 4.61 32.49 -19.98
N TYR C 364 5.08 32.00 -21.13
CA TYR C 364 6.30 31.20 -21.17
C TYR C 364 7.54 32.07 -21.28
N ASP C 365 7.45 33.15 -22.06
CA ASP C 365 8.58 34.04 -22.27
C ASP C 365 8.99 34.75 -20.98
N GLU C 366 8.08 34.80 -20.02
CA GLU C 366 8.33 35.52 -18.77
C GLU C 366 8.80 34.57 -17.66
N SER C 367 8.10 33.45 -17.49
CA SER C 367 8.35 32.54 -16.38
C SER C 367 9.20 31.34 -16.82
N GLY C 368 9.32 31.13 -18.12
CA GLY C 368 10.10 30.02 -18.64
C GLY C 368 9.32 28.72 -18.58
N PRO C 369 10.00 27.59 -18.86
CA PRO C 369 9.38 26.26 -18.85
C PRO C 369 8.77 25.87 -17.49
N SER C 370 9.30 26.44 -16.42
CA SER C 370 8.87 26.07 -15.06
C SER C 370 7.43 26.48 -14.77
N ILE C 371 6.81 27.22 -15.67
CA ILE C 371 5.43 27.67 -15.48
C ILE C 371 4.44 26.51 -15.51
N VAL C 372 4.79 25.45 -16.21
CA VAL C 372 3.88 24.33 -16.42
C VAL C 372 3.35 23.75 -15.11
N HIS C 373 4.13 23.85 -14.05
CA HIS C 373 3.78 23.25 -12.77
C HIS C 373 2.53 23.87 -12.14
N ARG C 374 2.26 25.14 -12.46
CA ARG C 374 1.10 25.83 -11.89
C ARG C 374 -0.13 25.73 -12.81
N LYS C 375 0.10 25.88 -14.11
CA LYS C 375 -0.99 25.93 -15.07
C LYS C 375 -1.60 24.55 -15.33
N CYS C 376 -0.80 23.52 -15.09
CA CYS C 376 -1.21 22.14 -15.38
C CYS C 376 -1.03 21.25 -14.15
N VAL D 7 23.36 -12.79 39.32
CA VAL D 7 23.25 -12.94 37.88
C VAL D 7 22.79 -11.63 37.23
N ALA D 8 23.37 -11.32 36.08
CA ALA D 8 23.03 -10.09 35.36
C ALA D 8 21.70 -10.25 34.62
N ALA D 9 20.96 -9.16 34.51
CA ALA D 9 19.64 -9.17 33.88
C ALA D 9 19.73 -8.77 32.41
N LEU D 10 18.88 -9.36 31.59
CA LEU D 10 18.79 -9.02 30.17
C LEU D 10 17.71 -7.97 29.94
N VAL D 11 17.86 -7.22 28.84
CA VAL D 11 16.90 -6.19 28.47
C VAL D 11 16.64 -6.28 26.97
N VAL D 12 15.39 -6.50 26.60
CA VAL D 12 15.00 -6.67 25.21
C VAL D 12 13.88 -5.71 24.82
N ASP D 13 14.18 -4.81 23.90
CA ASP D 13 13.18 -3.88 23.36
C ASP D 13 12.79 -4.32 21.96
N ASN D 14 11.59 -4.88 21.84
CA ASN D 14 11.10 -5.37 20.56
C ASN D 14 10.31 -4.30 19.82
N GLY D 15 10.80 -3.92 18.64
CA GLY D 15 10.16 -2.91 17.82
C GLY D 15 9.54 -3.50 16.58
N SER D 16 8.72 -2.71 15.89
CA SER D 16 8.09 -3.14 14.65
C SER D 16 9.13 -3.43 13.59
N GLY D 17 10.16 -2.58 13.55
CA GLY D 17 11.19 -2.66 12.53
C GLY D 17 12.52 -3.20 13.04
N MET D 18 12.88 -2.81 14.26
CA MET D 18 14.18 -3.17 14.82
C MET D 18 14.06 -3.71 16.24
N CYS D 19 14.93 -4.66 16.58
CA CYS D 19 14.97 -5.26 17.91
C CYS D 19 16.31 -4.98 18.58
N LYS D 20 16.25 -4.35 19.75
CA LYS D 20 17.44 -3.96 20.49
C LYS D 20 17.54 -4.78 21.77
N ALA D 21 18.64 -5.53 21.91
CA ALA D 21 18.85 -6.40 23.05
C ALA D 21 20.23 -6.17 23.67
N GLY D 22 20.32 -6.35 24.97
CA GLY D 22 21.58 -6.19 25.68
C GLY D 22 21.49 -6.62 27.13
N PHE D 23 22.40 -6.12 27.95
CA PHE D 23 22.45 -6.45 29.36
C PHE D 23 22.18 -5.20 30.21
N ALA D 24 21.49 -5.39 31.33
CA ALA D 24 21.18 -4.28 32.22
C ALA D 24 22.48 -3.73 32.82
N GLY D 25 22.58 -2.40 32.87
CA GLY D 25 23.77 -1.74 33.38
C GLY D 25 24.53 -1.05 32.26
N ASP D 26 24.52 -1.67 31.09
CA ASP D 26 25.20 -1.10 29.92
C ASP D 26 24.44 0.14 29.46
N ASP D 27 25.18 1.09 28.90
CA ASP D 27 24.59 2.35 28.44
C ASP D 27 23.98 2.21 27.05
N ALA D 28 24.01 1.01 26.50
CA ALA D 28 23.46 0.76 25.17
C ALA D 28 23.30 -0.74 24.92
N PRO D 29 22.41 -1.11 23.97
CA PRO D 29 22.24 -2.52 23.63
C PRO D 29 23.46 -3.10 22.92
N ARG D 30 23.78 -4.36 23.22
CA ARG D 30 24.91 -5.03 22.60
C ARG D 30 24.55 -5.54 21.20
N ALA D 31 23.27 -5.80 20.98
CA ALA D 31 22.78 -6.32 19.71
C ALA D 31 21.63 -5.47 19.17
N VAL D 32 21.65 -5.21 17.88
CA VAL D 32 20.58 -4.48 17.21
C VAL D 32 20.38 -5.04 15.81
N PHE D 33 19.21 -5.63 15.56
CA PHE D 33 18.91 -6.25 14.27
C PHE D 33 17.42 -6.11 13.94
N PRO D 34 17.08 -6.15 12.64
CA PRO D 34 15.69 -6.03 12.22
C PRO D 34 14.79 -7.14 12.77
N SER D 35 13.56 -6.80 13.15
CA SER D 35 12.58 -7.78 13.59
C SER D 35 11.89 -8.42 12.40
N ILE D 36 12.60 -9.32 11.73
CA ILE D 36 12.08 -9.98 10.53
C ILE D 36 12.36 -11.48 10.56
N VAL D 37 11.44 -12.24 9.97
CA VAL D 37 11.60 -13.68 9.81
C VAL D 37 11.37 -14.06 8.35
N GLY D 38 12.39 -14.68 7.75
CA GLY D 38 12.29 -15.18 6.39
C GLY D 38 12.19 -16.69 6.40
N ARG D 39 11.30 -17.23 5.58
CA ARG D 39 11.15 -18.68 5.44
C ARG D 39 11.23 -19.09 3.97
N PRO D 40 11.75 -20.30 3.70
CA PRO D 40 11.84 -20.72 2.30
C PRO D 40 10.49 -21.16 1.75
N ARG D 41 10.52 -21.98 0.70
CA ARG D 41 9.30 -22.60 0.16
C ARG D 41 9.44 -24.12 0.21
N HIS D 42 9.02 -24.70 1.31
CA HIS D 42 9.09 -26.16 1.51
C HIS D 42 8.38 -26.90 0.40
N LYS D 52 17.49 -25.85 6.63
CA LYS D 52 16.87 -24.90 7.55
C LYS D 52 15.41 -24.65 7.17
N ASP D 53 14.70 -23.94 8.05
CA ASP D 53 13.29 -23.64 7.83
C ASP D 53 12.96 -22.18 8.15
N SER D 54 13.93 -21.44 8.67
CA SER D 54 13.71 -20.04 9.04
C SER D 54 15.03 -19.30 9.24
N TYR D 55 15.01 -18.00 8.94
CA TYR D 55 16.16 -17.14 9.15
C TYR D 55 15.72 -15.85 9.83
N VAL D 56 16.54 -15.37 10.76
CA VAL D 56 16.23 -14.17 11.54
C VAL D 56 17.37 -13.16 11.46
N GLY D 57 17.01 -11.88 11.44
CA GLY D 57 17.99 -10.81 11.45
C GLY D 57 18.45 -10.40 10.07
N ASP D 58 19.61 -9.77 10.00
CA ASP D 58 20.18 -9.31 8.74
C ASP D 58 20.32 -10.45 7.74
N GLU D 59 20.57 -11.65 8.27
CA GLU D 59 20.74 -12.84 7.46
C GLU D 59 19.51 -13.11 6.60
N ALA D 60 18.34 -12.72 7.10
CA ALA D 60 17.10 -12.88 6.36
C ALA D 60 17.03 -11.89 5.21
N GLN D 61 17.62 -10.71 5.41
CA GLN D 61 17.62 -9.67 4.38
C GLN D 61 18.62 -9.98 3.27
N SER D 62 19.77 -10.52 3.65
CA SER D 62 20.79 -10.89 2.67
C SER D 62 20.27 -12.02 1.78
N LYS D 63 19.39 -12.84 2.33
CA LYS D 63 18.78 -13.95 1.60
C LYS D 63 17.35 -13.60 1.20
N ARG D 64 17.14 -12.37 0.78
CA ARG D 64 15.81 -11.90 0.38
C ARG D 64 15.28 -12.67 -0.83
N GLY D 65 16.18 -13.03 -1.73
CA GLY D 65 15.80 -13.69 -2.97
C GLY D 65 15.21 -15.08 -2.77
N ILE D 66 15.68 -15.78 -1.75
CA ILE D 66 15.25 -17.14 -1.48
C ILE D 66 14.02 -17.17 -0.57
N LEU D 67 13.95 -16.22 0.36
CA LEU D 67 12.96 -16.24 1.42
C LEU D 67 11.84 -15.22 1.22
N THR D 68 10.71 -15.47 1.89
CA THR D 68 9.63 -14.50 1.98
C THR D 68 9.64 -13.88 3.37
N LEU D 69 10.02 -12.61 3.45
CA LEU D 69 10.21 -11.95 4.74
C LEU D 69 8.92 -11.36 5.30
N LYS D 70 8.75 -11.47 6.61
CA LYS D 70 7.56 -10.95 7.28
C LYS D 70 7.91 -10.39 8.66
N TYR D 71 7.03 -9.54 9.18
CA TYR D 71 7.24 -8.86 10.45
C TYR D 71 6.26 -9.37 11.51
N PRO D 72 6.76 -10.00 12.58
CA PRO D 72 5.85 -10.48 13.63
C PRO D 72 5.19 -9.34 14.42
N ILE D 73 5.92 -8.24 14.61
CA ILE D 73 5.36 -7.05 15.24
C ILE D 73 4.99 -6.05 14.17
N GLU D 74 3.72 -5.67 14.14
CA GLU D 74 3.21 -4.71 13.18
C GLU D 74 2.41 -3.64 13.89
N HIS D 75 2.78 -2.40 13.66
CA HIS D 75 2.20 -1.25 14.36
C HIS D 75 2.39 -1.37 15.87
N GLY D 76 3.46 -2.06 16.27
CA GLY D 76 3.83 -2.17 17.67
C GLY D 76 3.29 -3.41 18.37
N ILE D 77 2.32 -4.08 17.74
CA ILE D 77 1.68 -5.24 18.32
C ILE D 77 2.15 -6.54 17.65
N VAL D 78 2.38 -7.58 18.44
CA VAL D 78 2.72 -8.89 17.90
C VAL D 78 1.52 -9.49 17.17
N THR D 79 1.78 -10.00 15.97
CA THR D 79 0.73 -10.53 15.10
C THR D 79 0.95 -11.99 14.72
N ASN D 80 2.11 -12.53 15.10
CA ASN D 80 2.46 -13.91 14.77
C ASN D 80 3.49 -14.45 15.76
N TRP D 81 3.02 -15.19 16.75
CA TRP D 81 3.87 -15.60 17.87
C TRP D 81 4.87 -16.70 17.52
N ASP D 82 4.62 -17.41 16.42
CA ASP D 82 5.57 -18.41 15.94
C ASP D 82 6.86 -17.71 15.51
N ASP D 83 6.70 -16.59 14.84
CA ASP D 83 7.83 -15.80 14.37
C ASP D 83 8.46 -15.02 15.51
N MET D 84 7.62 -14.55 16.43
CA MET D 84 8.11 -13.79 17.58
C MET D 84 8.95 -14.68 18.48
N GLU D 85 8.50 -15.92 18.68
CA GLU D 85 9.23 -16.88 19.49
C GLU D 85 10.60 -17.16 18.90
N LYS D 86 10.71 -17.05 17.57
CA LYS D 86 11.98 -17.29 16.89
C LYS D 86 12.92 -16.09 17.03
N ILE D 87 12.36 -14.89 17.03
CA ILE D 87 13.16 -13.68 17.20
C ILE D 87 13.89 -13.70 18.55
N TRP D 88 13.19 -14.13 19.59
CA TRP D 88 13.77 -14.21 20.92
C TRP D 88 14.79 -15.34 21.00
N HIS D 89 14.47 -16.48 20.37
CA HIS D 89 15.40 -17.60 20.32
C HIS D 89 16.68 -17.15 19.64
N HIS D 90 16.55 -16.34 18.61
CA HIS D 90 17.69 -15.79 17.90
C HIS D 90 18.40 -14.74 18.76
N THR D 91 17.61 -13.95 19.49
CA THR D 91 18.17 -12.90 20.34
C THR D 91 19.02 -13.50 21.45
N PHE D 92 18.56 -14.61 22.02
CA PHE D 92 19.22 -15.22 23.15
C PHE D 92 20.47 -16.01 22.74
N TYR D 93 20.30 -16.97 21.84
CA TYR D 93 21.35 -17.93 21.54
C TYR D 93 22.35 -17.45 20.48
N ASN D 94 21.90 -16.60 19.56
CA ASN D 94 22.76 -16.12 18.47
C ASN D 94 23.34 -14.73 18.71
N GLU D 95 22.47 -13.76 19.02
CA GLU D 95 22.89 -12.37 19.14
C GLU D 95 23.61 -12.09 20.46
N LEU D 96 23.01 -12.51 21.57
CA LEU D 96 23.58 -12.26 22.90
C LEU D 96 24.43 -13.43 23.37
N ARG D 97 24.13 -14.63 22.86
CA ARG D 97 24.86 -15.85 23.24
C ARG D 97 24.78 -16.09 24.75
N VAL D 98 23.58 -16.36 25.23
CA VAL D 98 23.35 -16.64 26.64
C VAL D 98 22.22 -17.67 26.80
N ALA D 99 22.12 -18.22 28.01
CA ALA D 99 21.04 -19.16 28.33
C ALA D 99 19.96 -18.42 29.12
N PRO D 100 18.73 -18.37 28.59
CA PRO D 100 17.68 -17.60 29.27
C PRO D 100 17.33 -18.13 30.66
N GLU D 101 17.56 -19.42 30.89
CA GLU D 101 17.18 -20.04 32.16
C GLU D 101 18.07 -19.61 33.32
N GLU D 102 19.09 -18.80 33.02
CA GLU D 102 19.99 -18.27 34.06
C GLU D 102 20.13 -16.76 33.91
N HIS D 103 19.08 -16.12 33.41
CA HIS D 103 19.06 -14.66 33.26
C HIS D 103 17.62 -14.14 33.35
N PRO D 104 17.37 -13.19 34.28
CA PRO D 104 16.05 -12.55 34.27
C PRO D 104 15.93 -11.58 33.11
N VAL D 105 14.79 -11.62 32.40
CA VAL D 105 14.62 -10.86 31.17
C VAL D 105 13.61 -9.72 31.34
N LEU D 106 14.03 -8.51 31.00
CA LEU D 106 13.11 -7.37 30.96
C LEU D 106 12.69 -7.08 29.53
N LEU D 107 11.44 -7.37 29.21
CA LEU D 107 10.89 -7.12 27.89
C LEU D 107 10.18 -5.76 27.88
N THR D 108 9.66 -5.39 26.72
CA THR D 108 8.92 -4.13 26.58
C THR D 108 7.65 -4.36 25.77
N GLU D 109 6.77 -3.37 25.77
CA GLU D 109 5.53 -3.45 25.02
C GLU D 109 4.97 -2.07 24.72
N ALA D 110 4.09 -1.99 23.74
CA ALA D 110 3.49 -0.72 23.35
C ALA D 110 2.35 -0.36 24.29
N PRO D 111 1.94 0.92 24.29
CA PRO D 111 0.75 1.30 25.07
C PRO D 111 -0.51 0.60 24.56
N LEU D 112 -1.42 0.28 25.46
CA LEU D 112 -2.68 -0.38 25.11
C LEU D 112 -2.44 -1.73 24.43
N ASN D 113 -1.36 -2.39 24.82
CA ASN D 113 -1.06 -3.72 24.32
C ASN D 113 -2.17 -4.70 24.71
N PRO D 114 -2.73 -5.43 23.72
CA PRO D 114 -3.78 -6.41 24.04
C PRO D 114 -3.39 -7.36 25.17
N LYS D 115 -4.34 -7.65 26.05
CA LYS D 115 -4.07 -8.47 27.23
C LYS D 115 -3.62 -9.87 26.85
N ALA D 116 -4.11 -10.38 25.73
CA ALA D 116 -3.74 -11.71 25.27
C ALA D 116 -2.25 -11.76 24.93
N ASN D 117 -1.74 -10.69 24.34
CA ASN D 117 -0.32 -10.60 24.01
C ASN D 117 0.54 -10.47 25.26
N ARG D 118 -0.01 -9.79 26.27
CA ARG D 118 0.65 -9.69 27.56
C ARG D 118 0.85 -11.08 28.15
N GLU D 119 -0.21 -11.88 28.08
CA GLU D 119 -0.19 -13.24 28.61
C GLU D 119 0.77 -14.10 27.81
N LYS D 120 0.65 -14.06 26.49
CA LYS D 120 1.44 -14.91 25.61
C LYS D 120 2.93 -14.62 25.76
N MET D 121 3.28 -13.34 25.88
CA MET D 121 4.66 -12.93 26.09
C MET D 121 5.21 -13.56 27.36
N THR D 122 4.36 -13.72 28.37
CA THR D 122 4.75 -14.32 29.63
C THR D 122 4.82 -15.84 29.51
N GLN D 123 3.83 -16.41 28.84
CA GLN D 123 3.75 -17.86 28.66
C GLN D 123 4.99 -18.42 27.97
N ILE D 124 5.47 -17.70 26.96
CA ILE D 124 6.62 -18.14 26.18
C ILE D 124 7.91 -18.07 26.99
N MET D 125 8.08 -16.99 27.75
CA MET D 125 9.31 -16.79 28.52
C MET D 125 9.54 -17.89 29.56
N PHE D 126 8.47 -18.42 30.12
CA PHE D 126 8.57 -19.40 31.21
C PHE D 126 8.49 -20.85 30.73
N GLU D 127 7.69 -21.10 29.71
CA GLU D 127 7.47 -22.46 29.23
C GLU D 127 8.48 -22.89 28.18
N THR D 128 8.86 -21.96 27.31
CA THR D 128 9.81 -22.25 26.23
C THR D 128 11.25 -21.95 26.65
N PHE D 129 11.47 -20.78 27.25
CA PHE D 129 12.81 -20.33 27.60
C PHE D 129 13.12 -20.56 29.08
N ASN D 130 12.07 -20.70 29.89
CA ASN D 130 12.23 -20.97 31.32
C ASN D 130 13.04 -19.89 32.03
N THR D 131 12.70 -18.63 31.78
CA THR D 131 13.36 -17.53 32.46
C THR D 131 13.10 -17.64 33.97
N PRO D 132 14.14 -17.46 34.80
CA PRO D 132 13.91 -17.46 36.25
C PRO D 132 12.89 -16.41 36.66
N ALA D 133 12.91 -15.28 35.95
CA ALA D 133 11.96 -14.21 36.21
C ALA D 133 11.90 -13.27 35.02
N MET D 134 10.83 -12.47 34.94
CA MET D 134 10.70 -11.50 33.86
C MET D 134 9.80 -10.34 34.25
N TYR D 135 9.73 -9.35 33.37
CA TYR D 135 8.92 -8.16 33.59
C TYR D 135 8.64 -7.49 32.24
N VAL D 136 7.47 -6.86 32.13
CA VAL D 136 7.09 -6.16 30.91
C VAL D 136 6.81 -4.71 31.22
N ALA D 137 7.61 -3.82 30.64
CA ALA D 137 7.47 -2.39 30.86
C ALA D 137 6.96 -1.69 29.62
N ILE D 138 6.21 -0.61 29.80
CA ILE D 138 5.78 0.22 28.69
C ILE D 138 6.99 0.95 28.14
N GLN D 139 7.13 0.96 26.82
CA GLN D 139 8.31 1.54 26.17
C GLN D 139 8.44 3.03 26.44
N ALA D 140 7.33 3.76 26.29
CA ALA D 140 7.34 5.21 26.49
C ALA D 140 7.71 5.58 27.92
N VAL D 141 7.38 4.71 28.86
CA VAL D 141 7.68 4.94 30.28
C VAL D 141 9.18 4.81 30.53
N LEU D 142 9.81 3.85 29.85
CA LEU D 142 11.24 3.64 29.97
C LEU D 142 12.00 4.84 29.39
N SER D 143 11.49 5.39 28.29
CA SER D 143 12.09 6.56 27.66
C SER D 143 12.11 7.75 28.62
N LEU D 144 11.14 7.80 29.51
CA LEU D 144 11.06 8.90 30.49
C LEU D 144 12.12 8.70 31.56
N TYR D 145 12.34 7.45 31.97
CA TYR D 145 13.36 7.14 32.96
C TYR D 145 14.74 7.54 32.46
N ALA D 146 15.00 7.24 31.19
CA ALA D 146 16.28 7.53 30.56
C ALA D 146 16.56 9.03 30.56
N SER D 147 15.49 9.83 30.58
CA SER D 147 15.62 11.28 30.61
C SER D 147 15.64 11.81 32.04
N GLY D 148 15.56 10.90 33.01
CA GLY D 148 15.60 11.26 34.41
C GLY D 148 14.39 12.06 34.85
N ARG D 149 13.20 11.48 34.65
CA ARG D 149 11.96 12.13 35.03
C ARG D 149 10.89 11.11 35.46
N THR D 150 9.88 11.60 36.15
CA THR D 150 8.74 10.78 36.57
C THR D 150 7.45 11.39 36.00
N THR D 151 7.50 12.68 35.70
CA THR D 151 6.37 13.38 35.09
C THR D 151 6.80 13.97 33.74
N GLY D 152 5.92 13.89 32.76
CA GLY D 152 6.20 14.41 31.44
C GLY D 152 5.53 13.59 30.35
N ILE D 153 5.40 14.18 29.17
CA ILE D 153 4.78 13.51 28.03
C ILE D 153 5.85 13.02 27.07
N VAL D 154 5.65 11.81 26.53
CA VAL D 154 6.65 11.17 25.68
C VAL D 154 6.08 10.87 24.29
N LEU D 155 6.71 11.46 23.28
CA LEU D 155 6.40 11.12 21.89
C LEU D 155 7.32 10.01 21.42
N ASP D 156 6.78 8.80 21.35
CA ASP D 156 7.56 7.63 20.94
C ASP D 156 7.21 7.28 19.51
N SER D 157 8.14 7.54 18.59
CA SER D 157 7.90 7.33 17.16
C SER D 157 9.00 6.46 16.55
N GLY D 158 8.62 5.24 16.17
CA GLY D 158 9.55 4.28 15.63
C GLY D 158 9.31 4.00 14.15
N ASP D 159 9.21 2.72 13.82
CA ASP D 159 9.04 2.29 12.43
C ASP D 159 7.58 2.04 12.09
N GLY D 160 6.85 1.44 13.04
CA GLY D 160 5.50 1.00 12.80
C GLY D 160 4.40 1.92 13.32
N VAL D 161 4.64 2.56 14.46
CA VAL D 161 3.60 3.34 15.12
C VAL D 161 4.17 4.49 15.94
N SER D 162 3.38 5.55 16.09
CA SER D 162 3.72 6.69 16.93
C SER D 162 2.71 6.83 18.06
N HIS D 163 3.21 6.96 19.29
CA HIS D 163 2.36 7.15 20.46
C HIS D 163 2.73 8.42 21.22
N THR D 164 1.70 9.13 21.70
CA THR D 164 1.89 10.24 22.63
C THR D 164 1.37 9.80 24.01
N VAL D 165 2.29 9.60 24.95
CA VAL D 165 1.96 9.01 26.24
C VAL D 165 2.29 9.94 27.41
N PRO D 166 1.25 10.57 28.00
CA PRO D 166 1.47 11.37 29.20
C PRO D 166 1.75 10.51 30.43
N ILE D 167 2.75 10.89 31.22
CA ILE D 167 3.12 10.13 32.43
C ILE D 167 2.95 11.01 33.66
N TYR D 168 2.58 10.38 34.77
CA TYR D 168 2.46 11.08 36.06
C TYR D 168 3.09 10.25 37.16
N GLU D 169 4.27 10.67 37.61
CA GLU D 169 4.99 10.00 38.69
C GLU D 169 5.20 8.52 38.40
N GLY D 170 5.71 8.23 37.20
CA GLY D 170 6.09 6.87 36.83
C GLY D 170 4.95 6.04 36.28
N TYR D 171 3.76 6.63 36.21
CA TYR D 171 2.58 5.92 35.72
C TYR D 171 1.94 6.65 34.54
N ALA D 172 1.71 5.92 33.46
CA ALA D 172 1.06 6.48 32.28
C ALA D 172 -0.41 6.74 32.58
N LEU D 173 -1.04 7.53 31.72
CA LEU D 173 -2.46 7.87 31.84
C LEU D 173 -3.24 7.29 30.67
N PRO D 174 -3.73 6.04 30.81
CA PRO D 174 -4.38 5.30 29.71
C PRO D 174 -5.42 6.08 28.92
N HIS D 175 -6.12 7.00 29.59
CA HIS D 175 -7.20 7.75 28.95
C HIS D 175 -6.67 8.86 28.04
N ALA D 176 -5.46 9.33 28.31
CA ALA D 176 -4.88 10.43 27.57
C ALA D 176 -3.98 9.97 26.42
N ILE D 177 -3.63 8.69 26.41
CA ILE D 177 -2.77 8.14 25.37
C ILE D 177 -3.46 8.14 24.01
N LEU D 178 -2.76 8.68 23.01
CA LEU D 178 -3.26 8.69 21.63
C LEU D 178 -2.30 7.92 20.72
N ARG D 179 -2.88 7.05 19.89
CA ARG D 179 -2.10 6.26 18.93
C ARG D 179 -2.20 6.87 17.53
N LEU D 180 -1.05 7.01 16.89
CA LEU D 180 -0.98 7.56 15.53
C LEU D 180 -0.21 6.62 14.63
N ASP D 181 -0.92 6.01 13.68
CA ASP D 181 -0.29 5.08 12.73
C ASP D 181 0.48 5.84 11.65
N LEU D 182 1.47 6.61 12.09
CA LEU D 182 2.32 7.37 11.18
C LEU D 182 3.74 7.36 11.72
N ALA D 183 4.58 6.50 11.14
CA ALA D 183 5.93 6.28 11.63
C ALA D 183 6.96 6.24 10.50
N GLY D 184 8.15 5.71 10.78
CA GLY D 184 9.26 5.73 9.84
C GLY D 184 8.98 5.05 8.51
N ARG D 185 8.27 3.92 8.55
CA ARG D 185 7.96 3.17 7.32
C ARG D 185 7.16 4.02 6.34
N ASP D 186 6.18 4.75 6.85
CA ASP D 186 5.33 5.59 6.02
C ASP D 186 6.17 6.69 5.36
N LEU D 187 7.12 7.24 6.11
CA LEU D 187 8.01 8.26 5.59
C LEU D 187 8.93 7.69 4.52
N THR D 188 9.45 6.48 4.77
CA THR D 188 10.29 5.80 3.79
C THR D 188 9.53 5.67 2.47
N ASP D 189 8.30 5.15 2.55
CA ASP D 189 7.45 4.99 1.38
C ASP D 189 7.16 6.32 0.71
N TYR D 190 6.99 7.38 1.51
CA TYR D 190 6.73 8.69 0.96
C TYR D 190 7.95 9.20 0.19
N LEU D 191 9.13 8.94 0.73
CA LEU D 191 10.36 9.32 0.06
C LEU D 191 10.53 8.53 -1.23
N MET D 192 10.18 7.25 -1.17
CA MET D 192 10.24 6.39 -2.36
C MET D 192 9.38 6.94 -3.49
N LYS D 193 8.28 7.58 -3.13
CA LYS D 193 7.33 8.07 -4.13
C LYS D 193 7.73 9.42 -4.70
N ILE D 194 8.15 10.35 -3.85
CA ILE D 194 8.53 11.69 -4.31
C ILE D 194 9.82 11.65 -5.10
N LEU D 195 10.64 10.62 -4.90
CA LEU D 195 11.89 10.48 -5.64
C LEU D 195 11.63 10.21 -7.12
N THR D 196 10.42 9.79 -7.45
CA THR D 196 10.04 9.58 -8.84
C THR D 196 9.78 10.91 -9.53
N GLU D 197 9.80 12.00 -8.77
CA GLU D 197 9.66 13.34 -9.34
C GLU D 197 10.97 13.76 -9.98
N ARG D 198 12.07 13.20 -9.50
CA ARG D 198 13.39 13.49 -10.04
C ARG D 198 13.77 12.47 -11.12
N GLY D 199 12.94 11.43 -11.26
CA GLY D 199 13.09 10.46 -12.33
C GLY D 199 13.59 9.09 -11.89
N TYR D 200 13.76 8.90 -10.58
CA TYR D 200 14.25 7.63 -10.05
C TYR D 200 13.12 6.63 -9.90
N SER D 201 13.47 5.37 -9.68
CA SER D 201 12.47 4.30 -9.56
C SER D 201 12.77 3.39 -8.38
N PHE D 202 12.08 3.63 -7.26
CA PHE D 202 12.20 2.81 -6.07
C PHE D 202 10.81 2.28 -5.69
N THR D 203 10.58 1.00 -5.92
CA THR D 203 9.26 0.40 -5.72
C THR D 203 9.34 -0.93 -4.98
N THR D 204 10.36 -1.72 -5.28
CA THR D 204 10.46 -3.06 -4.72
C THR D 204 10.68 -3.03 -3.22
N THR D 205 10.40 -4.16 -2.56
CA THR D 205 10.58 -4.26 -1.12
C THR D 205 12.06 -4.22 -0.75
N ALA D 206 12.92 -4.54 -1.71
CA ALA D 206 14.36 -4.47 -1.49
C ALA D 206 14.85 -3.03 -1.59
N GLU D 207 14.16 -2.24 -2.40
CA GLU D 207 14.55 -0.85 -2.62
C GLU D 207 14.08 0.05 -1.48
N ARG D 208 13.03 -0.36 -0.77
CA ARG D 208 12.54 0.41 0.37
C ARG D 208 13.61 0.40 1.47
N GLU D 209 14.37 -0.69 1.52
CA GLU D 209 15.44 -0.83 2.49
C GLU D 209 16.61 0.08 2.12
N ILE D 210 16.76 0.33 0.82
CA ILE D 210 17.79 1.23 0.34
C ILE D 210 17.39 2.68 0.62
N VAL D 211 16.14 3.02 0.27
CA VAL D 211 15.63 4.37 0.45
C VAL D 211 15.56 4.73 1.94
N ARG D 212 15.44 3.71 2.77
CA ARG D 212 15.43 3.93 4.22
C ARG D 212 16.74 4.57 4.65
N ASP D 213 17.86 4.02 4.19
CA ASP D 213 19.17 4.52 4.58
C ASP D 213 19.41 5.92 4.02
N ILE D 214 18.78 6.23 2.89
CA ILE D 214 18.85 7.56 2.33
C ILE D 214 18.11 8.52 3.25
N LYS D 215 16.95 8.09 3.73
CA LYS D 215 16.13 8.90 4.62
C LYS D 215 16.85 9.17 5.94
N GLU D 216 17.44 8.14 6.52
CA GLU D 216 18.08 8.27 7.82
C GLU D 216 19.29 9.19 7.80
N LYS D 217 19.87 9.41 6.62
CA LYS D 217 21.15 10.12 6.51
C LYS D 217 21.05 11.49 5.83
N LEU D 218 19.97 11.75 5.10
CA LEU D 218 19.87 12.97 4.31
C LEU D 218 18.62 13.80 4.62
N CYS D 219 17.71 13.26 5.41
CA CYS D 219 16.48 13.97 5.74
C CYS D 219 16.62 14.78 7.03
N TYR D 220 15.91 15.91 7.07
CA TYR D 220 15.90 16.79 8.23
C TYR D 220 14.61 17.59 8.25
N VAL D 221 14.17 17.99 9.45
CA VAL D 221 12.96 18.79 9.57
C VAL D 221 13.27 20.27 9.34
N ALA D 222 12.43 20.92 8.55
CA ALA D 222 12.55 22.35 8.30
C ALA D 222 11.80 23.13 9.37
N LEU D 223 12.45 24.12 9.95
CA LEU D 223 11.81 24.98 10.94
C LEU D 223 10.68 25.76 10.28
N ASP D 224 11.00 26.44 9.19
CA ASP D 224 9.99 27.07 8.35
C ASP D 224 9.98 26.36 7.01
N PHE D 225 8.91 25.62 6.75
CA PHE D 225 8.84 24.74 5.58
C PHE D 225 8.97 25.49 4.27
N GLU D 226 8.10 26.49 4.06
CA GLU D 226 8.05 27.19 2.77
C GLU D 226 9.24 28.11 2.54
N GLN D 227 9.96 28.46 3.61
CA GLN D 227 11.18 29.24 3.46
C GLN D 227 12.34 28.33 3.06
N GLU D 228 12.16 27.02 3.25
CA GLU D 228 13.13 26.03 2.80
C GLU D 228 12.82 25.61 1.37
N MET D 229 11.53 25.63 1.02
CA MET D 229 11.11 25.34 -0.35
C MET D 229 11.59 26.44 -1.29
N ALA D 230 11.45 27.69 -0.85
CA ALA D 230 11.90 28.83 -1.64
C ALA D 230 13.41 28.80 -1.81
N THR D 231 14.10 28.36 -0.76
CA THR D 231 15.55 28.25 -0.79
C THR D 231 15.99 27.18 -1.79
N ALA D 232 15.36 26.02 -1.71
CA ALA D 232 15.67 24.90 -2.60
C ALA D 232 15.32 25.25 -4.04
N ALA D 233 14.43 26.22 -4.21
CA ALA D 233 14.00 26.63 -5.53
C ALA D 233 14.93 27.69 -6.11
N SER D 234 15.44 28.56 -5.23
CA SER D 234 16.28 29.67 -5.66
C SER D 234 17.76 29.30 -5.70
N SER D 235 18.08 28.07 -5.28
CA SER D 235 19.47 27.62 -5.25
C SER D 235 19.56 26.10 -5.14
N SER D 236 20.77 25.58 -5.28
CA SER D 236 21.03 24.14 -5.18
C SER D 236 21.98 23.87 -4.02
N SER D 237 21.92 24.72 -3.00
CA SER D 237 22.81 24.62 -1.84
C SER D 237 22.37 23.50 -0.89
N LEU D 238 21.11 23.10 -1.00
CA LEU D 238 20.56 22.06 -0.12
C LEU D 238 20.68 20.67 -0.74
N GLU D 239 20.92 20.61 -2.04
CA GLU D 239 21.00 19.33 -2.74
C GLU D 239 22.18 18.50 -2.24
N LYS D 240 21.91 17.22 -2.00
CA LYS D 240 22.91 16.29 -1.47
C LYS D 240 22.88 15.00 -2.27
N SER D 241 24.03 14.33 -2.36
CA SER D 241 24.17 13.14 -3.20
C SER D 241 24.28 11.86 -2.38
N TYR D 242 23.84 10.75 -2.97
CA TYR D 242 23.84 9.45 -2.31
C TYR D 242 24.25 8.36 -3.29
N GLU D 243 25.21 7.52 -2.91
CA GLU D 243 25.64 6.42 -3.75
C GLU D 243 24.88 5.14 -3.39
N LEU D 244 24.14 4.61 -4.35
CA LEU D 244 23.38 3.39 -4.15
C LEU D 244 24.31 2.19 -4.05
N PRO D 245 23.80 1.04 -3.57
CA PRO D 245 24.61 -0.17 -3.46
C PRO D 245 25.17 -0.67 -4.79
N ASP D 246 24.52 -0.35 -5.91
CA ASP D 246 24.96 -0.82 -7.22
C ASP D 246 26.00 0.10 -7.87
N GLY D 247 26.45 1.10 -7.12
CA GLY D 247 27.47 2.02 -7.59
C GLY D 247 26.91 3.29 -8.21
N GLN D 248 25.61 3.31 -8.44
CA GLN D 248 24.95 4.49 -9.00
C GLN D 248 24.93 5.62 -7.98
N VAL D 249 24.55 6.81 -8.45
CA VAL D 249 24.52 8.00 -7.61
C VAL D 249 23.32 8.87 -8.00
N ILE D 250 22.65 9.40 -6.98
CA ILE D 250 21.47 10.23 -7.16
C ILE D 250 21.59 11.47 -6.28
N THR D 251 20.98 12.58 -6.72
CA THR D 251 20.93 13.80 -5.92
C THR D 251 19.49 14.11 -5.55
N ILE D 252 19.31 14.58 -4.32
CA ILE D 252 17.98 14.95 -3.82
C ILE D 252 18.03 16.34 -3.23
N GLY D 253 16.99 17.14 -3.48
CA GLY D 253 16.93 18.51 -3.04
C GLY D 253 15.90 18.71 -1.93
N ASN D 254 14.75 19.25 -2.30
CA ASN D 254 13.71 19.52 -1.32
C ASN D 254 13.11 18.25 -0.73
N GLU D 255 13.40 17.10 -1.36
CA GLU D 255 12.92 15.82 -0.86
C GLU D 255 13.53 15.50 0.49
N ARG D 256 14.61 16.20 0.84
CA ARG D 256 15.27 16.00 2.12
C ARG D 256 14.34 16.37 3.28
N PHE D 257 13.72 17.54 3.20
CA PHE D 257 12.89 18.04 4.28
C PHE D 257 11.40 17.90 4.00
N ARG D 258 11.05 17.61 2.76
CA ARG D 258 9.65 17.37 2.41
C ARG D 258 9.17 16.04 3.01
N CYS D 259 10.08 15.09 3.11
CA CYS D 259 9.72 13.77 3.63
C CYS D 259 9.33 13.80 5.11
N PRO D 260 10.21 14.31 5.99
CA PRO D 260 9.82 14.33 7.40
C PRO D 260 8.70 15.33 7.70
N GLU D 261 8.39 16.19 6.73
CA GLU D 261 7.31 17.16 6.89
C GLU D 261 5.97 16.46 7.03
N ALA D 262 5.89 15.24 6.52
CA ALA D 262 4.68 14.44 6.58
C ALA D 262 4.27 14.17 8.04
N LEU D 263 5.24 14.25 8.95
CA LEU D 263 4.96 14.10 10.36
C LEU D 263 4.08 15.24 10.85
N PHE D 264 4.34 16.44 10.36
CA PHE D 264 3.59 17.63 10.75
C PHE D 264 2.43 17.90 9.82
N GLN D 265 2.42 17.24 8.66
CA GLN D 265 1.35 17.38 7.68
C GLN D 265 1.07 16.04 7.01
N PRO D 266 0.38 15.13 7.71
CA PRO D 266 0.04 13.80 7.17
C PRO D 266 -0.74 13.86 5.86
N SER D 267 -1.25 15.04 5.50
CA SER D 267 -1.97 15.22 4.24
C SER D 267 -1.07 14.92 3.04
N PHE D 268 0.23 15.02 3.24
CA PHE D 268 1.19 14.70 2.18
C PHE D 268 1.09 13.23 1.79
N LEU D 269 0.65 12.40 2.73
CA LEU D 269 0.51 10.97 2.50
C LEU D 269 -0.95 10.61 2.19
N GLY D 270 -1.77 11.62 1.96
CA GLY D 270 -3.19 11.41 1.75
C GLY D 270 -3.84 10.88 3.01
N MET D 271 -3.24 11.21 4.15
CA MET D 271 -3.71 10.72 5.45
C MET D 271 -4.51 11.82 6.15
N GLU D 272 -5.63 11.43 6.75
CA GLU D 272 -6.53 12.40 7.39
C GLU D 272 -6.11 12.74 8.82
N ALA D 273 -5.20 11.95 9.38
CA ALA D 273 -4.80 12.12 10.77
C ALA D 273 -4.12 13.46 11.01
N CYS D 274 -4.03 13.85 12.29
CA CYS D 274 -3.38 15.09 12.68
C CYS D 274 -1.86 14.92 12.75
N GLY D 275 -1.15 16.04 12.81
CA GLY D 275 0.30 16.01 12.93
C GLY D 275 0.73 15.60 14.33
N ILE D 276 2.00 15.22 14.47
CA ILE D 276 2.53 14.81 15.75
C ILE D 276 2.55 15.96 16.75
N HIS D 277 2.61 17.19 16.23
CA HIS D 277 2.61 18.37 17.08
C HIS D 277 1.23 18.54 17.72
N GLU D 278 0.20 18.34 16.92
CA GLU D 278 -1.18 18.52 17.37
C GLU D 278 -1.63 17.31 18.19
N THR D 279 -1.12 16.14 17.83
CA THR D 279 -1.44 14.90 18.55
C THR D 279 -0.86 14.95 19.96
N THR D 280 0.29 15.59 20.12
CA THR D 280 0.89 15.77 21.43
C THR D 280 0.02 16.72 22.25
N TYR D 281 -0.42 17.80 21.62
CA TYR D 281 -1.27 18.80 22.26
C TYR D 281 -2.58 18.18 22.73
N ASN D 282 -3.26 17.50 21.81
CA ASN D 282 -4.51 16.83 22.13
C ASN D 282 -4.36 15.85 23.30
N SER D 283 -3.23 15.14 23.32
CA SER D 283 -2.96 14.18 24.37
C SER D 283 -2.81 14.87 25.72
N ILE D 284 -2.13 16.02 25.72
CA ILE D 284 -1.97 16.83 26.92
C ILE D 284 -3.32 17.37 27.35
N MET D 285 -4.17 17.71 26.37
CA MET D 285 -5.47 18.30 26.64
C MET D 285 -6.53 17.26 27.02
N LYS D 286 -6.07 16.07 27.41
CA LYS D 286 -6.96 15.03 27.91
C LYS D 286 -6.61 14.67 29.36
N CYS D 287 -5.63 15.37 29.91
CA CYS D 287 -5.22 15.17 31.30
C CYS D 287 -5.92 16.17 32.21
N ALA D 288 -5.46 16.26 33.45
CA ALA D 288 -5.97 17.23 34.40
C ALA D 288 -5.39 18.61 34.10
N ALA D 289 -6.19 19.64 34.28
CA ALA D 289 -5.78 21.01 33.99
C ALA D 289 -4.52 21.40 34.78
N ALA D 290 -4.39 20.85 35.98
CA ALA D 290 -3.30 21.21 36.87
C ALA D 290 -1.94 20.72 36.36
N ILE D 291 -1.89 19.48 35.90
CA ILE D 291 -0.62 18.84 35.56
C ILE D 291 -0.11 19.22 34.17
N ARG D 292 -1.02 19.72 33.31
CA ARG D 292 -0.66 20.13 31.96
C ARG D 292 0.67 20.87 31.89
N LYS D 293 0.93 21.71 32.89
CA LYS D 293 2.16 22.50 32.94
C LYS D 293 3.40 21.62 32.91
N ASP D 294 3.48 20.67 33.85
CA ASP D 294 4.65 19.80 33.95
C ASP D 294 4.89 19.03 32.65
N LEU D 295 3.82 18.78 31.90
CA LEU D 295 3.94 18.08 30.62
C LEU D 295 4.57 18.96 29.55
N TYR D 296 4.08 20.19 29.42
CA TYR D 296 4.62 21.14 28.44
C TYR D 296 6.10 21.38 28.66
N ALA D 297 6.54 21.27 29.91
CA ALA D 297 7.93 21.54 30.27
C ALA D 297 8.78 20.27 30.23
N ASN D 298 8.14 19.13 29.97
CA ASN D 298 8.83 17.85 29.93
C ASN D 298 8.39 16.97 28.74
N THR D 299 8.29 17.59 27.56
CA THR D 299 7.92 16.86 26.35
C THR D 299 9.14 16.15 25.77
N VAL D 300 9.19 14.83 25.94
CA VAL D 300 10.34 14.03 25.51
C VAL D 300 10.08 13.38 24.16
N LEU D 301 11.10 13.40 23.30
CA LEU D 301 11.04 12.75 21.99
C LEU D 301 11.82 11.44 22.02
N SER D 302 11.15 10.35 21.63
CA SER D 302 11.76 9.03 21.62
C SER D 302 11.57 8.34 20.27
N GLY D 303 12.40 7.34 20.00
CA GLY D 303 12.30 6.56 18.77
C GLY D 303 13.13 7.12 17.64
N GLY D 304 13.47 6.25 16.68
CA GLY D 304 14.34 6.63 15.59
C GLY D 304 13.77 7.71 14.68
N THR D 305 12.45 7.80 14.64
CA THR D 305 11.77 8.75 13.76
C THR D 305 11.74 10.17 14.35
N THR D 306 12.35 10.33 15.53
CA THR D 306 12.53 11.66 16.11
C THR D 306 13.99 12.11 16.00
N MET D 307 14.78 11.38 15.22
CA MET D 307 16.19 11.67 15.06
C MET D 307 16.45 12.72 13.97
N TYR D 308 15.40 13.14 13.28
CA TYR D 308 15.54 14.13 12.22
C TYR D 308 16.06 15.46 12.77
N PRO D 309 17.17 15.96 12.23
CA PRO D 309 17.66 17.28 12.68
C PRO D 309 16.62 18.37 12.49
N GLY D 310 16.46 19.24 13.49
CA GLY D 310 15.53 20.35 13.41
C GLY D 310 14.12 19.99 13.83
N ILE D 311 13.91 18.76 14.28
CA ILE D 311 12.58 18.31 14.67
C ILE D 311 12.16 18.92 16.01
N ALA D 312 13.10 19.04 16.92
CA ALA D 312 12.82 19.62 18.24
C ALA D 312 12.60 21.12 18.10
N ASP D 313 13.45 21.78 17.33
CA ASP D 313 13.34 23.21 17.09
C ASP D 313 12.12 23.54 16.23
N ARG D 314 11.46 22.51 15.73
CA ARG D 314 10.24 22.68 14.94
C ARG D 314 9.01 22.45 15.81
N MET D 315 9.10 21.49 16.72
CA MET D 315 7.97 21.09 17.54
C MET D 315 7.45 22.22 18.43
N GLN D 316 8.36 22.92 19.11
CA GLN D 316 7.96 23.99 20.03
C GLN D 316 7.23 25.10 19.28
N LYS D 317 7.65 25.37 18.06
CA LYS D 317 7.04 26.41 17.26
C LYS D 317 5.63 26.00 16.87
N GLU D 318 5.44 24.70 16.67
CA GLU D 318 4.16 24.17 16.25
C GLU D 318 3.15 24.07 17.38
N ILE D 319 3.64 23.80 18.60
CA ILE D 319 2.75 23.63 19.74
C ILE D 319 2.53 24.92 20.52
N THR D 320 3.46 25.88 20.39
CA THR D 320 3.28 27.18 21.00
C THR D 320 2.07 27.89 20.40
N ALA D 321 1.86 27.70 19.10
CA ALA D 321 0.70 28.26 18.42
C ALA D 321 -0.58 27.62 18.93
N LEU D 322 -0.44 26.45 19.55
CA LEU D 322 -1.57 25.70 20.09
C LEU D 322 -1.69 25.87 21.61
N ALA D 323 -0.56 26.13 22.26
CA ALA D 323 -0.50 26.21 23.71
C ALA D 323 -0.68 27.65 24.19
N PRO D 324 -1.06 27.83 25.47
CA PRO D 324 -1.16 29.18 26.04
C PRO D 324 0.16 29.92 26.05
N SER D 325 0.16 31.15 25.56
CA SER D 325 1.40 31.91 25.37
C SER D 325 2.15 32.15 26.68
N THR D 326 1.45 32.08 27.80
CA THR D 326 2.06 32.33 29.10
C THR D 326 2.93 31.16 29.55
N MET D 327 2.55 29.94 29.16
CA MET D 327 3.24 28.75 29.63
C MET D 327 4.58 28.54 28.91
N LYS D 328 5.61 28.20 29.69
CA LYS D 328 6.94 27.95 29.15
C LYS D 328 7.05 26.50 28.67
N ILE D 329 7.36 26.34 27.39
CA ILE D 329 7.46 25.02 26.78
C ILE D 329 8.91 24.63 26.58
N LYS D 330 9.23 23.39 26.97
CA LYS D 330 10.58 22.86 26.87
C LYS D 330 10.57 21.46 26.28
N ILE D 331 11.19 21.31 25.12
CA ILE D 331 11.25 20.03 24.43
C ILE D 331 12.59 19.36 24.67
N ILE D 332 12.54 18.05 24.93
CA ILE D 332 13.73 17.28 25.28
C ILE D 332 14.01 16.25 24.21
N ALA D 333 15.14 16.41 23.53
CA ALA D 333 15.57 15.50 22.48
C ALA D 333 16.96 14.96 22.80
N PRO D 334 17.01 13.92 23.65
CA PRO D 334 18.31 13.34 24.04
C PRO D 334 19.10 12.86 22.83
N PRO D 335 20.41 13.11 22.79
CA PRO D 335 21.22 12.69 21.63
C PRO D 335 21.14 11.20 21.34
N GLU D 336 20.74 10.41 22.33
CA GLU D 336 20.66 8.96 22.20
C GLU D 336 19.22 8.49 22.19
N ARG D 337 18.30 9.35 21.79
CA ARG D 337 16.88 9.05 21.87
C ARG D 337 16.42 7.94 20.92
N LYS D 338 17.36 7.36 20.19
CA LYS D 338 17.08 6.24 19.31
C LYS D 338 17.03 4.93 20.10
N TYR D 339 17.66 4.92 21.27
CA TYR D 339 17.69 3.74 22.14
C TYR D 339 17.26 4.07 23.56
N SER D 340 16.67 5.25 23.76
CA SER D 340 16.27 5.69 25.09
C SER D 340 15.30 4.72 25.75
N VAL D 341 14.55 3.98 24.94
CA VAL D 341 13.64 2.95 25.47
C VAL D 341 14.45 1.82 26.08
N TRP D 342 15.46 1.34 25.37
CA TRP D 342 16.29 0.26 25.87
C TRP D 342 17.09 0.72 27.09
N ILE D 343 17.60 1.94 27.02
CA ILE D 343 18.40 2.51 28.09
C ILE D 343 17.58 2.58 29.38
N GLY D 344 16.34 3.05 29.26
CA GLY D 344 15.44 3.10 30.39
C GLY D 344 15.21 1.71 30.97
N GLY D 345 15.21 0.71 30.09
CA GLY D 345 15.10 -0.66 30.52
C GLY D 345 16.35 -1.11 31.26
N SER D 346 17.51 -0.68 30.79
CA SER D 346 18.77 -1.03 31.41
C SER D 346 18.87 -0.45 32.81
N ILE D 347 18.47 0.82 32.95
CA ILE D 347 18.47 1.49 34.24
C ILE D 347 17.53 0.76 35.21
N LEU D 348 16.29 0.55 34.76
CA LEU D 348 15.27 -0.07 35.59
C LEU D 348 15.65 -1.46 36.07
N ALA D 349 16.12 -2.30 35.15
CA ALA D 349 16.43 -3.70 35.46
C ALA D 349 17.68 -3.83 36.33
N SER D 350 18.42 -2.75 36.50
CA SER D 350 19.67 -2.78 37.25
C SER D 350 19.50 -2.30 38.68
N LEU D 351 18.42 -1.56 38.94
CA LEU D 351 18.15 -1.03 40.27
C LEU D 351 17.83 -2.16 41.25
N SER D 352 18.40 -2.06 42.46
CA SER D 352 18.16 -3.04 43.51
C SER D 352 16.73 -2.91 44.04
N THR D 353 16.21 -1.70 44.05
CA THR D 353 14.86 -1.43 44.54
C THR D 353 13.77 -1.95 43.60
N PHE D 354 14.19 -2.52 42.47
CA PHE D 354 13.28 -3.07 41.49
C PHE D 354 13.23 -4.60 41.56
N GLN D 355 14.22 -5.18 42.26
CA GLN D 355 14.37 -6.63 42.33
C GLN D 355 13.15 -7.34 42.93
N GLN D 356 12.31 -6.57 43.63
CA GLN D 356 11.10 -7.13 44.24
C GLN D 356 9.88 -7.02 43.33
N MET D 357 10.10 -6.54 42.10
CA MET D 357 9.01 -6.30 41.16
C MET D 357 8.99 -7.30 40.01
N TRP D 358 10.03 -8.15 39.93
CA TRP D 358 10.09 -9.17 38.90
C TRP D 358 8.96 -10.18 39.08
N ILE D 359 8.71 -10.98 38.04
CA ILE D 359 7.72 -12.05 38.10
C ILE D 359 8.45 -13.39 38.21
N SER D 360 8.50 -13.93 39.43
CA SER D 360 9.19 -15.18 39.68
C SER D 360 8.54 -16.34 38.93
N LYS D 361 9.29 -17.43 38.79
CA LYS D 361 8.76 -18.65 38.20
C LYS D 361 7.66 -19.21 39.08
N GLN D 362 7.80 -19.00 40.39
CA GLN D 362 6.82 -19.47 41.36
C GLN D 362 5.47 -18.79 41.13
N GLU D 363 5.49 -17.47 41.01
CA GLU D 363 4.27 -16.70 40.82
C GLU D 363 3.57 -17.09 39.53
N TYR D 364 4.33 -17.52 38.54
CA TYR D 364 3.76 -17.94 37.26
C TYR D 364 3.16 -19.34 37.37
N ASP D 365 3.85 -20.23 38.06
CA ASP D 365 3.35 -21.59 38.24
C ASP D 365 2.02 -21.58 38.99
N GLU D 366 1.87 -20.63 39.90
CA GLU D 366 0.64 -20.48 40.67
C GLU D 366 -0.48 -19.87 39.84
N SER D 367 -0.26 -18.65 39.38
CA SER D 367 -1.31 -17.86 38.76
C SER D 367 -1.43 -18.08 37.26
N GLY D 368 -0.29 -18.28 36.59
CA GLY D 368 -0.27 -18.46 35.14
C GLY D 368 0.00 -17.16 34.42
N PRO D 369 -0.10 -17.17 33.08
CA PRO D 369 0.18 -16.01 32.21
C PRO D 369 -0.54 -14.74 32.62
N SER D 370 -1.72 -14.87 33.23
CA SER D 370 -2.51 -13.71 33.64
C SER D 370 -1.83 -12.90 34.75
N ILE D 371 -0.75 -13.44 35.30
CA ILE D 371 0.01 -12.77 36.35
C ILE D 371 0.51 -11.40 35.90
N VAL D 372 0.74 -11.26 34.60
CA VAL D 372 1.30 -10.04 34.03
C VAL D 372 0.44 -8.81 34.33
N HIS D 373 -0.85 -9.02 34.49
CA HIS D 373 -1.80 -7.91 34.63
C HIS D 373 -1.75 -7.22 35.98
N ARG D 374 -1.34 -7.95 37.01
CA ARG D 374 -1.27 -7.40 38.36
C ARG D 374 0.14 -6.94 38.72
N LYS D 375 1.14 -7.61 38.16
CA LYS D 375 2.53 -7.28 38.44
C LYS D 375 2.99 -6.11 37.58
N CYS D 376 2.47 -6.03 36.36
CA CYS D 376 2.85 -4.98 35.42
C CYS D 376 1.65 -4.10 35.08
N ALA E 8 -48.24 25.70 13.92
CA ALA E 8 -47.95 25.16 15.24
C ALA E 8 -46.62 25.70 15.76
N ALA E 9 -46.32 25.42 17.03
CA ALA E 9 -45.09 25.90 17.66
C ALA E 9 -43.95 24.91 17.44
N LEU E 10 -42.74 25.45 17.30
CA LEU E 10 -41.55 24.64 17.12
C LEU E 10 -40.92 24.29 18.46
N VAL E 11 -40.41 23.07 18.57
CA VAL E 11 -39.74 22.60 19.78
C VAL E 11 -38.33 22.13 19.41
N VAL E 12 -37.32 22.76 20.02
CA VAL E 12 -35.93 22.50 19.68
C VAL E 12 -35.11 22.15 20.92
N ASP E 13 -34.85 20.86 21.10
CA ASP E 13 -34.01 20.39 22.20
C ASP E 13 -32.55 20.36 21.78
N ASN E 14 -31.78 21.34 22.24
CA ASN E 14 -30.37 21.44 21.90
C ASN E 14 -29.51 20.55 22.79
N GLY E 15 -29.10 19.40 22.25
CA GLY E 15 -28.29 18.45 22.99
C GLY E 15 -26.81 18.70 22.80
N SER E 16 -26.00 18.15 23.70
CA SER E 16 -24.55 18.29 23.60
C SER E 16 -23.99 17.30 22.59
N GLY E 17 -24.84 16.41 22.10
CA GLY E 17 -24.46 15.44 21.09
C GLY E 17 -25.47 15.38 19.95
N MET E 18 -26.74 15.55 20.29
CA MET E 18 -27.82 15.45 19.31
C MET E 18 -28.87 16.54 19.52
N CYS E 19 -29.07 17.36 18.50
CA CYS E 19 -30.18 18.31 18.49
C CYS E 19 -31.42 17.58 18.03
N LYS E 20 -32.56 17.91 18.62
CA LYS E 20 -33.82 17.23 18.35
C LYS E 20 -34.93 18.25 18.14
N ALA E 21 -35.25 18.51 16.87
CA ALA E 21 -36.25 19.51 16.51
C ALA E 21 -37.58 18.83 16.21
N GLY E 22 -38.65 19.62 16.10
CA GLY E 22 -39.96 19.09 15.79
C GLY E 22 -41.05 20.13 15.94
N PHE E 23 -42.30 19.67 15.92
CA PHE E 23 -43.46 20.55 16.06
C PHE E 23 -44.26 20.16 17.30
N ALA E 24 -44.81 21.17 17.98
CA ALA E 24 -45.60 20.95 19.19
C ALA E 24 -46.90 20.21 18.85
N GLY E 25 -47.18 19.17 19.62
CA GLY E 25 -48.37 18.36 19.40
C GLY E 25 -48.00 16.93 19.07
N ASP E 26 -46.92 16.76 18.30
CA ASP E 26 -46.44 15.44 17.91
C ASP E 26 -45.87 14.70 19.11
N ASP E 27 -45.73 13.39 18.97
CA ASP E 27 -45.17 12.55 20.03
C ASP E 27 -43.74 12.14 19.71
N ALA E 28 -43.17 12.75 18.68
CA ALA E 28 -41.80 12.46 18.28
C ALA E 28 -41.19 13.65 17.55
N PRO E 29 -39.87 13.86 17.72
CA PRO E 29 -39.20 15.02 17.10
C PRO E 29 -39.40 15.13 15.58
N ARG E 30 -39.15 14.04 14.86
CA ARG E 30 -39.18 14.01 13.39
C ARG E 30 -37.87 14.54 12.82
N ALA E 31 -36.97 15.02 13.69
CA ALA E 31 -35.66 15.50 13.26
C ALA E 31 -34.64 15.30 14.37
N VAL E 32 -33.59 14.53 14.07
CA VAL E 32 -32.50 14.29 15.01
C VAL E 32 -31.18 14.31 14.24
N PHE E 33 -30.27 15.20 14.63
CA PHE E 33 -29.00 15.35 13.94
C PHE E 33 -27.90 15.80 14.90
N PRO E 34 -26.64 15.39 14.63
CA PRO E 34 -25.53 15.80 15.49
C PRO E 34 -25.35 17.31 15.55
N SER E 35 -25.01 17.82 16.74
CA SER E 35 -24.76 19.24 16.93
C SER E 35 -23.28 19.53 16.74
N ILE E 36 -22.85 19.57 15.48
CA ILE E 36 -21.47 19.89 15.14
C ILE E 36 -21.44 20.72 13.87
N VAL E 37 -20.50 21.65 13.78
CA VAL E 37 -20.33 22.49 12.61
C VAL E 37 -18.88 22.46 12.13
N GLY E 38 -18.67 21.97 10.91
CA GLY E 38 -17.35 21.92 10.31
C GLY E 38 -17.15 23.09 9.36
N ARG E 39 -15.88 23.43 9.13
CA ARG E 39 -15.53 24.51 8.22
C ARG E 39 -14.28 24.14 7.43
N PRO E 40 -14.04 24.82 6.29
CA PRO E 40 -12.93 24.46 5.39
C PRO E 40 -11.58 24.41 6.10
N GLY E 57 -24.76 19.25 10.02
CA GLY E 57 -25.42 18.20 10.78
C GLY E 57 -24.81 16.84 10.52
N ASP E 58 -25.66 15.86 10.22
CA ASP E 58 -25.19 14.51 9.90
C ASP E 58 -24.32 14.53 8.64
N GLU E 59 -24.62 15.46 7.74
CA GLU E 59 -23.87 15.61 6.51
C GLU E 59 -22.46 16.12 6.79
N ALA E 60 -22.33 16.92 7.84
CA ALA E 60 -21.03 17.48 8.23
C ALA E 60 -20.18 16.43 8.94
N GLN E 61 -20.84 15.46 9.56
CA GLN E 61 -20.14 14.39 10.26
C GLN E 61 -19.56 13.38 9.28
N SER E 62 -20.35 13.03 8.26
CA SER E 62 -19.93 12.05 7.27
C SER E 62 -18.78 12.57 6.42
N LYS E 63 -18.62 13.90 6.39
CA LYS E 63 -17.57 14.55 5.61
C LYS E 63 -16.62 15.30 6.52
N ARG E 64 -16.38 14.78 7.72
CA ARG E 64 -15.53 15.45 8.69
C ARG E 64 -14.05 15.33 8.33
N GLY E 65 -13.73 14.37 7.47
CA GLY E 65 -12.35 14.12 7.07
C GLY E 65 -11.75 15.27 6.27
N ILE E 66 -12.60 16.02 5.58
CA ILE E 66 -12.16 17.09 4.70
C ILE E 66 -12.50 18.49 5.24
N LEU E 67 -13.29 18.53 6.31
CA LEU E 67 -13.66 19.80 6.94
C LEU E 67 -13.10 19.90 8.35
N TYR E 71 -18.16 21.02 17.75
CA TYR E 71 -18.88 20.75 18.99
C TYR E 71 -19.17 22.04 19.75
N PRO E 72 -20.14 22.83 19.26
CA PRO E 72 -20.51 24.08 19.92
C PRO E 72 -21.10 23.88 21.32
N ILE E 73 -21.99 22.90 21.47
CA ILE E 73 -22.66 22.67 22.74
C ILE E 73 -22.00 21.52 23.50
N GLU E 74 -20.67 21.47 23.48
CA GLU E 74 -19.97 20.46 24.27
C GLU E 74 -20.25 20.73 25.75
N HIS E 75 -20.40 19.66 26.52
CA HIS E 75 -20.67 19.75 27.95
C HIS E 75 -22.02 20.44 28.26
N GLY E 76 -22.88 20.55 27.25
CA GLY E 76 -24.23 21.03 27.45
C GLY E 76 -24.42 22.52 27.24
N ILE E 77 -23.39 23.30 27.54
CA ILE E 77 -23.47 24.76 27.44
C ILE E 77 -22.85 25.24 26.13
N VAL E 78 -23.42 26.31 25.57
CA VAL E 78 -22.92 26.91 24.34
C VAL E 78 -21.57 27.57 24.58
N THR E 79 -20.59 27.24 23.74
CA THR E 79 -19.25 27.81 23.85
C THR E 79 -18.97 28.78 22.71
N ASN E 80 -19.57 28.53 21.55
CA ASN E 80 -19.42 29.39 20.39
C ASN E 80 -20.78 29.73 19.79
N TRP E 81 -21.07 31.02 19.69
CA TRP E 81 -22.40 31.48 19.26
C TRP E 81 -22.56 31.51 17.75
N ASP E 82 -21.46 31.77 17.04
CA ASP E 82 -21.48 31.73 15.58
C ASP E 82 -21.90 30.33 15.13
N ASP E 83 -21.33 29.32 15.75
CA ASP E 83 -21.67 27.93 15.44
C ASP E 83 -23.13 27.65 15.73
N MET E 84 -23.63 28.14 16.86
CA MET E 84 -25.02 27.92 17.24
C MET E 84 -25.98 28.54 16.23
N GLU E 85 -25.64 29.72 15.75
CA GLU E 85 -26.45 30.39 14.74
C GLU E 85 -26.57 29.51 13.50
N LYS E 86 -25.47 28.86 13.13
CA LYS E 86 -25.46 27.97 11.99
C LYS E 86 -26.34 26.75 12.25
N ILE E 87 -26.27 26.23 13.48
CA ILE E 87 -27.10 25.09 13.88
C ILE E 87 -28.58 25.46 13.83
N TRP E 88 -28.93 26.57 14.48
CA TRP E 88 -30.31 27.02 14.50
C TRP E 88 -30.79 27.40 13.10
N HIS E 89 -29.90 27.98 12.32
CA HIS E 89 -30.21 28.28 10.92
C HIS E 89 -30.47 27.00 10.16
N HIS E 90 -29.61 26.01 10.38
CA HIS E 90 -29.71 24.70 9.74
C HIS E 90 -31.02 24.01 10.13
N THR E 91 -31.43 24.20 11.38
CA THR E 91 -32.60 23.50 11.91
C THR E 91 -33.90 23.93 11.23
N PHE E 92 -34.08 25.24 11.05
CA PHE E 92 -35.33 25.78 10.56
C PHE E 92 -35.61 25.49 9.09
N TYR E 93 -34.67 25.88 8.22
CA TYR E 93 -34.91 25.86 6.79
C TYR E 93 -34.66 24.51 6.12
N ASN E 94 -33.77 23.70 6.69
CA ASN E 94 -33.40 22.42 6.08
C ASN E 94 -34.12 21.21 6.69
N GLU E 95 -33.98 21.03 8.00
CA GLU E 95 -34.60 19.88 8.68
C GLU E 95 -36.11 20.03 8.80
N LEU E 96 -36.55 21.16 9.33
CA LEU E 96 -37.97 21.41 9.54
C LEU E 96 -38.61 22.00 8.29
N ARG E 97 -37.83 22.78 7.55
CA ARG E 97 -38.31 23.45 6.35
C ARG E 97 -39.52 24.33 6.66
N VAL E 98 -39.29 25.35 7.48
CA VAL E 98 -40.35 26.27 7.88
C VAL E 98 -39.78 27.68 8.05
N ALA E 99 -40.67 28.67 8.03
CA ALA E 99 -40.29 30.06 8.25
C ALA E 99 -40.31 30.36 9.74
N PRO E 100 -39.15 30.74 10.33
CA PRO E 100 -39.12 30.98 11.77
C PRO E 100 -39.92 32.22 12.17
N GLU E 101 -40.38 32.99 11.20
CA GLU E 101 -41.19 34.17 11.48
C GLU E 101 -42.66 33.83 11.60
N GLU E 102 -43.01 32.56 11.36
CA GLU E 102 -44.39 32.11 11.36
C GLU E 102 -44.68 31.09 12.45
N HIS E 103 -43.71 30.87 13.34
CA HIS E 103 -43.85 29.85 14.38
C HIS E 103 -43.14 30.27 15.67
N PRO E 104 -43.83 30.19 16.82
CA PRO E 104 -43.15 30.40 18.10
C PRO E 104 -42.17 29.28 18.40
N VAL E 105 -41.03 29.62 19.02
CA VAL E 105 -39.94 28.67 19.22
C VAL E 105 -39.70 28.35 20.70
N LEU E 106 -39.79 27.07 21.05
CA LEU E 106 -39.47 26.62 22.41
C LEU E 106 -38.10 25.98 22.46
N LEU E 107 -37.14 26.69 23.04
CA LEU E 107 -35.78 26.18 23.19
C LEU E 107 -35.63 25.49 24.54
N THR E 108 -34.73 24.51 24.59
CA THR E 108 -34.40 23.86 25.86
C THR E 108 -33.02 24.34 26.32
N GLU E 109 -32.80 24.26 27.62
CA GLU E 109 -31.62 24.84 28.25
C GLU E 109 -31.00 23.85 29.22
N ALA E 110 -29.67 23.84 29.29
CA ALA E 110 -28.96 22.97 30.22
C ALA E 110 -29.15 23.47 31.65
N PRO E 111 -29.21 22.54 32.63
CA PRO E 111 -29.26 22.99 34.02
C PRO E 111 -28.05 23.86 34.39
N LEU E 112 -28.27 24.86 35.24
CA LEU E 112 -27.20 25.77 35.67
C LEU E 112 -26.58 26.53 34.49
N ASN E 113 -27.41 26.89 33.52
CA ASN E 113 -26.95 27.70 32.40
C ASN E 113 -26.75 29.15 32.84
N PRO E 114 -25.52 29.69 32.66
CA PRO E 114 -25.27 31.08 33.07
C PRO E 114 -26.24 32.09 32.46
N LYS E 115 -26.47 33.19 33.16
CA LYS E 115 -27.41 34.21 32.72
C LYS E 115 -27.04 34.79 31.36
N ALA E 116 -25.75 34.98 31.12
CA ALA E 116 -25.27 35.56 29.88
C ALA E 116 -25.69 34.72 28.67
N ASN E 117 -25.54 33.41 28.79
CA ASN E 117 -25.92 32.50 27.72
C ASN E 117 -27.43 32.53 27.46
N ARG E 118 -28.20 32.59 28.53
CA ARG E 118 -29.65 32.65 28.42
C ARG E 118 -30.08 33.92 27.69
N GLU E 119 -29.41 35.02 28.00
CA GLU E 119 -29.70 36.30 27.36
C GLU E 119 -29.36 36.26 25.87
N LYS E 120 -28.14 35.79 25.56
CA LYS E 120 -27.66 35.76 24.19
C LYS E 120 -28.51 34.83 23.33
N MET E 121 -29.05 33.78 23.94
CA MET E 121 -29.91 32.83 23.25
C MET E 121 -31.19 33.51 22.80
N THR E 122 -31.70 34.40 23.64
CA THR E 122 -32.92 35.14 23.33
C THR E 122 -32.62 36.25 22.35
N GLN E 123 -31.45 36.87 22.49
CA GLN E 123 -31.03 37.94 21.61
C GLN E 123 -30.94 37.47 20.16
N ILE E 124 -30.35 36.30 19.97
CA ILE E 124 -30.17 35.73 18.64
C ILE E 124 -31.51 35.40 17.99
N MET E 125 -32.41 34.82 18.76
CA MET E 125 -33.70 34.37 18.23
C MET E 125 -34.56 35.52 17.69
N PHE E 126 -34.33 36.72 18.21
CA PHE E 126 -35.10 37.89 17.80
C PHE E 126 -34.37 38.75 16.77
N GLU E 127 -33.09 39.01 17.03
CA GLU E 127 -32.31 39.90 16.17
C GLU E 127 -31.74 39.20 14.93
N THR E 128 -32.12 37.94 14.72
CA THR E 128 -31.62 37.18 13.58
C THR E 128 -32.73 36.42 12.86
N PHE E 129 -33.61 35.79 13.64
CA PHE E 129 -34.66 34.93 13.07
C PHE E 129 -36.04 35.58 13.13
N ASN E 130 -36.16 36.67 13.88
CA ASN E 130 -37.43 37.38 14.03
C ASN E 130 -38.57 36.45 14.46
N THR E 131 -38.37 35.76 15.58
CA THR E 131 -39.37 34.84 16.10
C THR E 131 -40.57 35.63 16.64
N PRO E 132 -41.80 35.17 16.34
CA PRO E 132 -42.99 35.83 16.91
C PRO E 132 -42.95 35.83 18.42
N ALA E 133 -42.40 34.76 18.98
CA ALA E 133 -42.24 34.63 20.41
C ALA E 133 -41.35 33.43 20.70
N MET E 134 -40.77 33.39 21.89
CA MET E 134 -39.88 32.28 22.26
C MET E 134 -39.83 32.08 23.76
N TYR E 135 -39.51 30.85 24.16
CA TYR E 135 -39.42 30.47 25.56
C TYR E 135 -38.23 29.54 25.77
N VAL E 136 -37.64 29.59 26.96
CA VAL E 136 -36.46 28.78 27.27
C VAL E 136 -36.71 27.94 28.53
N ALA E 137 -37.07 26.67 28.32
CA ALA E 137 -37.32 25.76 29.42
C ALA E 137 -36.06 24.93 29.72
N ILE E 138 -35.98 24.41 30.94
CA ILE E 138 -34.85 23.59 31.34
C ILE E 138 -35.13 22.14 30.93
N GLN E 139 -34.11 21.48 30.38
CA GLN E 139 -34.26 20.14 29.84
C GLN E 139 -34.80 19.14 30.86
N ALA E 140 -34.15 19.06 32.01
CA ALA E 140 -34.57 18.14 33.06
C ALA E 140 -36.00 18.40 33.51
N VAL E 141 -36.39 19.66 33.52
CA VAL E 141 -37.74 20.05 33.94
C VAL E 141 -38.78 19.51 32.97
N LEU E 142 -38.46 19.54 31.68
CA LEU E 142 -39.37 19.02 30.67
C LEU E 142 -39.47 17.50 30.76
N SER E 143 -38.34 16.85 30.98
CA SER E 143 -38.31 15.39 31.12
C SER E 143 -39.20 14.95 32.27
N LEU E 144 -39.11 15.66 33.39
CA LEU E 144 -39.93 15.36 34.56
C LEU E 144 -41.40 15.58 34.25
N TYR E 145 -41.69 16.70 33.58
CA TYR E 145 -43.07 17.05 33.26
C TYR E 145 -43.71 16.01 32.34
N ALA E 146 -42.90 15.41 31.49
CA ALA E 146 -43.39 14.40 30.56
C ALA E 146 -43.90 13.16 31.31
N SER E 147 -43.35 12.92 32.49
CA SER E 147 -43.75 11.79 33.32
C SER E 147 -44.98 12.13 34.16
N GLY E 148 -45.52 13.33 33.97
CA GLY E 148 -46.70 13.76 34.69
C GLY E 148 -46.39 14.14 36.12
N ARG E 149 -45.23 14.76 36.33
CA ARG E 149 -44.80 15.16 37.66
C ARG E 149 -44.34 16.62 37.68
N THR E 150 -44.56 17.27 38.81
CA THR E 150 -44.08 18.63 39.03
C THR E 150 -43.01 18.64 40.13
N THR E 151 -42.93 17.53 40.86
CA THR E 151 -41.92 17.35 41.89
C THR E 151 -41.19 16.03 41.67
N GLY E 152 -39.89 16.03 41.92
CA GLY E 152 -39.06 14.84 41.77
C GLY E 152 -37.64 15.24 41.45
N ILE E 153 -36.76 14.24 41.35
CA ILE E 153 -35.37 14.47 40.94
C ILE E 153 -35.12 13.73 39.62
N VAL E 154 -34.47 14.43 38.69
CA VAL E 154 -34.19 13.86 37.38
C VAL E 154 -32.70 13.63 37.18
N LEU E 155 -32.33 12.39 36.85
CA LEU E 155 -31.00 12.08 36.38
C LEU E 155 -30.99 12.12 34.86
N ASP E 156 -30.51 13.22 34.30
CA ASP E 156 -30.43 13.40 32.86
C ASP E 156 -29.00 13.12 32.39
N SER E 157 -28.83 12.02 31.64
CA SER E 157 -27.53 11.64 31.11
C SER E 157 -27.56 11.57 29.58
N GLY E 158 -26.81 12.46 28.94
CA GLY E 158 -26.83 12.59 27.49
C GLY E 158 -25.57 12.07 26.82
N ASP E 159 -24.97 12.93 25.99
CA ASP E 159 -23.75 12.56 25.25
C ASP E 159 -22.53 13.22 25.88
N GLY E 160 -22.65 14.51 26.17
CA GLY E 160 -21.53 15.29 26.66
C GLY E 160 -21.51 15.44 28.17
N VAL E 161 -22.69 15.57 28.78
CA VAL E 161 -22.78 15.87 30.21
C VAL E 161 -24.02 15.23 30.85
N SER E 162 -23.87 14.82 32.11
CA SER E 162 -24.97 14.28 32.89
C SER E 162 -25.33 15.25 34.02
N HIS E 163 -26.63 15.35 34.31
CA HIS E 163 -27.11 16.22 35.37
C HIS E 163 -28.08 15.52 36.32
N THR E 164 -27.96 15.82 37.61
CA THR E 164 -28.98 15.46 38.59
C THR E 164 -29.69 16.73 39.01
N VAL E 165 -30.98 16.82 38.70
CA VAL E 165 -31.73 18.05 38.91
C VAL E 165 -32.93 17.82 39.82
N PRO E 166 -32.80 18.15 41.11
CA PRO E 166 -33.96 18.16 42.01
C PRO E 166 -34.95 19.24 41.61
N ILE E 167 -36.24 18.91 41.62
CA ILE E 167 -37.28 19.81 41.17
C ILE E 167 -38.46 19.79 42.14
N TYR E 168 -38.98 20.98 42.46
CA TYR E 168 -40.11 21.11 43.37
C TYR E 168 -41.18 22.02 42.80
N GLU E 169 -42.31 21.43 42.41
CA GLU E 169 -43.44 22.17 41.88
C GLU E 169 -43.07 23.02 40.67
N GLY E 170 -42.43 22.40 39.68
CA GLY E 170 -42.14 23.05 38.42
C GLY E 170 -40.82 23.78 38.38
N TYR E 171 -40.28 24.12 39.55
CA TYR E 171 -39.05 24.89 39.64
C TYR E 171 -37.87 24.02 40.05
N ALA E 172 -36.79 24.08 39.27
CA ALA E 172 -35.56 23.39 39.60
C ALA E 172 -34.93 24.07 40.82
N LEU E 173 -34.03 23.37 41.48
CA LEU E 173 -33.40 23.86 42.71
C LEU E 173 -31.89 23.98 42.53
N PRO E 174 -31.43 25.13 41.99
CA PRO E 174 -30.02 25.33 41.59
C PRO E 174 -28.99 24.91 42.63
N HIS E 175 -29.28 25.20 43.89
CA HIS E 175 -28.35 24.88 44.97
C HIS E 175 -28.14 23.37 45.14
N ALA E 176 -29.02 22.59 44.52
CA ALA E 176 -28.97 21.13 44.65
C ALA E 176 -28.67 20.43 43.32
N ILE E 177 -28.60 21.20 42.24
CA ILE E 177 -28.26 20.64 40.94
C ILE E 177 -26.77 20.33 40.88
N LEU E 178 -26.43 19.13 40.44
CA LEU E 178 -25.03 18.72 40.29
C LEU E 178 -24.74 18.26 38.86
N ARG E 179 -23.76 18.91 38.25
CA ARG E 179 -23.33 18.58 36.90
C ARG E 179 -22.16 17.61 36.95
N LEU E 180 -22.19 16.61 36.06
CA LEU E 180 -21.12 15.63 35.95
C LEU E 180 -20.68 15.50 34.51
N ASP E 181 -19.41 15.83 34.25
CA ASP E 181 -18.86 15.75 32.90
C ASP E 181 -18.53 14.31 32.53
N LEU E 182 -19.57 13.49 32.42
CA LEU E 182 -19.44 12.07 32.10
C LEU E 182 -20.76 11.60 31.53
N ALA E 183 -20.75 11.19 30.27
CA ALA E 183 -21.97 10.79 29.59
C ALA E 183 -21.66 9.78 28.48
N GLY E 184 -22.59 9.64 27.53
CA GLY E 184 -22.48 8.63 26.49
C GLY E 184 -21.21 8.73 25.65
N ARG E 185 -20.78 9.96 25.37
CA ARG E 185 -19.58 10.18 24.58
C ARG E 185 -18.36 9.56 25.26
N ASP E 186 -18.26 9.76 26.57
CA ASP E 186 -17.15 9.23 27.34
C ASP E 186 -17.21 7.71 27.38
N LEU E 187 -18.42 7.16 27.29
CA LEU E 187 -18.60 5.71 27.35
C LEU E 187 -18.23 5.06 26.02
N THR E 188 -18.57 5.71 24.92
CA THR E 188 -18.17 5.23 23.59
C THR E 188 -16.66 5.11 23.53
N ASP E 189 -15.97 6.18 23.94
CA ASP E 189 -14.51 6.19 23.99
C ASP E 189 -13.99 5.08 24.87
N TYR E 190 -14.64 4.85 26.00
CA TYR E 190 -14.19 3.85 26.95
C TYR E 190 -14.38 2.44 26.37
N LEU E 191 -15.51 2.22 25.71
CA LEU E 191 -15.76 0.93 25.07
C LEU E 191 -14.76 0.72 23.95
N MET E 192 -14.53 1.78 23.18
CA MET E 192 -13.56 1.76 22.09
C MET E 192 -12.18 1.36 22.61
N LYS E 193 -11.87 1.76 23.84
CA LYS E 193 -10.56 1.53 24.42
C LYS E 193 -10.40 0.09 24.92
N ILE E 194 -11.40 -0.40 25.63
CA ILE E 194 -11.32 -1.74 26.22
C ILE E 194 -11.47 -2.83 25.17
N LEU E 195 -11.99 -2.47 23.99
CA LEU E 195 -12.08 -3.42 22.89
C LEU E 195 -10.68 -3.77 22.38
N THR E 196 -9.73 -2.87 22.59
CA THR E 196 -8.35 -3.12 22.17
C THR E 196 -7.68 -4.14 23.08
N GLU E 197 -8.18 -4.26 24.30
CA GLU E 197 -7.70 -5.29 25.22
C GLU E 197 -7.96 -6.66 24.62
N ARG E 198 -9.06 -6.76 23.88
CA ARG E 198 -9.51 -8.02 23.33
C ARG E 198 -8.82 -8.34 22.00
N GLY E 199 -8.14 -7.35 21.43
CA GLY E 199 -7.36 -7.53 20.22
C GLY E 199 -7.81 -6.63 19.08
N TYR E 200 -9.06 -6.17 19.13
CA TYR E 200 -9.62 -5.37 18.05
C TYR E 200 -8.97 -3.99 18.03
N SER E 201 -9.23 -3.23 16.97
CA SER E 201 -8.61 -1.91 16.81
C SER E 201 -9.59 -0.90 16.23
N PHE E 202 -10.02 0.03 17.08
CA PHE E 202 -10.93 1.09 16.67
C PHE E 202 -10.30 2.44 16.97
N THR E 203 -9.28 2.78 16.19
CA THR E 203 -8.56 4.05 16.37
C THR E 203 -9.07 5.09 15.38
N THR E 204 -9.52 4.61 14.23
CA THR E 204 -10.00 5.50 13.16
C THR E 204 -11.27 6.24 13.60
N THR E 205 -11.50 7.40 13.02
CA THR E 205 -12.67 8.21 13.34
C THR E 205 -13.95 7.56 12.81
N ALA E 206 -13.87 6.98 11.62
CA ALA E 206 -15.02 6.32 11.02
C ALA E 206 -15.42 5.08 11.81
N GLU E 207 -14.45 4.48 12.48
CA GLU E 207 -14.68 3.26 13.26
C GLU E 207 -15.35 3.58 14.59
N ARG E 208 -15.45 4.87 14.93
CA ARG E 208 -16.09 5.29 16.17
C ARG E 208 -17.59 5.07 16.13
N GLU E 209 -18.22 5.52 15.05
CA GLU E 209 -19.66 5.41 14.88
C GLU E 209 -20.11 3.95 14.96
N ILE E 210 -19.18 3.03 14.73
CA ILE E 210 -19.47 1.61 14.85
C ILE E 210 -19.50 1.21 16.32
N VAL E 211 -18.47 1.61 17.07
CA VAL E 211 -18.39 1.30 18.48
C VAL E 211 -19.56 1.90 19.24
N ARG E 212 -20.01 3.08 18.81
CA ARG E 212 -21.18 3.71 19.41
C ARG E 212 -22.38 2.81 19.22
N ASP E 213 -22.55 2.28 18.01
CA ASP E 213 -23.67 1.41 17.70
C ASP E 213 -23.58 0.12 18.52
N ILE E 214 -22.38 -0.41 18.66
CA ILE E 214 -22.17 -1.62 19.46
C ILE E 214 -22.60 -1.36 20.91
N LYS E 215 -22.24 -0.19 21.41
CA LYS E 215 -22.59 0.23 22.75
C LYS E 215 -24.11 0.24 22.94
N GLU E 216 -24.80 0.82 21.97
CA GLU E 216 -26.26 0.98 22.06
C GLU E 216 -27.03 -0.32 21.84
N LYS E 217 -26.34 -1.36 21.39
CA LYS E 217 -26.99 -2.61 21.01
C LYS E 217 -26.66 -3.78 21.95
N LEU E 218 -25.49 -3.74 22.57
CA LEU E 218 -24.98 -4.92 23.29
C LEU E 218 -24.60 -4.66 24.74
N CYS E 219 -24.58 -3.40 25.16
CA CYS E 219 -24.21 -3.08 26.54
C CYS E 219 -25.41 -3.13 27.47
N TYR E 220 -25.13 -3.40 28.74
CA TYR E 220 -26.16 -3.40 29.78
C TYR E 220 -25.51 -3.17 31.14
N VAL E 221 -26.30 -2.71 32.11
CA VAL E 221 -25.79 -2.46 33.45
C VAL E 221 -25.96 -3.72 34.31
N ALA E 222 -24.86 -4.15 34.92
CA ALA E 222 -24.89 -5.31 35.80
C ALA E 222 -25.40 -4.89 37.17
N LEU E 223 -26.29 -5.70 37.75
CA LEU E 223 -26.86 -5.40 39.06
C LEU E 223 -25.78 -5.50 40.12
N ASP E 224 -25.06 -6.62 40.13
CA ASP E 224 -23.87 -6.80 40.96
C ASP E 224 -22.67 -6.95 40.03
N PHE E 225 -21.84 -5.93 39.99
CA PHE E 225 -20.73 -5.90 39.04
C PHE E 225 -19.71 -7.00 39.29
N GLU E 226 -19.23 -7.11 40.52
CA GLU E 226 -18.21 -8.09 40.87
C GLU E 226 -18.66 -9.52 40.56
N GLN E 227 -19.94 -9.80 40.79
CA GLN E 227 -20.50 -11.12 40.50
C GLN E 227 -20.59 -11.35 38.99
N GLU E 228 -20.81 -10.26 38.25
CA GLU E 228 -20.95 -10.35 36.80
C GLU E 228 -19.59 -10.59 36.16
N MET E 229 -18.55 -9.98 36.72
CA MET E 229 -17.19 -10.23 36.27
C MET E 229 -16.82 -11.68 36.53
N ALA E 230 -17.31 -12.21 37.65
CA ALA E 230 -17.05 -13.59 38.02
C ALA E 230 -17.76 -14.54 37.08
N THR E 231 -18.96 -14.17 36.65
CA THR E 231 -19.72 -14.99 35.70
C THR E 231 -19.08 -14.95 34.33
N ALA E 232 -18.67 -13.75 33.91
CA ALA E 232 -18.06 -13.56 32.60
C ALA E 232 -16.72 -14.27 32.48
N ALA E 233 -16.08 -14.51 33.62
CA ALA E 233 -14.75 -15.10 33.65
C ALA E 233 -14.79 -16.62 33.81
N SER E 234 -15.99 -17.19 33.90
CA SER E 234 -16.16 -18.62 34.13
C SER E 234 -17.01 -19.30 33.05
N SER E 235 -17.57 -18.50 32.15
CA SER E 235 -18.35 -19.03 31.04
C SER E 235 -18.52 -17.96 29.96
N SER E 236 -18.99 -18.38 28.79
CA SER E 236 -19.24 -17.47 27.69
C SER E 236 -20.73 -17.19 27.55
N SER E 237 -21.47 -17.43 28.63
CA SER E 237 -22.92 -17.25 28.64
C SER E 237 -23.33 -15.79 28.41
N LEU E 238 -22.42 -14.88 28.74
CA LEU E 238 -22.71 -13.45 28.62
C LEU E 238 -22.20 -12.86 27.31
N GLU E 239 -21.40 -13.62 26.56
CA GLU E 239 -20.79 -13.11 25.34
C GLU E 239 -21.80 -12.97 24.21
N LYS E 240 -21.62 -11.93 23.40
CA LYS E 240 -22.45 -11.70 22.22
C LYS E 240 -21.60 -11.25 21.05
N SER E 241 -22.06 -11.58 19.84
CA SER E 241 -21.30 -11.33 18.62
C SER E 241 -21.88 -10.16 17.83
N TYR E 242 -21.00 -9.39 17.19
CA TYR E 242 -21.40 -8.24 16.40
C TYR E 242 -20.69 -8.21 15.06
N GLU E 243 -21.45 -8.09 13.97
CA GLU E 243 -20.86 -8.05 12.64
C GLU E 243 -20.60 -6.61 12.20
N LEU E 244 -19.35 -6.31 11.88
CA LEU E 244 -18.96 -4.98 11.43
C LEU E 244 -19.48 -4.72 10.02
N PRO E 245 -19.40 -3.45 9.56
CA PRO E 245 -19.83 -3.13 8.19
C PRO E 245 -19.03 -3.85 7.10
N ASP E 246 -17.75 -4.11 7.35
CA ASP E 246 -16.91 -4.75 6.34
C ASP E 246 -17.11 -6.27 6.30
N GLY E 247 -18.02 -6.77 7.12
CA GLY E 247 -18.36 -8.19 7.14
C GLY E 247 -17.66 -8.96 8.24
N GLN E 248 -16.74 -8.31 8.94
CA GLN E 248 -16.01 -8.97 10.01
C GLN E 248 -16.92 -9.14 11.23
N VAL E 249 -16.51 -10.01 12.16
CA VAL E 249 -17.29 -10.27 13.37
C VAL E 249 -16.41 -10.24 14.61
N ILE E 250 -16.80 -9.40 15.57
CA ILE E 250 -16.10 -9.32 16.85
C ILE E 250 -17.01 -9.78 17.98
N THR E 251 -16.41 -10.39 19.00
CA THR E 251 -17.13 -10.88 20.16
C THR E 251 -16.68 -10.15 21.41
N ILE E 252 -17.65 -9.79 22.25
CA ILE E 252 -17.37 -9.14 23.53
C ILE E 252 -18.07 -9.88 24.66
N GLY E 253 -17.42 -9.94 25.82
CA GLY E 253 -17.97 -10.58 26.99
C GLY E 253 -18.27 -9.59 28.09
N ASN E 254 -17.36 -9.47 29.05
CA ASN E 254 -17.54 -8.55 30.16
C ASN E 254 -17.46 -7.09 29.74
N GLU E 255 -17.03 -6.84 28.52
CA GLU E 255 -16.99 -5.47 28.00
C GLU E 255 -18.40 -4.92 27.89
N ARG E 256 -19.39 -5.81 27.81
CA ARG E 256 -20.78 -5.41 27.67
C ARG E 256 -21.24 -4.51 28.82
N PHE E 257 -20.83 -4.84 30.03
CA PHE E 257 -21.29 -4.12 31.22
C PHE E 257 -20.21 -3.26 31.88
N ARG E 258 -18.95 -3.61 31.69
CA ARG E 258 -17.86 -2.78 32.19
C ARG E 258 -17.93 -1.38 31.57
N CYS E 259 -18.47 -1.29 30.36
CA CYS E 259 -18.59 -0.01 29.67
C CYS E 259 -19.54 0.93 30.41
N PRO E 260 -20.82 0.55 30.55
CA PRO E 260 -21.73 1.43 31.29
C PRO E 260 -21.39 1.52 32.78
N GLU E 261 -20.59 0.59 33.28
CA GLU E 261 -20.20 0.59 34.69
C GLU E 261 -19.45 1.86 35.06
N ALA E 262 -18.88 2.53 34.06
CA ALA E 262 -18.15 3.77 34.29
C ALA E 262 -19.07 4.86 34.81
N LEU E 263 -20.37 4.69 34.59
CA LEU E 263 -21.37 5.63 35.10
C LEU E 263 -21.39 5.59 36.63
N PHE E 264 -21.13 4.42 37.19
CA PHE E 264 -21.15 4.23 38.63
C PHE E 264 -19.74 4.25 39.23
N GLN E 265 -18.74 4.14 38.35
CA GLN E 265 -17.34 4.20 38.77
C GLN E 265 -16.51 4.99 37.76
N PRO E 266 -16.58 6.33 37.82
CA PRO E 266 -15.83 7.18 36.89
C PRO E 266 -14.31 7.00 36.95
N SER E 267 -13.82 6.23 37.93
CA SER E 267 -12.38 5.98 38.03
C SER E 267 -11.91 5.15 36.85
N PHE E 268 -12.81 4.36 36.28
CA PHE E 268 -12.52 3.56 35.09
C PHE E 268 -12.04 4.46 33.95
N LEU E 269 -12.55 5.69 33.92
CA LEU E 269 -12.18 6.65 32.88
C LEU E 269 -11.02 7.53 33.33
N GLY E 270 -10.53 7.30 34.54
CA GLY E 270 -9.45 8.09 35.08
C GLY E 270 -9.96 9.42 35.61
N MET E 271 -11.19 9.43 36.11
CA MET E 271 -11.78 10.61 36.71
C MET E 271 -11.89 10.44 38.22
N GLU E 272 -11.80 11.55 38.95
CA GLU E 272 -11.93 11.53 40.40
C GLU E 272 -13.38 11.72 40.83
N ALA E 273 -14.27 11.89 39.86
CA ALA E 273 -15.69 12.10 40.13
C ALA E 273 -16.32 10.86 40.75
N CYS E 274 -17.53 11.02 41.27
CA CYS E 274 -18.29 9.90 41.84
C CYS E 274 -19.45 9.54 40.93
N GLY E 275 -19.86 8.27 40.99
CA GLY E 275 -20.88 7.75 40.09
C GLY E 275 -22.21 8.45 40.15
N ILE E 276 -23.04 8.19 39.15
CA ILE E 276 -24.37 8.79 39.04
C ILE E 276 -25.25 8.49 40.25
N HIS E 277 -25.02 7.36 40.90
CA HIS E 277 -25.79 6.97 42.07
C HIS E 277 -25.48 7.88 43.26
N GLU E 278 -24.21 8.21 43.44
CA GLU E 278 -23.81 9.12 44.52
C GLU E 278 -24.16 10.56 44.18
N THR E 279 -24.08 10.91 42.90
CA THR E 279 -24.38 12.27 42.45
C THR E 279 -25.87 12.58 42.66
N THR E 280 -26.70 11.57 42.42
CA THR E 280 -28.14 11.71 42.64
C THR E 280 -28.42 11.91 44.12
N TYR E 281 -27.77 11.09 44.95
CA TYR E 281 -27.91 11.17 46.39
C TYR E 281 -27.46 12.53 46.92
N ASN E 282 -26.29 12.99 46.46
CA ASN E 282 -25.76 14.27 46.89
C ASN E 282 -26.70 15.43 46.58
N SER E 283 -27.36 15.36 45.42
CA SER E 283 -28.32 16.40 45.04
C SER E 283 -29.54 16.38 45.96
N ILE E 284 -29.92 15.19 46.42
CA ILE E 284 -31.05 15.05 47.33
C ILE E 284 -30.71 15.66 48.69
N MET E 285 -29.50 15.38 49.17
CA MET E 285 -29.07 15.88 50.47
C MET E 285 -28.83 17.39 50.44
N LYS E 286 -28.73 17.96 49.24
CA LYS E 286 -28.59 19.39 49.08
C LYS E 286 -29.95 20.09 49.10
N CYS E 287 -31.01 19.32 49.35
CA CYS E 287 -32.36 19.86 49.46
C CYS E 287 -32.83 19.82 50.91
N ALA E 288 -33.86 20.60 51.21
CA ALA E 288 -34.46 20.61 52.53
C ALA E 288 -34.97 19.21 52.87
N ALA E 289 -34.73 18.77 54.09
CA ALA E 289 -35.10 17.42 54.53
C ALA E 289 -36.58 17.13 54.29
N ALA E 290 -37.40 18.18 54.32
CA ALA E 290 -38.84 18.04 54.20
C ALA E 290 -39.26 17.40 52.87
N ILE E 291 -38.58 17.77 51.79
CA ILE E 291 -38.99 17.34 50.45
C ILE E 291 -38.25 16.10 49.95
N ARG E 292 -37.24 15.66 50.68
CA ARG E 292 -36.39 14.56 50.24
C ARG E 292 -37.14 13.26 49.98
N LYS E 293 -38.12 12.95 50.81
CA LYS E 293 -38.88 11.71 50.66
C LYS E 293 -39.58 11.66 49.31
N ASP E 294 -40.05 12.82 48.85
CA ASP E 294 -40.71 12.91 47.55
C ASP E 294 -39.71 12.67 46.42
N LEU E 295 -38.51 13.22 46.57
CA LEU E 295 -37.46 13.07 45.56
C LEU E 295 -37.02 11.61 45.49
N TYR E 296 -36.90 10.96 46.64
CA TYR E 296 -36.55 9.55 46.68
C TYR E 296 -37.64 8.69 46.02
N ALA E 297 -38.89 9.11 46.18
CA ALA E 297 -40.02 8.35 45.66
C ALA E 297 -40.35 8.73 44.21
N ASN E 298 -39.59 9.68 43.66
CA ASN E 298 -39.83 10.13 42.29
C ASN E 298 -38.51 10.46 41.58
N THR E 299 -37.63 9.46 41.51
CA THR E 299 -36.39 9.59 40.75
C THR E 299 -36.62 9.13 39.32
N VAL E 300 -36.60 10.10 38.39
CA VAL E 300 -36.85 9.81 36.99
C VAL E 300 -35.56 9.80 36.19
N LEU E 301 -35.40 8.80 35.33
CA LEU E 301 -34.23 8.72 34.45
C LEU E 301 -34.53 9.37 33.11
N SER E 302 -33.54 10.10 32.59
CA SER E 302 -33.69 10.85 31.36
C SER E 302 -32.42 10.77 30.53
N GLY E 303 -32.57 10.82 29.21
CA GLY E 303 -31.44 10.85 28.30
C GLY E 303 -31.08 9.49 27.72
N GLY E 304 -30.46 9.52 26.55
CA GLY E 304 -30.13 8.30 25.83
C GLY E 304 -29.19 7.39 26.58
N THR E 305 -28.40 7.97 27.49
CA THR E 305 -27.41 7.20 28.24
C THR E 305 -28.07 6.40 29.39
N THR E 306 -29.34 6.69 29.68
CA THR E 306 -30.06 5.95 30.71
C THR E 306 -30.89 4.82 30.08
N MET E 307 -30.59 4.47 28.83
CA MET E 307 -31.34 3.46 28.11
C MET E 307 -30.84 2.05 28.35
N TYR E 308 -29.64 1.92 28.93
CA TYR E 308 -29.04 0.61 29.16
C TYR E 308 -29.98 -0.30 29.95
N PRO E 309 -30.15 -1.56 29.50
CA PRO E 309 -30.96 -2.48 30.31
C PRO E 309 -30.37 -2.68 31.69
N GLY E 310 -31.23 -2.86 32.69
CA GLY E 310 -30.78 -3.13 34.05
C GLY E 310 -30.18 -1.93 34.77
N ILE E 311 -30.39 -0.73 34.24
CA ILE E 311 -29.86 0.47 34.87
C ILE E 311 -30.76 0.95 36.02
N ALA E 312 -32.06 0.75 35.87
CA ALA E 312 -33.02 1.17 36.89
C ALA E 312 -32.88 0.32 38.15
N ASP E 313 -32.85 -0.99 37.97
CA ASP E 313 -32.67 -1.91 39.09
C ASP E 313 -31.38 -1.59 39.84
N ARG E 314 -30.34 -1.26 39.10
CA ARG E 314 -29.06 -0.90 39.70
C ARG E 314 -29.19 0.38 40.52
N MET E 315 -29.79 1.40 39.91
CA MET E 315 -30.01 2.67 40.59
C MET E 315 -30.83 2.48 41.86
N GLN E 316 -31.88 1.66 41.74
CA GLN E 316 -32.72 1.30 42.88
C GLN E 316 -31.85 0.70 43.99
N LYS E 317 -30.96 -0.21 43.61
CA LYS E 317 -30.08 -0.88 44.56
C LYS E 317 -29.09 0.08 45.22
N GLU E 318 -28.47 0.93 44.41
CA GLU E 318 -27.40 1.80 44.89
C GLU E 318 -27.92 2.94 45.76
N ILE E 319 -29.05 3.51 45.38
CA ILE E 319 -29.65 4.60 46.14
C ILE E 319 -30.26 4.09 47.45
N THR E 320 -30.74 2.85 47.44
CA THR E 320 -31.23 2.22 48.66
C THR E 320 -30.07 2.01 49.62
N ALA E 321 -28.91 1.68 49.07
CA ALA E 321 -27.72 1.43 49.86
C ALA E 321 -27.20 2.70 50.52
N LEU E 322 -27.55 3.85 49.95
CA LEU E 322 -27.09 5.14 50.45
C LEU E 322 -28.13 5.81 51.35
N ALA E 323 -29.40 5.60 51.04
CA ALA E 323 -30.49 6.29 51.73
C ALA E 323 -30.69 5.73 53.14
N PRO E 324 -31.42 6.46 53.99
CA PRO E 324 -31.79 5.92 55.31
C PRO E 324 -32.62 4.66 55.16
N SER E 325 -32.51 3.74 56.12
CA SER E 325 -33.14 2.43 56.02
C SER E 325 -34.65 2.51 55.75
N THR E 326 -35.31 3.47 56.37
CA THR E 326 -36.76 3.60 56.26
C THR E 326 -37.20 4.17 54.92
N MET E 327 -36.31 4.91 54.27
CA MET E 327 -36.67 5.71 53.10
C MET E 327 -37.27 4.87 51.96
N LYS E 328 -38.28 5.43 51.31
CA LYS E 328 -38.94 4.79 50.18
C LYS E 328 -38.34 5.23 48.86
N ILE E 329 -37.81 4.28 48.10
CA ILE E 329 -37.15 4.58 46.83
C ILE E 329 -37.92 3.97 45.65
N LYS E 330 -38.06 4.75 44.59
CA LYS E 330 -38.58 4.23 43.32
C LYS E 330 -37.94 4.94 42.14
N ILE E 331 -37.32 4.15 41.26
CA ILE E 331 -36.71 4.66 40.04
C ILE E 331 -37.66 4.48 38.87
N ILE E 332 -38.04 5.59 38.23
CA ILE E 332 -38.91 5.57 37.07
C ILE E 332 -38.08 5.69 35.80
N ALA E 333 -38.22 4.70 34.92
CA ALA E 333 -37.46 4.66 33.66
C ALA E 333 -38.43 4.57 32.48
N PRO E 334 -38.95 5.72 32.03
CA PRO E 334 -39.89 5.74 30.90
C PRO E 334 -39.30 5.07 29.65
N PRO E 335 -40.08 4.22 28.97
CA PRO E 335 -39.57 3.63 27.73
C PRO E 335 -39.23 4.68 26.68
N GLU E 336 -39.83 5.86 26.81
CA GLU E 336 -39.63 6.94 25.84
C GLU E 336 -38.63 7.98 26.35
N ARG E 337 -37.78 7.58 27.30
CA ARG E 337 -36.92 8.53 27.99
C ARG E 337 -35.73 9.02 27.16
N LYS E 338 -35.57 8.51 25.96
CA LYS E 338 -34.51 8.98 25.07
C LYS E 338 -34.84 10.39 24.57
N TYR E 339 -36.13 10.68 24.47
CA TYR E 339 -36.59 11.97 23.95
C TYR E 339 -37.58 12.65 24.92
N SER E 340 -37.47 12.32 26.20
CA SER E 340 -38.40 12.85 27.20
C SER E 340 -38.28 14.38 27.33
N VAL E 341 -37.10 14.91 27.03
CA VAL E 341 -36.91 16.36 27.03
C VAL E 341 -37.80 16.99 25.97
N TRP E 342 -37.67 16.51 24.74
CA TRP E 342 -38.44 17.05 23.63
C TRP E 342 -39.93 16.81 23.80
N ILE E 343 -40.29 15.59 24.20
CA ILE E 343 -41.68 15.23 24.44
C ILE E 343 -42.30 16.18 25.46
N GLY E 344 -41.54 16.44 26.53
CA GLY E 344 -41.96 17.39 27.54
C GLY E 344 -42.23 18.75 26.93
N GLY E 345 -41.31 19.20 26.08
CA GLY E 345 -41.45 20.48 25.40
C GLY E 345 -42.65 20.50 24.47
N SER E 346 -42.94 19.38 23.84
CA SER E 346 -44.07 19.27 22.93
C SER E 346 -45.38 19.36 23.70
N ILE E 347 -45.45 18.71 24.85
CA ILE E 347 -46.64 18.73 25.68
C ILE E 347 -46.86 20.13 26.24
N LEU E 348 -45.77 20.77 26.68
CA LEU E 348 -45.85 22.09 27.28
C LEU E 348 -46.22 23.16 26.25
N ALA E 349 -45.76 22.98 25.02
CA ALA E 349 -45.99 23.96 23.96
C ALA E 349 -47.32 23.72 23.25
N SER E 350 -48.06 22.70 23.69
CA SER E 350 -49.34 22.36 23.08
C SER E 350 -50.51 22.76 23.99
N LEU E 351 -50.19 23.20 25.20
CA LEU E 351 -51.21 23.62 26.15
C LEU E 351 -51.88 24.92 25.71
N SER E 352 -53.16 25.03 25.98
CA SER E 352 -53.91 26.23 25.66
C SER E 352 -53.64 27.32 26.70
N THR E 353 -53.20 26.91 27.88
CA THR E 353 -52.94 27.83 28.98
C THR E 353 -51.48 28.32 28.97
N PHE E 354 -50.72 27.89 27.98
CA PHE E 354 -49.30 28.24 27.88
C PHE E 354 -49.07 29.37 26.88
N GLN E 355 -50.03 29.58 25.99
CA GLN E 355 -49.88 30.59 24.93
C GLN E 355 -49.75 32.00 25.49
N GLN E 356 -50.05 32.17 26.77
CA GLN E 356 -49.99 33.48 27.41
C GLN E 356 -48.64 33.74 28.07
N MET E 357 -47.86 32.69 28.26
CA MET E 357 -46.57 32.81 28.95
C MET E 357 -45.40 32.92 27.99
N TRP E 358 -45.68 33.13 26.71
CA TRP E 358 -44.63 33.35 25.72
C TRP E 358 -43.97 34.70 25.93
N ILE E 359 -42.84 34.91 25.26
CA ILE E 359 -42.19 36.22 25.22
C ILE E 359 -42.37 36.83 23.83
N SER E 360 -43.41 37.65 23.67
CA SER E 360 -43.72 38.25 22.39
C SER E 360 -42.60 39.17 21.91
N LYS E 361 -42.66 39.56 20.64
CA LYS E 361 -41.64 40.43 20.06
C LYS E 361 -41.53 41.76 20.78
N GLN E 362 -42.68 42.40 21.00
CA GLN E 362 -42.74 43.71 21.63
C GLN E 362 -42.05 43.69 22.99
N GLU E 363 -42.23 42.60 23.72
CA GLU E 363 -41.67 42.48 25.06
C GLU E 363 -40.14 42.48 25.03
N TYR E 364 -39.55 41.79 24.06
CA TYR E 364 -38.10 41.80 23.91
C TYR E 364 -37.61 43.15 23.41
N ASP E 365 -38.37 43.74 22.51
CA ASP E 365 -37.99 45.00 21.88
C ASP E 365 -37.84 46.12 22.90
N GLU E 366 -38.52 45.98 24.04
CA GLU E 366 -38.58 47.04 25.05
C GLU E 366 -37.87 46.68 26.35
N SER E 367 -37.91 45.40 26.72
CA SER E 367 -37.34 44.95 27.98
C SER E 367 -35.92 44.42 27.82
N GLY E 368 -35.55 44.08 26.60
CA GLY E 368 -34.21 43.59 26.31
C GLY E 368 -34.06 42.12 26.62
N PRO E 369 -32.85 41.57 26.43
CA PRO E 369 -32.56 40.15 26.67
C PRO E 369 -32.83 39.72 28.11
N SER E 370 -32.65 40.63 29.05
CA SER E 370 -32.78 40.31 30.47
C SER E 370 -34.18 39.88 30.88
N ILE E 371 -35.16 40.12 30.00
CA ILE E 371 -36.55 39.76 30.29
C ILE E 371 -36.70 38.26 30.52
N VAL E 372 -35.82 37.47 29.91
CA VAL E 372 -35.91 36.02 29.95
C VAL E 372 -35.88 35.50 31.39
N HIS E 373 -35.14 36.20 32.25
CA HIS E 373 -35.00 35.79 33.63
C HIS E 373 -36.30 35.99 34.41
N ARG E 374 -37.16 36.86 33.91
CA ARG E 374 -38.40 37.21 34.60
C ARG E 374 -39.63 36.51 34.03
N LYS E 375 -39.50 35.97 32.81
CA LYS E 375 -40.61 35.29 32.15
C LYS E 375 -40.40 33.78 32.06
N CYS E 376 -39.16 33.34 32.27
CA CYS E 376 -38.83 31.92 32.24
C CYS E 376 -38.36 31.45 33.61
PG ATP F . 0.91 3.60 -22.82
O1G ATP F . 0.55 2.48 -21.89
O2G ATP F . -0.13 4.70 -22.91
O3G ATP F . 2.32 4.11 -22.66
PB ATP F . -0.17 3.38 -25.42
O1B ATP F . -0.93 4.57 -24.90
O2B ATP F . 0.56 3.47 -26.74
O3B ATP F . 0.90 2.92 -24.29
PA ATP F . -2.50 2.14 -26.39
O1A ATP F . -3.66 2.48 -25.48
O2A ATP F . -2.25 2.99 -27.60
O3A ATP F . -1.17 2.11 -25.48
O5' ATP F . -2.67 0.60 -26.83
C5' ATP F . -1.67 -0.11 -27.56
C4' ATP F . -1.61 -1.54 -27.02
O4' ATP F . -2.93 -2.03 -26.84
C3' ATP F . -0.88 -2.50 -27.94
O3' ATP F . 0.14 -3.18 -27.19
C2' ATP F . -1.94 -3.48 -28.43
O2' ATP F . -1.45 -4.82 -28.50
C1' ATP F . -3.06 -3.34 -27.40
N9 ATP F . -4.41 -3.47 -28.01
C8 ATP F . -4.99 -2.59 -28.83
N7 ATP F . -6.22 -3.01 -29.19
C5 ATP F . -6.45 -4.19 -28.58
C6 ATP F . -7.55 -5.18 -28.55
N6 ATP F . -8.70 -4.98 -29.24
N1 ATP F . -7.37 -6.29 -27.80
C2 ATP F . -6.24 -6.51 -27.10
N3 ATP F . -5.20 -5.65 -27.09
C4 ATP F . -5.24 -4.49 -27.80
H5'1 ATP F . -0.70 0.38 -27.44
H5'2 ATP F . -1.92 -0.12 -28.62
H4' ATP F . -1.09 -1.51 -26.05
H3' ATP F . -0.45 -1.97 -28.79
HO3' ATP F . 0.60 -3.80 -27.77
H2' ATP F . -2.30 -3.15 -29.40
HO2' ATP F . -0.73 -4.87 -29.13
H1' ATP F . -2.92 -4.10 -26.61
H8 ATP F . -4.53 -1.66 -29.16
HN61 ATP F . -8.81 -4.15 -29.80
HN62 ATP F . -9.44 -5.67 -29.20
H2 ATP F . -6.16 -7.41 -26.51
CA CA G . -2.08 5.94 -23.48
PG ATP H . 8.15 0.79 16.72
O1G ATP H . 7.45 1.96 16.07
O2G ATP H . 8.80 1.11 18.04
O3G ATP H . 7.36 -0.50 16.71
PB ATP H . 10.91 0.48 16.30
O1B ATP H . 10.84 0.29 17.80
O2B ATP H . 11.71 -0.48 15.45
O3B ATP H . 9.40 0.50 15.74
PA ATP H . 12.92 2.46 16.29
O1A ATP H . 12.87 3.54 17.34
O2A ATP H . 13.78 1.24 16.51
O3A ATP H . 11.41 1.98 16.00
O5' ATP H . 13.35 3.16 14.90
C5' ATP H . 13.20 2.50 13.64
C4' ATP H . 12.79 3.55 12.62
O4' ATP H . 13.49 4.77 12.90
C3' ATP H . 13.11 3.15 11.18
O3' ATP H . 11.93 3.21 10.38
C2' ATP H . 14.15 4.16 10.72
O2' ATP H . 13.90 4.61 9.38
C1' ATP H . 14.06 5.30 11.71
N9 ATP H . 15.39 5.90 11.98
C8 ATP H . 16.43 5.28 12.58
N7 ATP H . 17.50 6.11 12.67
C5 ATP H . 17.15 7.29 12.12
C6 ATP H . 17.79 8.61 11.90
N6 ATP H . 19.08 8.83 12.28
N1 ATP H . 17.07 9.58 11.29
C2 ATP H . 15.79 9.37 10.91
N3 ATP H . 15.14 8.20 11.09
C4 ATP H . 15.75 7.15 11.67
H5'1 ATP H . 14.14 2.04 13.35
H5'2 ATP H . 12.43 1.73 13.71
H4' ATP H . 11.70 3.72 12.71
H3' ATP H . 13.55 2.14 11.18
HO3' ATP H . 12.15 2.96 9.47
H2' ATP H . 15.15 3.70 10.78
HO2' ATP H . 13.95 3.85 8.77
H1' ATP H . 13.38 6.08 11.30
H8 ATP H . 16.43 4.25 12.93
HN61 ATP H . 19.60 8.10 12.72
HN62 ATP H . 19.51 9.73 12.11
H2 ATP H . 15.25 10.19 10.43
CA CA I . 10.16 0.76 20.17
PG ATP J . -28.16 16.24 26.75
O1G ATP J . -27.53 15.98 28.10
O2G ATP J . -29.48 15.54 26.57
O3G ATP J . -28.17 17.69 26.33
PB ATP J . -27.63 14.78 24.36
O1B ATP J . -28.93 15.40 23.90
O2B ATP J . -26.45 14.74 23.42
O3B ATP J . -27.13 15.53 25.71
PA ATP J . -29.03 12.33 24.19
O1A ATP J . -30.15 12.12 25.20
O2A ATP J . -29.38 12.87 22.84
O3A ATP J . -27.92 13.28 24.89
O5' ATP J . -28.27 10.92 24.04
C5' ATP J . -27.10 10.77 23.24
C4' ATP J . -26.25 9.63 23.81
O4' ATP J . -27.10 8.55 24.22
C3' ATP J . -25.26 9.06 22.80
O3' ATP J . -23.94 9.11 23.36
C2' ATP J . -25.70 7.62 22.57
O2' ATP J . -24.60 6.72 22.43
C1' ATP J . -26.54 7.30 23.79
N9 ATP J . -27.63 6.33 23.52
C8 ATP J . -28.72 6.54 22.76
N7 ATP J . -29.50 5.43 22.75
C5 ATP J . -28.93 4.50 23.52
C6 ATP J . -29.22 3.11 23.93
N6 ATP J . -30.34 2.47 23.51
N1 ATP J . -28.34 2.50 24.75
C2 ATP J . -27.23 3.10 25.18
N3 ATP J . -26.89 4.36 24.84
C4 ATP J . -27.68 5.10 24.03
H5'1 ATP J . -27.38 10.54 22.21
H5'2 ATP J . -26.52 11.69 23.25
H4' ATP J . -25.70 10.01 24.67
H3' ATP J . -25.31 9.63 21.87
HO3' ATP J . -23.31 8.75 22.72
H2' ATP J . -26.34 7.59 21.68
HO2' ATP J . -24.07 6.98 21.66
H1' ATP J . -25.88 6.91 24.58
H8 ATP J . -28.93 7.46 22.23
HN61 ATP J . -30.52 1.53 23.80
HN62 ATP J . -30.99 2.95 22.89
H2 ATP J . -26.56 2.56 25.84
CA CA K . -30.66 17.32 25.76
#